data_7FXI
# 
_entry.id   7FXI 
# 
_audit_conform.dict_name       mmcif_pdbx.dic 
_audit_conform.dict_version    5.404 
_audit_conform.dict_location   http://mmcif.pdb.org/dictionaries/ascii/mmcif_pdbx.dic 
# 
loop_
_database_2.database_id 
_database_2.database_code 
_database_2.pdbx_database_accession 
_database_2.pdbx_DOI 
PDB   7FXI         pdb_00007fxi 10.2210/pdb7fxi/pdb 
WWPDB D_1001405471 ?            ?                   
# 
loop_
_pdbx_audit_revision_history.ordinal 
_pdbx_audit_revision_history.data_content_type 
_pdbx_audit_revision_history.major_revision 
_pdbx_audit_revision_history.minor_revision 
_pdbx_audit_revision_history.revision_date 
_pdbx_audit_revision_history.part_number 
1 'Structure model' 1 0 2023-06-14 ? 
2 'Structure model' 1 1 2024-04-03 ? 
3 'Structure model' 1 2 2024-11-20 ? 
4 'Structure model' 1 3 2025-08-13 ? 
# 
_pdbx_audit_revision_details.ordinal             1 
_pdbx_audit_revision_details.revision_ordinal    1 
_pdbx_audit_revision_details.data_content_type   'Structure model' 
_pdbx_audit_revision_details.provider            repository 
_pdbx_audit_revision_details.type                'Initial release' 
_pdbx_audit_revision_details.description         ? 
_pdbx_audit_revision_details.details             ? 
# 
loop_
_pdbx_audit_revision_group.ordinal 
_pdbx_audit_revision_group.revision_ordinal 
_pdbx_audit_revision_group.data_content_type 
_pdbx_audit_revision_group.group 
1 2 'Structure model' 'Data collection'        
2 2 'Structure model' 'Refinement description' 
3 3 'Structure model' 'Structure summary'      
4 4 'Structure model' 'Database references'    
# 
loop_
_pdbx_audit_revision_category.ordinal 
_pdbx_audit_revision_category.revision_ordinal 
_pdbx_audit_revision_category.data_content_type 
_pdbx_audit_revision_category.category 
1 2 'Structure model' chem_comp_atom                
2 2 'Structure model' chem_comp_bond                
3 2 'Structure model' pdbx_initial_refinement_model 
4 3 'Structure model' pdbx_entry_details            
5 3 'Structure model' struct                        
6 4 'Structure model' citation                      
7 4 'Structure model' citation_author               
# 
loop_
_pdbx_audit_revision_item.ordinal 
_pdbx_audit_revision_item.revision_ordinal 
_pdbx_audit_revision_item.data_content_type 
_pdbx_audit_revision_item.item 
1  3 'Structure model' '_pdbx_entry_details.has_protein_modification' 
2  3 'Structure model' '_struct.title'                                
3  4 'Structure model' '_citation.journal_abbrev'                     
4  4 'Structure model' '_citation.journal_id_CSD'                     
5  4 'Structure model' '_citation.journal_id_ISSN'                    
6  4 'Structure model' '_citation.journal_volume'                     
7  4 'Structure model' '_citation.page_first'                         
8  4 'Structure model' '_citation.page_last'                          
9  4 'Structure model' '_citation.pdbx_database_id_DOI'               
10 4 'Structure model' '_citation.pdbx_database_id_PubMed'            
11 4 'Structure model' '_citation.title'                              
12 4 'Structure model' '_citation.year'                               
# 
_pdbx_database_status.entry_id                        7FXI 
_pdbx_database_status.status_code                     REL 
_pdbx_database_status.status_code_sf                  REL 
_pdbx_database_status.status_code_mr                  ? 
_pdbx_database_status.status_code_cs                  ? 
_pdbx_database_status.recvd_initial_deposition_date   2023-04-27 
_pdbx_database_status.status_code_nmr_data            ? 
_pdbx_database_status.deposit_site                    RCSB 
_pdbx_database_status.process_site                    RCSB 
_pdbx_database_status.SG_entry                        ? 
_pdbx_database_status.pdb_format_compatible           Y 
_pdbx_database_status.methods_development_category    ? 
# 
_pdbx_contact_author.id                 1 
_pdbx_contact_author.name_first         Markus 
_pdbx_contact_author.name_last          Rudolph 
_pdbx_contact_author.name_mi            G. 
_pdbx_contact_author.role               'principal investigator/group leader' 
_pdbx_contact_author.email              Markus.Rudolph@roche.com 
_pdbx_contact_author.identifier_ORCID   0000-0003-0447-1101 
# 
loop_
_audit_author.pdbx_ordinal 
_audit_author.name 
1 'Ehler, A.'       
2 'Benz, J.'        
3 'Obst, U.'        
4 'Obst-Sander, U.' 
5 'Rudolph, M.G.'   
# 
_citation.id                        primary 
_citation.journal_abbrev            'Acta Crystallogr D Struct Biol' 
_citation.title                     
'A high-resolution data set of fatty acid-binding protein structures. III. Unexpectedly high occurrence of wrong ligands.' 
_citation.year                      2025 
_citation.journal_volume            81 
_citation.page_first                451 
_citation.page_last                 464 
_citation.journal_id_ASTM           ? 
_citation.country                   ? 
_citation.journal_id_ISSN           2059-7983 
_citation.journal_id_CSD            ? 
_citation.book_publisher            ? 
_citation.pdbx_database_id_PubMed   40748031 
_citation.pdbx_database_id_DOI      10.1107/S2059798325006096 
# 
loop_
_citation_author.citation_id 
_citation_author.name 
_citation_author.ordinal 
_citation_author.identifier_ORCID 
primary 'Ehler, A.'     1 ?                   
primary 'Bartelmus, C.' 2 0000-0002-1527-4325 
primary 'Benz, J.'      3 ?                   
primary 'Plitzko, I.'   4 ?                   
primary 'Rudolph, M.G.' 5 0000-0003-0447-1101 
# 
loop_
_entity.id 
_entity.type 
_entity.src_method 
_entity.pdbx_description 
_entity.formula_weight 
_entity.pdbx_number_of_molecules 
_entity.pdbx_ec 
_entity.pdbx_mutation 
_entity.pdbx_fragment 
_entity.details 
1 polymer     man 'Fatty acid-binding protein, adipocyte'                                                  15022.176 1  ? ? ? ? 
2 non-polymer syn 'SULFATE ION'                                                                            96.063    2  ? ? ? ? 
3 non-polymer syn 
;(1S,3R)-3-[([1,1'-biphenyl]-2-yl)carbamoyl]-2,2-dimethylcyclopropane-1-carboxylic acid
;
309.359   1  ? ? ? ? 
4 non-polymer syn 'CHLORIDE ION'                                                                           35.453    2  ? ? ? ? 
5 water       nat water                                                                                    18.015    89 ? ? ? ? 
# 
_entity_name_com.entity_id   1 
_entity_name_com.name        
'Adipocyte lipid-binding protein,ALBP,Adipocyte-type fatty acid-binding protein,A-FABP,AFABP,Fatty acid-binding protein 4' 
# 
_entity_poly.entity_id                      1 
_entity_poly.type                           'polypeptide(L)' 
_entity_poly.nstd_linkage                   no 
_entity_poly.nstd_monomer                   no 
_entity_poly.pdbx_seq_one_letter_code       
;GSHMCDAFVGTWKLVSSENFDDYMKEVGVGFATRKVAGMAKPNMIISVNGDVITIKSESTFKNTEISFILGQEFDEVTAD
DRKVKSTITLDGGVLVHVQKWDGKSTTIKRKREDDKLVVECVMKGVTSTRVYERA
;
_entity_poly.pdbx_seq_one_letter_code_can   
;GSHMCDAFVGTWKLVSSENFDDYMKEVGVGFATRKVAGMAKPNMIISVNGDVITIKSESTFKNTEISFILGQEFDEVTAD
DRKVKSTITLDGGVLVHVQKWDGKSTTIKRKREDDKLVVECVMKGVTSTRVYERA
;
_entity_poly.pdbx_strand_id                 A 
_entity_poly.pdbx_target_identifier         ? 
# 
loop_
_pdbx_entity_nonpoly.entity_id 
_pdbx_entity_nonpoly.name 
_pdbx_entity_nonpoly.comp_id 
2 'SULFATE ION'                                                                            SO4 
3 
;(1S,3R)-3-[([1,1'-biphenyl]-2-yl)carbamoyl]-2,2-dimethylcyclopropane-1-carboxylic acid
;
RJM 
4 'CHLORIDE ION'                                                                           CL  
5 water                                                                                    HOH 
# 
loop_
_entity_poly_seq.entity_id 
_entity_poly_seq.num 
_entity_poly_seq.mon_id 
_entity_poly_seq.hetero 
1 1   GLY n 
1 2   SER n 
1 3   HIS n 
1 4   MET n 
1 5   CYS n 
1 6   ASP n 
1 7   ALA n 
1 8   PHE n 
1 9   VAL n 
1 10  GLY n 
1 11  THR n 
1 12  TRP n 
1 13  LYS n 
1 14  LEU n 
1 15  VAL n 
1 16  SER n 
1 17  SER n 
1 18  GLU n 
1 19  ASN n 
1 20  PHE n 
1 21  ASP n 
1 22  ASP n 
1 23  TYR n 
1 24  MET n 
1 25  LYS n 
1 26  GLU n 
1 27  VAL n 
1 28  GLY n 
1 29  VAL n 
1 30  GLY n 
1 31  PHE n 
1 32  ALA n 
1 33  THR n 
1 34  ARG n 
1 35  LYS n 
1 36  VAL n 
1 37  ALA n 
1 38  GLY n 
1 39  MET n 
1 40  ALA n 
1 41  LYS n 
1 42  PRO n 
1 43  ASN n 
1 44  MET n 
1 45  ILE n 
1 46  ILE n 
1 47  SER n 
1 48  VAL n 
1 49  ASN n 
1 50  GLY n 
1 51  ASP n 
1 52  VAL n 
1 53  ILE n 
1 54  THR n 
1 55  ILE n 
1 56  LYS n 
1 57  SER n 
1 58  GLU n 
1 59  SER n 
1 60  THR n 
1 61  PHE n 
1 62  LYS n 
1 63  ASN n 
1 64  THR n 
1 65  GLU n 
1 66  ILE n 
1 67  SER n 
1 68  PHE n 
1 69  ILE n 
1 70  LEU n 
1 71  GLY n 
1 72  GLN n 
1 73  GLU n 
1 74  PHE n 
1 75  ASP n 
1 76  GLU n 
1 77  VAL n 
1 78  THR n 
1 79  ALA n 
1 80  ASP n 
1 81  ASP n 
1 82  ARG n 
1 83  LYS n 
1 84  VAL n 
1 85  LYS n 
1 86  SER n 
1 87  THR n 
1 88  ILE n 
1 89  THR n 
1 90  LEU n 
1 91  ASP n 
1 92  GLY n 
1 93  GLY n 
1 94  VAL n 
1 95  LEU n 
1 96  VAL n 
1 97  HIS n 
1 98  VAL n 
1 99  GLN n 
1 100 LYS n 
1 101 TRP n 
1 102 ASP n 
1 103 GLY n 
1 104 LYS n 
1 105 SER n 
1 106 THR n 
1 107 THR n 
1 108 ILE n 
1 109 LYS n 
1 110 ARG n 
1 111 LYS n 
1 112 ARG n 
1 113 GLU n 
1 114 ASP n 
1 115 ASP n 
1 116 LYS n 
1 117 LEU n 
1 118 VAL n 
1 119 VAL n 
1 120 GLU n 
1 121 CYS n 
1 122 VAL n 
1 123 MET n 
1 124 LYS n 
1 125 GLY n 
1 126 VAL n 
1 127 THR n 
1 128 SER n 
1 129 THR n 
1 130 ARG n 
1 131 VAL n 
1 132 TYR n 
1 133 GLU n 
1 134 ARG n 
1 135 ALA n 
# 
_entity_src_gen.entity_id                          1 
_entity_src_gen.pdbx_src_id                        1 
_entity_src_gen.pdbx_alt_source_flag               sample 
_entity_src_gen.pdbx_seq_type                      'Biological sequence' 
_entity_src_gen.pdbx_beg_seq_num                   1 
_entity_src_gen.pdbx_end_seq_num                   135 
_entity_src_gen.gene_src_common_name               human 
_entity_src_gen.gene_src_genus                     ? 
_entity_src_gen.pdbx_gene_src_gene                 FABP4 
_entity_src_gen.gene_src_species                   ? 
_entity_src_gen.gene_src_strain                    ? 
_entity_src_gen.gene_src_tissue                    ? 
_entity_src_gen.gene_src_tissue_fraction           ? 
_entity_src_gen.gene_src_details                   ? 
_entity_src_gen.pdbx_gene_src_fragment             ? 
_entity_src_gen.pdbx_gene_src_scientific_name      'Homo sapiens' 
_entity_src_gen.pdbx_gene_src_ncbi_taxonomy_id     9606 
_entity_src_gen.pdbx_gene_src_variant              ? 
_entity_src_gen.pdbx_gene_src_cell_line            ? 
_entity_src_gen.pdbx_gene_src_atcc                 ? 
_entity_src_gen.pdbx_gene_src_organ                ? 
_entity_src_gen.pdbx_gene_src_organelle            ? 
_entity_src_gen.pdbx_gene_src_cell                 ? 
_entity_src_gen.pdbx_gene_src_cellular_location    ? 
_entity_src_gen.host_org_common_name               ? 
_entity_src_gen.pdbx_host_org_scientific_name      'Escherichia coli BL21(DE3)' 
_entity_src_gen.pdbx_host_org_ncbi_taxonomy_id     469008 
_entity_src_gen.host_org_genus                     ? 
_entity_src_gen.pdbx_host_org_gene                 ? 
_entity_src_gen.pdbx_host_org_organ                ? 
_entity_src_gen.host_org_species                   ? 
_entity_src_gen.pdbx_host_org_tissue               ? 
_entity_src_gen.pdbx_host_org_tissue_fraction      ? 
_entity_src_gen.pdbx_host_org_strain               ? 
_entity_src_gen.pdbx_host_org_variant              ? 
_entity_src_gen.pdbx_host_org_cell_line            ? 
_entity_src_gen.pdbx_host_org_atcc                 ? 
_entity_src_gen.pdbx_host_org_culture_collection   ? 
_entity_src_gen.pdbx_host_org_cell                 ? 
_entity_src_gen.pdbx_host_org_organelle            ? 
_entity_src_gen.pdbx_host_org_cellular_location    ? 
_entity_src_gen.pdbx_host_org_vector_type          plasmid 
_entity_src_gen.pdbx_host_org_vector               ? 
_entity_src_gen.host_org_details                   ? 
_entity_src_gen.expression_system_id               ? 
_entity_src_gen.plasmid_name                       PET15b 
_entity_src_gen.plasmid_details                    ? 
_entity_src_gen.pdbx_description                   ? 
# 
loop_
_chem_comp.id 
_chem_comp.type 
_chem_comp.mon_nstd_flag 
_chem_comp.name 
_chem_comp.pdbx_synonyms 
_chem_comp.formula 
_chem_comp.formula_weight 
ALA 'L-peptide linking' y ALANINE                                                                                  ? 'C3 H7 N O2' 
89.093  
ARG 'L-peptide linking' y ARGININE                                                                                 ? 
'C6 H15 N4 O2 1' 175.209 
ASN 'L-peptide linking' y ASPARAGINE                                                                               ? 'C4 H8 N2 O3' 
132.118 
ASP 'L-peptide linking' y 'ASPARTIC ACID'                                                                          ? 'C4 H7 N O4' 
133.103 
CL  non-polymer         . 'CHLORIDE ION'                                                                           ? 'Cl -1' 
35.453  
CYS 'L-peptide linking' y CYSTEINE                                                                                 ? 
'C3 H7 N O2 S'   121.158 
GLN 'L-peptide linking' y GLUTAMINE                                                                                ? 
'C5 H10 N2 O3'   146.144 
GLU 'L-peptide linking' y 'GLUTAMIC ACID'                                                                          ? 'C5 H9 N O4' 
147.129 
GLY 'peptide linking'   y GLYCINE                                                                                  ? 'C2 H5 N O2' 
75.067  
HIS 'L-peptide linking' y HISTIDINE                                                                                ? 
'C6 H10 N3 O2 1' 156.162 
HOH non-polymer         . WATER                                                                                    ? 'H2 O' 18.015 
ILE 'L-peptide linking' y ISOLEUCINE                                                                               ? 'C6 H13 N O2' 
131.173 
LEU 'L-peptide linking' y LEUCINE                                                                                  ? 'C6 H13 N O2' 
131.173 
LYS 'L-peptide linking' y LYSINE                                                                                   ? 
'C6 H15 N2 O2 1' 147.195 
MET 'L-peptide linking' y METHIONINE                                                                               ? 
'C5 H11 N O2 S'  149.211 
PHE 'L-peptide linking' y PHENYLALANINE                                                                            ? 'C9 H11 N O2' 
165.189 
PRO 'L-peptide linking' y PROLINE                                                                                  ? 'C5 H9 N O2' 
115.130 
RJM non-polymer         . 
;(1S,3R)-3-[([1,1'-biphenyl]-2-yl)carbamoyl]-2,2-dimethylcyclopropane-1-carboxylic acid
;
? 'C19 H19 N O3'   309.359 
SER 'L-peptide linking' y SERINE                                                                                   ? 'C3 H7 N O3' 
105.093 
SO4 non-polymer         . 'SULFATE ION'                                                                            ? 'O4 S -2' 
96.063  
THR 'L-peptide linking' y THREONINE                                                                                ? 'C4 H9 N O3' 
119.119 
TRP 'L-peptide linking' y TRYPTOPHAN                                                                               ? 
'C11 H12 N2 O2'  204.225 
TYR 'L-peptide linking' y TYROSINE                                                                                 ? 'C9 H11 N O3' 
181.189 
VAL 'L-peptide linking' y VALINE                                                                                   ? 'C5 H11 N O2' 
117.146 
# 
loop_
_pdbx_poly_seq_scheme.asym_id 
_pdbx_poly_seq_scheme.entity_id 
_pdbx_poly_seq_scheme.seq_id 
_pdbx_poly_seq_scheme.mon_id 
_pdbx_poly_seq_scheme.ndb_seq_num 
_pdbx_poly_seq_scheme.pdb_seq_num 
_pdbx_poly_seq_scheme.auth_seq_num 
_pdbx_poly_seq_scheme.pdb_mon_id 
_pdbx_poly_seq_scheme.auth_mon_id 
_pdbx_poly_seq_scheme.pdb_strand_id 
_pdbx_poly_seq_scheme.pdb_ins_code 
_pdbx_poly_seq_scheme.hetero 
A 1 1   GLY 1   -3  ?   ?   ?   A . n 
A 1 2   SER 2   -2  -2  SER SER A . n 
A 1 3   HIS 3   -1  -1  HIS HIS A . n 
A 1 4   MET 4   0   0   MET MET A . n 
A 1 5   CYS 5   1   1   CYS CYS A . n 
A 1 6   ASP 6   2   2   ASP ASP A . n 
A 1 7   ALA 7   3   3   ALA ALA A . n 
A 1 8   PHE 8   4   4   PHE PHE A . n 
A 1 9   VAL 9   5   5   VAL VAL A . n 
A 1 10  GLY 10  6   6   GLY GLY A . n 
A 1 11  THR 11  7   7   THR THR A . n 
A 1 12  TRP 12  8   8   TRP TRP A . n 
A 1 13  LYS 13  9   9   LYS LYS A . n 
A 1 14  LEU 14  10  10  LEU LEU A . n 
A 1 15  VAL 15  11  11  VAL VAL A . n 
A 1 16  SER 16  12  12  SER SER A . n 
A 1 17  SER 17  13  13  SER SER A . n 
A 1 18  GLU 18  14  14  GLU GLU A . n 
A 1 19  ASN 19  15  15  ASN ASN A . n 
A 1 20  PHE 20  16  16  PHE PHE A . n 
A 1 21  ASP 21  17  17  ASP ASP A . n 
A 1 22  ASP 22  18  18  ASP ASP A . n 
A 1 23  TYR 23  19  19  TYR TYR A . n 
A 1 24  MET 24  20  20  MET MET A . n 
A 1 25  LYS 25  21  21  LYS LYS A . n 
A 1 26  GLU 26  22  22  GLU GLU A . n 
A 1 27  VAL 27  23  23  VAL VAL A . n 
A 1 28  GLY 28  24  24  GLY GLY A . n 
A 1 29  VAL 29  25  25  VAL VAL A . n 
A 1 30  GLY 30  26  26  GLY GLY A . n 
A 1 31  PHE 31  27  27  PHE PHE A . n 
A 1 32  ALA 32  28  28  ALA ALA A . n 
A 1 33  THR 33  29  29  THR THR A . n 
A 1 34  ARG 34  30  30  ARG ARG A . n 
A 1 35  LYS 35  31  31  LYS LYS A . n 
A 1 36  VAL 36  32  32  VAL VAL A . n 
A 1 37  ALA 37  33  33  ALA ALA A . n 
A 1 38  GLY 38  34  34  GLY GLY A . n 
A 1 39  MET 39  35  35  MET MET A . n 
A 1 40  ALA 40  36  36  ALA ALA A . n 
A 1 41  LYS 41  37  37  LYS LYS A . n 
A 1 42  PRO 42  38  38  PRO PRO A . n 
A 1 43  ASN 43  39  39  ASN ASN A . n 
A 1 44  MET 44  40  40  MET MET A . n 
A 1 45  ILE 45  41  41  ILE ILE A . n 
A 1 46  ILE 46  42  42  ILE ILE A . n 
A 1 47  SER 47  43  43  SER SER A . n 
A 1 48  VAL 48  44  44  VAL VAL A . n 
A 1 49  ASN 49  45  45  ASN ASN A . n 
A 1 50  GLY 50  46  46  GLY GLY A . n 
A 1 51  ASP 51  47  47  ASP ASP A . n 
A 1 52  VAL 52  48  48  VAL VAL A . n 
A 1 53  ILE 53  49  49  ILE ILE A . n 
A 1 54  THR 54  50  50  THR THR A . n 
A 1 55  ILE 55  51  51  ILE ILE A . n 
A 1 56  LYS 56  52  52  LYS LYS A . n 
A 1 57  SER 57  53  53  SER SER A . n 
A 1 58  GLU 58  54  54  GLU GLU A . n 
A 1 59  SER 59  55  55  SER SER A . n 
A 1 60  THR 60  56  56  THR THR A . n 
A 1 61  PHE 61  57  57  PHE PHE A . n 
A 1 62  LYS 62  58  58  LYS LYS A . n 
A 1 63  ASN 63  59  59  ASN ASN A . n 
A 1 64  THR 64  60  60  THR THR A . n 
A 1 65  GLU 65  61  61  GLU GLU A . n 
A 1 66  ILE 66  62  62  ILE ILE A . n 
A 1 67  SER 67  63  63  SER SER A . n 
A 1 68  PHE 68  64  64  PHE PHE A . n 
A 1 69  ILE 69  65  65  ILE ILE A . n 
A 1 70  LEU 70  66  66  LEU LEU A . n 
A 1 71  GLY 71  67  67  GLY GLY A . n 
A 1 72  GLN 72  68  68  GLN GLN A . n 
A 1 73  GLU 73  69  69  GLU GLU A . n 
A 1 74  PHE 74  70  70  PHE PHE A . n 
A 1 75  ASP 75  71  71  ASP ASP A . n 
A 1 76  GLU 76  72  72  GLU GLU A . n 
A 1 77  VAL 77  73  73  VAL VAL A . n 
A 1 78  THR 78  74  74  THR THR A . n 
A 1 79  ALA 79  75  75  ALA ALA A . n 
A 1 80  ASP 80  76  76  ASP ASP A . n 
A 1 81  ASP 81  77  77  ASP ASP A . n 
A 1 82  ARG 82  78  78  ARG ARG A . n 
A 1 83  LYS 83  79  79  LYS LYS A . n 
A 1 84  VAL 84  80  80  VAL VAL A . n 
A 1 85  LYS 85  81  81  LYS LYS A . n 
A 1 86  SER 86  82  82  SER SER A . n 
A 1 87  THR 87  83  83  THR THR A . n 
A 1 88  ILE 88  84  84  ILE ILE A . n 
A 1 89  THR 89  85  85  THR THR A . n 
A 1 90  LEU 90  86  86  LEU LEU A . n 
A 1 91  ASP 91  87  87  ASP ASP A . n 
A 1 92  GLY 92  88  88  GLY GLY A . n 
A 1 93  GLY 93  89  89  GLY GLY A . n 
A 1 94  VAL 94  90  90  VAL VAL A . n 
A 1 95  LEU 95  91  91  LEU LEU A . n 
A 1 96  VAL 96  92  92  VAL VAL A . n 
A 1 97  HIS 97  93  93  HIS HIS A . n 
A 1 98  VAL 98  94  94  VAL VAL A . n 
A 1 99  GLN 99  95  95  GLN GLN A . n 
A 1 100 LYS 100 96  96  LYS LYS A . n 
A 1 101 TRP 101 97  97  TRP TRP A . n 
A 1 102 ASP 102 98  98  ASP ASP A . n 
A 1 103 GLY 103 99  99  GLY GLY A . n 
A 1 104 LYS 104 100 100 LYS LYS A . n 
A 1 105 SER 105 101 101 SER SER A . n 
A 1 106 THR 106 102 102 THR THR A . n 
A 1 107 THR 107 103 103 THR THR A . n 
A 1 108 ILE 108 104 104 ILE ILE A . n 
A 1 109 LYS 109 105 105 LYS LYS A . n 
A 1 110 ARG 110 106 106 ARG ARG A . n 
A 1 111 LYS 111 107 107 LYS LYS A . n 
A 1 112 ARG 112 108 108 ARG ARG A . n 
A 1 113 GLU 113 109 109 GLU GLU A . n 
A 1 114 ASP 114 110 110 ASP ASP A . n 
A 1 115 ASP 115 111 111 ASP ASP A . n 
A 1 116 LYS 116 112 112 LYS LYS A . n 
A 1 117 LEU 117 113 113 LEU LEU A . n 
A 1 118 VAL 118 114 114 VAL VAL A . n 
A 1 119 VAL 119 115 115 VAL VAL A . n 
A 1 120 GLU 120 116 116 GLU GLU A . n 
A 1 121 CYS 121 117 117 CYS CYS A . n 
A 1 122 VAL 122 118 118 VAL VAL A . n 
A 1 123 MET 123 119 119 MET MET A . n 
A 1 124 LYS 124 120 120 LYS LYS A . n 
A 1 125 GLY 125 121 121 GLY GLY A . n 
A 1 126 VAL 126 122 122 VAL VAL A . n 
A 1 127 THR 127 123 123 THR THR A . n 
A 1 128 SER 128 124 124 SER SER A . n 
A 1 129 THR 129 125 125 THR THR A . n 
A 1 130 ARG 130 126 126 ARG ARG A . n 
A 1 131 VAL 131 127 127 VAL VAL A . n 
A 1 132 TYR 132 128 128 TYR TYR A . n 
A 1 133 GLU 133 129 129 GLU GLU A . n 
A 1 134 ARG 134 130 130 ARG ARG A . n 
A 1 135 ALA 135 131 131 ALA ALA A . n 
# 
_pdbx_entity_instance_feature.ordinal        1 
_pdbx_entity_instance_feature.comp_id        RJM 
_pdbx_entity_instance_feature.asym_id        ? 
_pdbx_entity_instance_feature.seq_num        ? 
_pdbx_entity_instance_feature.auth_comp_id   RJM 
_pdbx_entity_instance_feature.auth_asym_id   ? 
_pdbx_entity_instance_feature.auth_seq_num   ? 
_pdbx_entity_instance_feature.feature_type   'SUBJECT OF INVESTIGATION' 
_pdbx_entity_instance_feature.details        ? 
# 
loop_
_pdbx_nonpoly_scheme.asym_id 
_pdbx_nonpoly_scheme.entity_id 
_pdbx_nonpoly_scheme.mon_id 
_pdbx_nonpoly_scheme.ndb_seq_num 
_pdbx_nonpoly_scheme.pdb_seq_num 
_pdbx_nonpoly_scheme.auth_seq_num 
_pdbx_nonpoly_scheme.pdb_mon_id 
_pdbx_nonpoly_scheme.auth_mon_id 
_pdbx_nonpoly_scheme.pdb_strand_id 
_pdbx_nonpoly_scheme.pdb_ins_code 
B 2 SO4 1  201 1  SO4 SO4 A . 
C 2 SO4 1  202 1  SO4 SO4 A . 
D 3 RJM 1  203 1  RJM UNL A . 
E 4 CL  1  204 1  CL  CL  A . 
F 4 CL  1  205 1  CL  CL  A . 
G 5 HOH 1  301 65 HOH HOH A . 
G 5 HOH 2  302 68 HOH HOH A . 
G 5 HOH 3  303 22 HOH HOH A . 
G 5 HOH 4  304 55 HOH HOH A . 
G 5 HOH 5  305 35 HOH HOH A . 
G 5 HOH 6  306 6  HOH HOH A . 
G 5 HOH 7  307 74 HOH HOH A . 
G 5 HOH 8  308 69 HOH HOH A . 
G 5 HOH 9  309 79 HOH HOH A . 
G 5 HOH 10 310 29 HOH HOH A . 
G 5 HOH 11 311 61 HOH HOH A . 
G 5 HOH 12 312 32 HOH HOH A . 
G 5 HOH 13 313 60 HOH HOH A . 
G 5 HOH 14 314 3  HOH HOH A . 
G 5 HOH 15 315 45 HOH HOH A . 
G 5 HOH 16 316 43 HOH HOH A . 
G 5 HOH 17 317 76 HOH HOH A . 
G 5 HOH 18 318 88 HOH HOH A . 
G 5 HOH 19 319 13 HOH HOH A . 
G 5 HOH 20 320 31 HOH HOH A . 
G 5 HOH 21 321 1  HOH HOH A . 
G 5 HOH 22 322 86 HOH HOH A . 
G 5 HOH 23 323 41 HOH HOH A . 
G 5 HOH 24 324 63 HOH HOH A . 
G 5 HOH 25 325 4  HOH HOH A . 
G 5 HOH 26 326 39 HOH HOH A . 
G 5 HOH 27 327 15 HOH HOH A . 
G 5 HOH 28 328 23 HOH HOH A . 
G 5 HOH 29 329 7  HOH HOH A . 
G 5 HOH 30 330 81 HOH HOH A . 
G 5 HOH 31 331 18 HOH HOH A . 
G 5 HOH 32 332 53 HOH HOH A . 
G 5 HOH 33 333 52 HOH HOH A . 
G 5 HOH 34 334 28 HOH HOH A . 
G 5 HOH 35 335 20 HOH HOH A . 
G 5 HOH 36 336 36 HOH HOH A . 
G 5 HOH 37 337 26 HOH HOH A . 
G 5 HOH 38 338 11 HOH HOH A . 
G 5 HOH 39 339 10 HOH HOH A . 
G 5 HOH 40 340 12 HOH HOH A . 
G 5 HOH 41 341 9  HOH HOH A . 
G 5 HOH 42 342 2  HOH HOH A . 
G 5 HOH 43 343 47 HOH HOH A . 
G 5 HOH 44 344 19 HOH HOH A . 
G 5 HOH 45 345 27 HOH HOH A . 
G 5 HOH 46 346 25 HOH HOH A . 
G 5 HOH 47 347 77 HOH HOH A . 
G 5 HOH 48 348 17 HOH HOH A . 
G 5 HOH 49 349 72 HOH HOH A . 
G 5 HOH 50 350 16 HOH HOH A . 
G 5 HOH 51 351 14 HOH HOH A . 
G 5 HOH 52 352 56 HOH HOH A . 
G 5 HOH 53 353 73 HOH HOH A . 
G 5 HOH 54 354 42 HOH HOH A . 
G 5 HOH 55 355 51 HOH HOH A . 
G 5 HOH 56 356 21 HOH HOH A . 
G 5 HOH 57 357 8  HOH HOH A . 
G 5 HOH 58 358 54 HOH HOH A . 
G 5 HOH 59 359 34 HOH HOH A . 
G 5 HOH 60 360 30 HOH HOH A . 
G 5 HOH 61 361 33 HOH HOH A . 
G 5 HOH 62 362 89 HOH HOH A . 
G 5 HOH 63 363 59 HOH HOH A . 
G 5 HOH 64 364 57 HOH HOH A . 
G 5 HOH 65 365 5  HOH HOH A . 
G 5 HOH 66 366 84 HOH HOH A . 
G 5 HOH 67 367 44 HOH HOH A . 
G 5 HOH 68 368 37 HOH HOH A . 
G 5 HOH 69 369 24 HOH HOH A . 
G 5 HOH 70 370 58 HOH HOH A . 
G 5 HOH 71 371 40 HOH HOH A . 
G 5 HOH 72 372 78 HOH HOH A . 
G 5 HOH 73 373 66 HOH HOH A . 
G 5 HOH 74 374 46 HOH HOH A . 
G 5 HOH 75 375 87 HOH HOH A . 
G 5 HOH 76 376 38 HOH HOH A . 
G 5 HOH 77 377 75 HOH HOH A . 
G 5 HOH 78 378 64 HOH HOH A . 
G 5 HOH 79 379 85 HOH HOH A . 
G 5 HOH 80 380 48 HOH HOH A . 
G 5 HOH 81 381 67 HOH HOH A . 
G 5 HOH 82 382 71 HOH HOH A . 
G 5 HOH 83 383 70 HOH HOH A . 
G 5 HOH 84 384 82 HOH HOH A . 
G 5 HOH 85 385 62 HOH HOH A . 
G 5 HOH 86 386 49 HOH HOH A . 
G 5 HOH 87 387 50 HOH HOH A . 
G 5 HOH 88 388 83 HOH HOH A . 
G 5 HOH 89 389 80 HOH HOH A . 
# 
loop_
_software.pdbx_ordinal 
_software.name 
_software.version 
_software.date 
_software.type 
_software.contact_author 
_software.contact_author_email 
_software.classification 
_software.location 
_software.language 
_software.citation_id 
1 XSCALE      .        ?               package 'Wolfgang Kabsch'    ?                        'data scaling'    
http://www.mpimf-heidelberg.mpg.de/~kabsch/xds/html_doc/xscale_program.html ?          ? 
2 REFMAC      5.6.0081 ?               program 'Garib N. Murshudov' garib@ysbl.york.ac.uk    refinement        
http://www.ccp4.ac.uk/dist/html/refmac5.html                                Fortran_77 ? 
3 PDB_EXTRACT 3.27     'Oct. 31, 2020' package PDB                  deposit@deposit.rcsb.org 'data extraction' 
http://sw-tools.pdb.org/apps/PDB_EXTRACT/                                   C++        ? 
4 XDS         .        ?               ?       ?                    ?                        'data reduction'  ? ?          ? 
5 PHASER      .        ?               ?       ?                    ?                        phasing           ? ?          ? 
# 
_cell.entry_id           7FXI 
_cell.length_a           33.816 
_cell.length_b           55.013 
_cell.length_c           74.013 
_cell.angle_alpha        90.000 
_cell.angle_beta         90.000 
_cell.angle_gamma        90.000 
_cell.Z_PDB              4 
_cell.pdbx_unique_axis   ? 
# 
_symmetry.entry_id                         7FXI 
_symmetry.space_group_name_H-M             'P 21 21 21' 
_symmetry.pdbx_full_space_group_name_H-M   ? 
_symmetry.cell_setting                     ? 
_symmetry.Int_Tables_number                19 
# 
_exptl.crystals_number   1 
_exptl.entry_id          7FXI 
_exptl.method            'X-RAY DIFFRACTION' 
# 
_exptl_crystal.id                    1 
_exptl_crystal.density_meas          ? 
_exptl_crystal.density_Matthews      2.29 
_exptl_crystal.density_percent_sol   46.32 
_exptl_crystal.description           ? 
_exptl_crystal.preparation           ? 
# 
_exptl_crystal_grow.crystal_id      1 
_exptl_crystal_grow.method          'VAPOR DIFFUSION, SITTING DROP' 
_exptl_crystal_grow.pH              7.0 
_exptl_crystal_grow.temp            293 
_exptl_crystal_grow.pdbx_details    'protein in 25mM Tris/HCl pH 7.5 100mM NaCl, see also PMID 27658368' 
_exptl_crystal_grow.temp_details    ? 
_exptl_crystal_grow.pdbx_pH_range   ? 
# 
_diffrn.id                               1 
_diffrn.crystal_id                       1 
_diffrn.ambient_temp                     100 
_diffrn.ambient_temp_details             ? 
_diffrn.pdbx_serial_crystal_experiment   ? 
# 
_diffrn_detector.diffrn_id              1 
_diffrn_detector.detector               PIXEL 
_diffrn_detector.type                   'PSI PILATUS 6M' 
_diffrn_detector.pdbx_collection_date   2010-09-19 
_diffrn_detector.details                ? 
# 
_diffrn_radiation.diffrn_id                        1 
_diffrn_radiation.pdbx_diffrn_protocol             'SINGLE WAVELENGTH' 
_diffrn_radiation.monochromator                    ? 
_diffrn_radiation.pdbx_monochromatic_or_laue_m_l   M 
_diffrn_radiation.wavelength_id                    1 
_diffrn_radiation.pdbx_scattering_type             x-ray 
# 
_diffrn_radiation_wavelength.id           1 
_diffrn_radiation_wavelength.wavelength   1.000000 
_diffrn_radiation_wavelength.wt           1.0 
# 
_diffrn_source.diffrn_id                   1 
_diffrn_source.source                      SYNCHROTRON 
_diffrn_source.type                        'SLS BEAMLINE X10SA' 
_diffrn_source.pdbx_wavelength_list        1.000000 
_diffrn_source.pdbx_synchrotron_site       SLS 
_diffrn_source.pdbx_synchrotron_beamline   X10SA 
_diffrn_source.pdbx_wavelength             ? 
# 
_reflns.entry_id                     7FXI 
_reflns.pdbx_diffrn_id               1 
_reflns.pdbx_ordinal                 1 
_reflns.observed_criterion_sigma_I   ? 
_reflns.observed_criterion_sigma_F   ? 
_reflns.d_resolution_low             37.01 
_reflns.d_resolution_high            1.510 
_reflns.number_obs                   21828 
_reflns.number_all                   ? 
_reflns.percent_possible_obs         97.300 
_reflns.pdbx_Rmerge_I_obs            0.056 
_reflns.pdbx_Rsym_value              ? 
_reflns.pdbx_netI_over_sigmaI        14.110 
_reflns.B_iso_Wilson_estimate        30.893 
_reflns.pdbx_redundancy              6.176 
_reflns.pdbx_Rrim_I_all              0.061 
_reflns.pdbx_Rpim_I_all              ? 
_reflns.pdbx_CC_half                 0.999 
_reflns.pdbx_netI_over_av_sigmaI     ? 
_reflns.pdbx_number_measured_all     134808 
_reflns.pdbx_scaling_rejects         2213 
_reflns.pdbx_chi_squared             0.887 
_reflns.Rmerge_F_all                 ? 
_reflns.Rmerge_F_obs                 ? 
_reflns.observed_criterion_F_max     ? 
_reflns.observed_criterion_F_min     ? 
_reflns.observed_criterion_I_max     ? 
_reflns.observed_criterion_I_min     ? 
_reflns.pdbx_d_res_high_opt          ? 
_reflns.pdbx_d_res_low_opt           ? 
_reflns.details                      ? 
# 
loop_
_reflns_shell.pdbx_diffrn_id 
_reflns_shell.pdbx_ordinal 
_reflns_shell.d_res_high 
_reflns_shell.d_res_low 
_reflns_shell.number_measured_obs 
_reflns_shell.number_measured_all 
_reflns_shell.number_unique_obs 
_reflns_shell.pdbx_rejects 
_reflns_shell.Rmerge_I_obs 
_reflns_shell.meanI_over_sigI_obs 
_reflns_shell.pdbx_Rsym_value 
_reflns_shell.pdbx_chi_squared 
_reflns_shell.pdbx_redundancy 
_reflns_shell.percent_possible_obs 
_reflns_shell.pdbx_netI_over_sigmaI_obs 
_reflns_shell.number_possible 
_reflns_shell.number_unique_all 
_reflns_shell.Rmerge_F_all 
_reflns_shell.Rmerge_F_obs 
_reflns_shell.Rmerge_I_all 
_reflns_shell.meanI_over_sigI_all 
_reflns_shell.percent_possible_all 
_reflns_shell.pdbx_Rrim_I_all 
_reflns_shell.pdbx_Rpim_I_all 
_reflns_shell.pdbx_CC_half 
1 1  1.510 1.550  10676 ? 1607 ? 1.371 1.300  ? ? 6.643 ? ? 1631 ? ? ? ? ? 98.500  1.486 ? 0.544 
1 2  1.550 1.590  10504 ? 1588 ? 0.898 1.890  ? ? 6.615 ? ? 1592 ? ? ? ? ? 99.700  0.975 ? 0.782 
1 3  1.590 1.640  9951  ? 1527 ? 0.664 2.630  ? ? 6.517 ? ? 1527 ? ? ? ? ? 100.000 0.721 ? 0.861 
1 4  1.640 1.690  9734  ? 1519 ? 0.526 3.240  ? ? 6.408 ? ? 1519 ? ? ? ? ? 100.000 0.573 ? 0.910 
1 5  1.690 1.740  8702  ? 1440 ? 0.384 4.410  ? ? 6.043 ? ? 1445 ? ? ? ? ? 99.700  0.421 ? 0.939 
1 6  1.740 1.800  9293  ? 1411 ? 0.264 6.280  ? ? 6.586 ? ? 1413 ? ? ? ? ? 99.900  0.287 ? 0.977 
1 7  1.800 1.870  9033  ? 1365 ? 0.210 8.000  ? ? 6.618 ? ? 1368 ? ? ? ? ? 99.800  0.228 ? 0.982 
1 8  1.870 1.950  5166  ? 1022 ? 0.166 10.640 ? ? 5.055 ? ? 1315 ? ? ? ? ? 77.700  0.187 ? 0.981 
1 9  1.950 2.040  7899  ? 1243 ? 0.116 14.040 ? ? 6.355 ? ? 1262 ? ? ? ? ? 98.500  0.126 ? 0.993 
1 10 2.040 2.140  7611  ? 1216 ? 0.093 16.750 ? ? 6.259 ? ? 1217 ? ? ? ? ? 99.900  0.101 ? 0.995 
1 11 2.140 2.250  5469  ? 1041 ? 0.084 17.660 ? ? 5.254 ? ? 1158 ? ? ? ? ? 89.900  0.094 ? 0.993 
1 12 2.250 2.390  5955  ? 1001 ? 0.071 22.190 ? ? 5.949 ? ? 1101 ? ? ? ? ? 90.900  0.078 ? 0.995 
1 13 2.390 2.550  6639  ? 1019 ? 0.058 25.270 ? ? 6.515 ? ? 1023 ? ? ? ? ? 99.600  0.063 ? 0.997 
1 14 2.550 2.760  6074  ? 968  ? 0.056 28.120 ? ? 6.275 ? ? 969  ? ? ? ? ? 99.900  0.061 ? 0.997 
1 15 2.760 3.020  5213  ? 890  ? 0.049 29.620 ? ? 5.857 ? ? 895  ? ? ? ? ? 99.400  0.054 ? 0.998 
1 16 3.020 3.380  4597  ? 824  ? 0.043 31.640 ? ? 5.579 ? ? 829  ? ? ? ? ? 99.400  0.047 ? 0.998 
1 17 3.380 3.900  4124  ? 713  ? 0.043 33.970 ? ? 5.784 ? ? 726  ? ? ? ? ? 98.200  0.047 ? 0.998 
1 18 3.900 4.780  3697  ? 624  ? 0.036 34.740 ? ? 5.925 ? ? 626  ? ? ? ? ? 99.700  0.039 ? 0.999 
1 19 4.780 6.750  2715  ? 505  ? 0.033 33.170 ? ? 5.376 ? ? 509  ? ? ? ? ? 99.200  0.037 ? 0.999 
1 20 6.750 37.010 1756  ? 305  ? 0.025 34.440 ? ? 5.757 ? ? 307  ? ? ? ? ? 99.300  0.028 ? 0.999 
# 
_refine.entry_id                                 7FXI 
_refine.pdbx_refine_id                           'X-RAY DIFFRACTION' 
_refine.ls_d_res_high                            1.5100 
_refine.ls_d_res_low                             37.0100 
_refine.pdbx_ls_sigma_F                          0.000 
_refine.pdbx_data_cutoff_high_absF               ? 
_refine.pdbx_data_cutoff_low_absF                ? 
_refine.ls_percent_reflns_obs                    88.7500 
_refine.ls_number_reflns_obs                     18870 
_refine.ls_number_reflns_all                     ? 
_refine.pdbx_ls_cross_valid_method               THROUGHOUT 
_refine.ls_matrix_type                           ? 
_refine.pdbx_R_Free_selection_details            RANDOM 
_refine.details                                  '1R,3S diastereomer' 
_refine.ls_R_factor_all                          ? 
_refine.ls_R_factor_obs                          0.2099 
_refine.ls_R_factor_R_work                       0.2086 
_refine.ls_wR_factor_R_work                      ? 
_refine.ls_R_factor_R_free                       0.2344 
_refine.ls_wR_factor_R_free                      ? 
_refine.ls_percent_reflns_R_free                 5.0000 
_refine.ls_number_reflns_R_free                  989 
_refine.ls_number_reflns_R_work                  ? 
_refine.ls_R_factor_R_free_error                 ? 
_refine.B_iso_mean                               25.9480 
_refine.solvent_model_param_bsol                 ? 
_refine.solvent_model_param_ksol                 ? 
_refine.pdbx_isotropic_thermal_model             ? 
_refine.aniso_B[1][1]                            1.7300 
_refine.aniso_B[2][2]                            -0.3300 
_refine.aniso_B[3][3]                            -1.4000 
_refine.aniso_B[1][2]                            0.0000 
_refine.aniso_B[1][3]                            0.0000 
_refine.aniso_B[2][3]                            0.0000 
_refine.correlation_coeff_Fo_to_Fc               0.9630 
_refine.correlation_coeff_Fo_to_Fc_free          0.9580 
_refine.overall_SU_R_Cruickshank_DPI             ? 
_refine.pdbx_overall_SU_R_free_Cruickshank_DPI   ? 
_refine.pdbx_overall_SU_R_Blow_DPI               ? 
_refine.pdbx_overall_SU_R_free_Blow_DPI          ? 
_refine.overall_SU_R_free                        ? 
_refine.pdbx_overall_ESU_R                       0.0970 
_refine.pdbx_overall_ESU_R_Free                  0.0940 
_refine.overall_SU_ML                            0.0780 
_refine.overall_SU_B                             2.1660 
_refine.solvent_model_details                    'BABINET MODEL WITH MASK' 
_refine.pdbx_solvent_vdw_probe_radii             1.2000 
_refine.pdbx_solvent_ion_probe_radii             0.8000 
_refine.pdbx_solvent_shrinkage_radii             0.8000 
_refine.ls_number_parameters                     ? 
_refine.ls_number_restraints                     ? 
_refine.pdbx_starting_model                      'inhouse model' 
_refine.pdbx_method_to_determine_struct          'MOLECULAR REPLACEMENT' 
_refine.pdbx_stereochemistry_target_values       'MAXIMUM LIKELIHOOD' 
_refine.pdbx_stereochem_target_val_spec_case     ? 
_refine.overall_FOM_work_R_set                   ? 
_refine.B_iso_max                                80.000 
_refine.B_iso_min                                17.780 
_refine.pdbx_overall_phase_error                 ? 
_refine.occupancy_max                            ? 
_refine.occupancy_min                            ? 
_refine.pdbx_diffrn_id                           1 
_refine.pdbx_TLS_residual_ADP_flag               ? 
_refine.pdbx_ls_sigma_I                          ? 
_refine.pdbx_data_cutoff_high_rms_absF           ? 
_refine.ls_R_factor_R_free_error_details         ? 
# 
_refine_hist.cycle_id                         final 
_refine_hist.pdbx_refine_id                   'X-RAY DIFFRACTION' 
_refine_hist.d_res_high                       1.5100 
_refine_hist.d_res_low                        37.0100 
_refine_hist.pdbx_number_atoms_ligand         35 
_refine_hist.number_atoms_solvent             89 
_refine_hist.number_atoms_total               1170 
_refine_hist.pdbx_number_residues_total       134 
_refine_hist.pdbx_B_iso_mean_ligand           35.36 
_refine_hist.pdbx_B_iso_mean_solvent          35.06 
_refine_hist.pdbx_number_atoms_protein        1046 
_refine_hist.pdbx_number_atoms_nucleic_acid   0 
# 
loop_
_refine_ls_restr.pdbx_refine_id 
_refine_ls_restr.type 
_refine_ls_restr.number 
_refine_ls_restr.dev_ideal 
_refine_ls_restr.dev_ideal_target 
_refine_ls_restr.weight 
_refine_ls_restr.pdbx_restraint_function 
'X-RAY DIFFRACTION' r_bond_refined_d       1124 0.012  0.022  ? ? 
'X-RAY DIFFRACTION' r_bond_other_d         749  0.001  0.020  ? ? 
'X-RAY DIFFRACTION' r_angle_refined_deg    1523 1.404  1.988  ? ? 
'X-RAY DIFFRACTION' r_angle_other_deg      1844 0.796  3.000  ? ? 
'X-RAY DIFFRACTION' r_dihedral_angle_1_deg 143  5.702  5.000  ? ? 
'X-RAY DIFFRACTION' r_dihedral_angle_2_deg 45   35.864 24.667 ? ? 
'X-RAY DIFFRACTION' r_dihedral_angle_3_deg 217  13.404 15.000 ? ? 
'X-RAY DIFFRACTION' r_dihedral_angle_4_deg 6    17.950 15.000 ? ? 
'X-RAY DIFFRACTION' r_chiral_restr         178  0.089  0.200  ? ? 
'X-RAY DIFFRACTION' r_gen_planes_refined   1222 0.005  0.020  ? ? 
'X-RAY DIFFRACTION' r_gen_planes_other     213  0.001  0.020  ? ? 
# 
_refine_ls_shell.d_res_high                       1.5100 
_refine_ls_shell.d_res_low                        1.5490 
_refine_ls_shell.pdbx_total_number_of_bins_used   20 
_refine_ls_shell.percent_reflns_obs               87.9100 
_refine_ls_shell.number_reflns_R_work             1358 
_refine_ls_shell.R_factor_all                     ? 
_refine_ls_shell.R_factor_R_work                  0.3810 
_refine_ls_shell.R_factor_R_free                  0.4420 
_refine_ls_shell.percent_reflns_R_free            ? 
_refine_ls_shell.number_reflns_R_free             74 
_refine_ls_shell.R_factor_R_free_error            0.0000 
_refine_ls_shell.number_reflns_all                1432 
_refine_ls_shell.number_reflns_obs                ? 
_refine_ls_shell.pdbx_refine_id                   'X-RAY DIFFRACTION' 
# 
_struct.entry_id                  7FXI 
_struct.title                     
;Crystal Structure of human FABP4 in complex with rac-(1R,3S)-2,2-dimethyl-3-[(2-phenylphenyl)carbamoyl]cyclopropane-1-carboxylic acid, i.e. SMILES C(=O)(O)[C@@H]1[C@H](C(=O)Nc2ccccc2c2ccccc2)C1(C)C with IC50=0.582 microM
;
_struct.pdbx_model_details        ? 
_struct.pdbx_CASP_flag            ? 
_struct.pdbx_model_type_details   ? 
# 
_struct_keywords.entry_id        7FXI 
_struct_keywords.text            
'LIPID BINDING PROTEIN, FATTY ACID BINDING PROTEIN, CYTOPLASM, LIPID-BINDING, TRANSPORT, PROTEIN BINDING' 
_struct_keywords.pdbx_keywords   'LIPID BINDING PROTEIN' 
# 
loop_
_struct_asym.id 
_struct_asym.pdbx_blank_PDB_chainid_flag 
_struct_asym.pdbx_modified 
_struct_asym.entity_id 
_struct_asym.details 
A N N 1 ? 
B N N 2 ? 
C N N 2 ? 
D N N 3 ? 
E N N 4 ? 
F N N 4 ? 
G N N 5 ? 
# 
_struct_ref.id                         1 
_struct_ref.db_name                    UNP 
_struct_ref.db_code                    FABP4_HUMAN 
_struct_ref.pdbx_db_accession          P15090 
_struct_ref.pdbx_db_isoform            ? 
_struct_ref.entity_id                  1 
_struct_ref.pdbx_seq_one_letter_code   
;MCDAFVGTWKLVSSENFDDYMKEVGVGFATRKVAGMAKPNMIISVNGDVITIKSESTFKNTEISFILGQEFDEVTADDRK
VKSTITLDGGVLVHVQKWDGKSTTIKRKREDDKLVVECVMKGVTSTRVYERA
;
_struct_ref.pdbx_align_begin           1 
# 
_struct_ref_seq.align_id                      1 
_struct_ref_seq.ref_id                        1 
_struct_ref_seq.pdbx_PDB_id_code              7FXI 
_struct_ref_seq.pdbx_strand_id                A 
_struct_ref_seq.seq_align_beg                 4 
_struct_ref_seq.pdbx_seq_align_beg_ins_code   ? 
_struct_ref_seq.seq_align_end                 135 
_struct_ref_seq.pdbx_seq_align_end_ins_code   ? 
_struct_ref_seq.pdbx_db_accession             P15090 
_struct_ref_seq.db_align_beg                  1 
_struct_ref_seq.pdbx_db_align_beg_ins_code    ? 
_struct_ref_seq.db_align_end                  132 
_struct_ref_seq.pdbx_db_align_end_ins_code    ? 
_struct_ref_seq.pdbx_auth_seq_align_beg       0 
_struct_ref_seq.pdbx_auth_seq_align_end       131 
# 
loop_
_struct_ref_seq_dif.align_id 
_struct_ref_seq_dif.pdbx_pdb_id_code 
_struct_ref_seq_dif.mon_id 
_struct_ref_seq_dif.pdbx_pdb_strand_id 
_struct_ref_seq_dif.seq_num 
_struct_ref_seq_dif.pdbx_pdb_ins_code 
_struct_ref_seq_dif.pdbx_seq_db_name 
_struct_ref_seq_dif.pdbx_seq_db_accession_code 
_struct_ref_seq_dif.db_mon_id 
_struct_ref_seq_dif.pdbx_seq_db_seq_num 
_struct_ref_seq_dif.details 
_struct_ref_seq_dif.pdbx_auth_seq_num 
_struct_ref_seq_dif.pdbx_ordinal 
1 7FXI GLY A 1 ? UNP P15090 ? ? 'expression tag' -3 1 
1 7FXI SER A 2 ? UNP P15090 ? ? 'expression tag' -2 2 
1 7FXI HIS A 3 ? UNP P15090 ? ? 'expression tag' -1 3 
# 
_pdbx_struct_assembly.id                   1 
_pdbx_struct_assembly.details              author_and_software_defined_assembly 
_pdbx_struct_assembly.method_details       PISA 
_pdbx_struct_assembly.oligomeric_details   monomeric 
_pdbx_struct_assembly.oligomeric_count     1 
# 
_pdbx_struct_assembly_gen.assembly_id       1 
_pdbx_struct_assembly_gen.oper_expression   1 
_pdbx_struct_assembly_gen.asym_id_list      A,B,C,D,E,F,G 
# 
_pdbx_struct_assembly_auth_evidence.id                     1 
_pdbx_struct_assembly_auth_evidence.assembly_id            1 
_pdbx_struct_assembly_auth_evidence.experimental_support   'gel filtration' 
_pdbx_struct_assembly_auth_evidence.details                'elutes as a monomer' 
# 
_pdbx_struct_oper_list.id                   1 
_pdbx_struct_oper_list.type                 'identity operation' 
_pdbx_struct_oper_list.name                 1_555 
_pdbx_struct_oper_list.symmetry_operation   x,y,z 
_pdbx_struct_oper_list.matrix[1][1]         1.0000000000 
_pdbx_struct_oper_list.matrix[1][2]         0.0000000000 
_pdbx_struct_oper_list.matrix[1][3]         0.0000000000 
_pdbx_struct_oper_list.vector[1]            0.0000000000 
_pdbx_struct_oper_list.matrix[2][1]         0.0000000000 
_pdbx_struct_oper_list.matrix[2][2]         1.0000000000 
_pdbx_struct_oper_list.matrix[2][3]         0.0000000000 
_pdbx_struct_oper_list.vector[2]            0.0000000000 
_pdbx_struct_oper_list.matrix[3][1]         0.0000000000 
_pdbx_struct_oper_list.matrix[3][2]         0.0000000000 
_pdbx_struct_oper_list.matrix[3][3]         1.0000000000 
_pdbx_struct_oper_list.vector[3]            0.0000000000 
# 
loop_
_struct_conf.conf_type_id 
_struct_conf.id 
_struct_conf.pdbx_PDB_helix_id 
_struct_conf.beg_label_comp_id 
_struct_conf.beg_label_asym_id 
_struct_conf.beg_label_seq_id 
_struct_conf.pdbx_beg_PDB_ins_code 
_struct_conf.end_label_comp_id 
_struct_conf.end_label_asym_id 
_struct_conf.end_label_seq_id 
_struct_conf.pdbx_end_PDB_ins_code 
_struct_conf.beg_auth_comp_id 
_struct_conf.beg_auth_asym_id 
_struct_conf.beg_auth_seq_id 
_struct_conf.end_auth_comp_id 
_struct_conf.end_auth_asym_id 
_struct_conf.end_auth_seq_id 
_struct_conf.pdbx_PDB_helix_class 
_struct_conf.details 
_struct_conf.pdbx_PDB_helix_length 
HELX_P HELX_P1 AA1 MET A 4  ? PHE A 8  ? MET A 0  PHE A 4  5 ? 5  
HELX_P HELX_P2 AA2 ASN A 19 ? VAL A 27 ? ASN A 15 VAL A 23 1 ? 9  
HELX_P HELX_P3 AA3 GLY A 30 ? ALA A 40 ? GLY A 26 ALA A 36 1 ? 11 
# 
_struct_conf_type.id          HELX_P 
_struct_conf_type.criteria    ? 
_struct_conf_type.reference   ? 
# 
_struct_sheet.id               AA1 
_struct_sheet.type             ? 
_struct_sheet.number_strands   10 
_struct_sheet.details          ? 
# 
loop_
_struct_sheet_order.sheet_id 
_struct_sheet_order.range_id_1 
_struct_sheet_order.range_id_2 
_struct_sheet_order.offset 
_struct_sheet_order.sense 
AA1 1 2  ? anti-parallel 
AA1 2 3  ? anti-parallel 
AA1 3 4  ? anti-parallel 
AA1 4 5  ? anti-parallel 
AA1 5 6  ? anti-parallel 
AA1 6 7  ? anti-parallel 
AA1 7 8  ? anti-parallel 
AA1 8 9  ? anti-parallel 
AA1 9 10 ? anti-parallel 
# 
loop_
_struct_sheet_range.sheet_id 
_struct_sheet_range.id 
_struct_sheet_range.beg_label_comp_id 
_struct_sheet_range.beg_label_asym_id 
_struct_sheet_range.beg_label_seq_id 
_struct_sheet_range.pdbx_beg_PDB_ins_code 
_struct_sheet_range.end_label_comp_id 
_struct_sheet_range.end_label_asym_id 
_struct_sheet_range.end_label_seq_id 
_struct_sheet_range.pdbx_end_PDB_ins_code 
_struct_sheet_range.beg_auth_comp_id 
_struct_sheet_range.beg_auth_asym_id 
_struct_sheet_range.beg_auth_seq_id 
_struct_sheet_range.end_auth_comp_id 
_struct_sheet_range.end_auth_asym_id 
_struct_sheet_range.end_auth_seq_id 
AA1 1  THR A 64  ? PHE A 68  ? THR A 60  PHE A 64  
AA1 2  VAL A 52  ? SER A 57  ? VAL A 48  SER A 53  
AA1 3  ASN A 43  ? ASN A 49  ? ASN A 39  ASN A 45  
AA1 4  GLY A 10  ? GLU A 18  ? GLY A 6   GLU A 14  
AA1 5  VAL A 126 ? ARG A 134 ? VAL A 122 ARG A 130 
AA1 6  LYS A 116 ? MET A 123 ? LYS A 112 MET A 119 
AA1 7  LYS A 104 ? GLU A 113 ? LYS A 100 GLU A 109 
AA1 8  VAL A 94  ? TRP A 101 ? VAL A 90  TRP A 97  
AA1 9  LYS A 83  ? ASP A 91  ? LYS A 79  ASP A 87  
AA1 10 PHE A 74  ? VAL A 77  ? PHE A 70  VAL A 73  
# 
loop_
_pdbx_struct_sheet_hbond.sheet_id 
_pdbx_struct_sheet_hbond.range_id_1 
_pdbx_struct_sheet_hbond.range_id_2 
_pdbx_struct_sheet_hbond.range_1_label_atom_id 
_pdbx_struct_sheet_hbond.range_1_label_comp_id 
_pdbx_struct_sheet_hbond.range_1_label_asym_id 
_pdbx_struct_sheet_hbond.range_1_label_seq_id 
_pdbx_struct_sheet_hbond.range_1_PDB_ins_code 
_pdbx_struct_sheet_hbond.range_1_auth_atom_id 
_pdbx_struct_sheet_hbond.range_1_auth_comp_id 
_pdbx_struct_sheet_hbond.range_1_auth_asym_id 
_pdbx_struct_sheet_hbond.range_1_auth_seq_id 
_pdbx_struct_sheet_hbond.range_2_label_atom_id 
_pdbx_struct_sheet_hbond.range_2_label_comp_id 
_pdbx_struct_sheet_hbond.range_2_label_asym_id 
_pdbx_struct_sheet_hbond.range_2_label_seq_id 
_pdbx_struct_sheet_hbond.range_2_PDB_ins_code 
_pdbx_struct_sheet_hbond.range_2_auth_atom_id 
_pdbx_struct_sheet_hbond.range_2_auth_comp_id 
_pdbx_struct_sheet_hbond.range_2_auth_asym_id 
_pdbx_struct_sheet_hbond.range_2_auth_seq_id 
AA1 1 2  O THR A 64  ? O THR A 60  N SER A 57  ? N SER A 53  
AA1 2 3  O LYS A 56  ? O LYS A 52  N ILE A 45  ? N ILE A 41  
AA1 3 4  O MET A 44  ? O MET A 40  N TRP A 12  ? N TRP A 8   
AA1 4 5  N LYS A 13  ? N LYS A 9   O GLU A 133 ? O GLU A 129 
AA1 5 6  O SER A 128 ? O SER A 124 N CYS A 121 ? N CYS A 117 
AA1 6 7  O GLU A 120 ? O GLU A 116 N LYS A 109 ? N LYS A 105 
AA1 7 8  O LYS A 104 ? O LYS A 100 N TRP A 101 ? N TRP A 97  
AA1 8 9  O VAL A 96  ? O VAL A 92  N THR A 89  ? N THR A 85  
AA1 9 10 O SER A 86  ? O SER A 82  N PHE A 74  ? N PHE A 70  
# 
_pdbx_entry_details.entry_id                   7FXI 
_pdbx_entry_details.compound_details           ? 
_pdbx_entry_details.source_details             ? 
_pdbx_entry_details.nonpolymer_details         ? 
_pdbx_entry_details.sequence_details           ? 
_pdbx_entry_details.has_ligand_of_interest     Y 
_pdbx_entry_details.has_protein_modification   N 
# 
loop_
_pdbx_validate_torsion.id 
_pdbx_validate_torsion.PDB_model_num 
_pdbx_validate_torsion.auth_comp_id 
_pdbx_validate_torsion.auth_asym_id 
_pdbx_validate_torsion.auth_seq_id 
_pdbx_validate_torsion.PDB_ins_code 
_pdbx_validate_torsion.label_alt_id 
_pdbx_validate_torsion.phi 
_pdbx_validate_torsion.psi 
1 1 LYS A 37  ? ? -116.55 75.17   
2 1 ASP A 110 ? ? 49.86   -130.63 
3 1 LYS A 120 ? ? 58.33   -121.06 
# 
_pdbx_unobs_or_zero_occ_residues.id               1 
_pdbx_unobs_or_zero_occ_residues.PDB_model_num    1 
_pdbx_unobs_or_zero_occ_residues.polymer_flag     Y 
_pdbx_unobs_or_zero_occ_residues.occupancy_flag   1 
_pdbx_unobs_or_zero_occ_residues.auth_asym_id     A 
_pdbx_unobs_or_zero_occ_residues.auth_comp_id     GLY 
_pdbx_unobs_or_zero_occ_residues.auth_seq_id      -3 
_pdbx_unobs_or_zero_occ_residues.PDB_ins_code     ? 
_pdbx_unobs_or_zero_occ_residues.label_asym_id    A 
_pdbx_unobs_or_zero_occ_residues.label_comp_id    GLY 
_pdbx_unobs_or_zero_occ_residues.label_seq_id     1 
# 
loop_
_chem_comp_atom.comp_id 
_chem_comp_atom.atom_id 
_chem_comp_atom.type_symbol 
_chem_comp_atom.pdbx_aromatic_flag 
_chem_comp_atom.pdbx_stereo_config 
_chem_comp_atom.pdbx_ordinal 
ALA N    N  N N 1   
ALA CA   C  N S 2   
ALA C    C  N N 3   
ALA O    O  N N 4   
ALA CB   C  N N 5   
ALA OXT  O  N N 6   
ALA H    H  N N 7   
ALA H2   H  N N 8   
ALA HA   H  N N 9   
ALA HB1  H  N N 10  
ALA HB2  H  N N 11  
ALA HB3  H  N N 12  
ALA HXT  H  N N 13  
ARG N    N  N N 14  
ARG CA   C  N S 15  
ARG C    C  N N 16  
ARG O    O  N N 17  
ARG CB   C  N N 18  
ARG CG   C  N N 19  
ARG CD   C  N N 20  
ARG NE   N  N N 21  
ARG CZ   C  N N 22  
ARG NH1  N  N N 23  
ARG NH2  N  N N 24  
ARG OXT  O  N N 25  
ARG H    H  N N 26  
ARG H2   H  N N 27  
ARG HA   H  N N 28  
ARG HB2  H  N N 29  
ARG HB3  H  N N 30  
ARG HG2  H  N N 31  
ARG HG3  H  N N 32  
ARG HD2  H  N N 33  
ARG HD3  H  N N 34  
ARG HE   H  N N 35  
ARG HH11 H  N N 36  
ARG HH12 H  N N 37  
ARG HH21 H  N N 38  
ARG HH22 H  N N 39  
ARG HXT  H  N N 40  
ASN N    N  N N 41  
ASN CA   C  N S 42  
ASN C    C  N N 43  
ASN O    O  N N 44  
ASN CB   C  N N 45  
ASN CG   C  N N 46  
ASN OD1  O  N N 47  
ASN ND2  N  N N 48  
ASN OXT  O  N N 49  
ASN H    H  N N 50  
ASN H2   H  N N 51  
ASN HA   H  N N 52  
ASN HB2  H  N N 53  
ASN HB3  H  N N 54  
ASN HD21 H  N N 55  
ASN HD22 H  N N 56  
ASN HXT  H  N N 57  
ASP N    N  N N 58  
ASP CA   C  N S 59  
ASP C    C  N N 60  
ASP O    O  N N 61  
ASP CB   C  N N 62  
ASP CG   C  N N 63  
ASP OD1  O  N N 64  
ASP OD2  O  N N 65  
ASP OXT  O  N N 66  
ASP H    H  N N 67  
ASP H2   H  N N 68  
ASP HA   H  N N 69  
ASP HB2  H  N N 70  
ASP HB3  H  N N 71  
ASP HD2  H  N N 72  
ASP HXT  H  N N 73  
CL  CL   CL N N 74  
CYS N    N  N N 75  
CYS CA   C  N R 76  
CYS C    C  N N 77  
CYS O    O  N N 78  
CYS CB   C  N N 79  
CYS SG   S  N N 80  
CYS OXT  O  N N 81  
CYS H    H  N N 82  
CYS H2   H  N N 83  
CYS HA   H  N N 84  
CYS HB2  H  N N 85  
CYS HB3  H  N N 86  
CYS HG   H  N N 87  
CYS HXT  H  N N 88  
GLN N    N  N N 89  
GLN CA   C  N S 90  
GLN C    C  N N 91  
GLN O    O  N N 92  
GLN CB   C  N N 93  
GLN CG   C  N N 94  
GLN CD   C  N N 95  
GLN OE1  O  N N 96  
GLN NE2  N  N N 97  
GLN OXT  O  N N 98  
GLN H    H  N N 99  
GLN H2   H  N N 100 
GLN HA   H  N N 101 
GLN HB2  H  N N 102 
GLN HB3  H  N N 103 
GLN HG2  H  N N 104 
GLN HG3  H  N N 105 
GLN HE21 H  N N 106 
GLN HE22 H  N N 107 
GLN HXT  H  N N 108 
GLU N    N  N N 109 
GLU CA   C  N S 110 
GLU C    C  N N 111 
GLU O    O  N N 112 
GLU CB   C  N N 113 
GLU CG   C  N N 114 
GLU CD   C  N N 115 
GLU OE1  O  N N 116 
GLU OE2  O  N N 117 
GLU OXT  O  N N 118 
GLU H    H  N N 119 
GLU H2   H  N N 120 
GLU HA   H  N N 121 
GLU HB2  H  N N 122 
GLU HB3  H  N N 123 
GLU HG2  H  N N 124 
GLU HG3  H  N N 125 
GLU HE2  H  N N 126 
GLU HXT  H  N N 127 
GLY N    N  N N 128 
GLY CA   C  N N 129 
GLY C    C  N N 130 
GLY O    O  N N 131 
GLY OXT  O  N N 132 
GLY H    H  N N 133 
GLY H2   H  N N 134 
GLY HA2  H  N N 135 
GLY HA3  H  N N 136 
GLY HXT  H  N N 137 
HIS N    N  N N 138 
HIS CA   C  N S 139 
HIS C    C  N N 140 
HIS O    O  N N 141 
HIS CB   C  N N 142 
HIS CG   C  Y N 143 
HIS ND1  N  Y N 144 
HIS CD2  C  Y N 145 
HIS CE1  C  Y N 146 
HIS NE2  N  Y N 147 
HIS OXT  O  N N 148 
HIS H    H  N N 149 
HIS H2   H  N N 150 
HIS HA   H  N N 151 
HIS HB2  H  N N 152 
HIS HB3  H  N N 153 
HIS HD1  H  N N 154 
HIS HD2  H  N N 155 
HIS HE1  H  N N 156 
HIS HE2  H  N N 157 
HIS HXT  H  N N 158 
HOH O    O  N N 159 
HOH H1   H  N N 160 
HOH H2   H  N N 161 
ILE N    N  N N 162 
ILE CA   C  N S 163 
ILE C    C  N N 164 
ILE O    O  N N 165 
ILE CB   C  N S 166 
ILE CG1  C  N N 167 
ILE CG2  C  N N 168 
ILE CD1  C  N N 169 
ILE OXT  O  N N 170 
ILE H    H  N N 171 
ILE H2   H  N N 172 
ILE HA   H  N N 173 
ILE HB   H  N N 174 
ILE HG12 H  N N 175 
ILE HG13 H  N N 176 
ILE HG21 H  N N 177 
ILE HG22 H  N N 178 
ILE HG23 H  N N 179 
ILE HD11 H  N N 180 
ILE HD12 H  N N 181 
ILE HD13 H  N N 182 
ILE HXT  H  N N 183 
LEU N    N  N N 184 
LEU CA   C  N S 185 
LEU C    C  N N 186 
LEU O    O  N N 187 
LEU CB   C  N N 188 
LEU CG   C  N N 189 
LEU CD1  C  N N 190 
LEU CD2  C  N N 191 
LEU OXT  O  N N 192 
LEU H    H  N N 193 
LEU H2   H  N N 194 
LEU HA   H  N N 195 
LEU HB2  H  N N 196 
LEU HB3  H  N N 197 
LEU HG   H  N N 198 
LEU HD11 H  N N 199 
LEU HD12 H  N N 200 
LEU HD13 H  N N 201 
LEU HD21 H  N N 202 
LEU HD22 H  N N 203 
LEU HD23 H  N N 204 
LEU HXT  H  N N 205 
LYS N    N  N N 206 
LYS CA   C  N S 207 
LYS C    C  N N 208 
LYS O    O  N N 209 
LYS CB   C  N N 210 
LYS CG   C  N N 211 
LYS CD   C  N N 212 
LYS CE   C  N N 213 
LYS NZ   N  N N 214 
LYS OXT  O  N N 215 
LYS H    H  N N 216 
LYS H2   H  N N 217 
LYS HA   H  N N 218 
LYS HB2  H  N N 219 
LYS HB3  H  N N 220 
LYS HG2  H  N N 221 
LYS HG3  H  N N 222 
LYS HD2  H  N N 223 
LYS HD3  H  N N 224 
LYS HE2  H  N N 225 
LYS HE3  H  N N 226 
LYS HZ1  H  N N 227 
LYS HZ2  H  N N 228 
LYS HZ3  H  N N 229 
LYS HXT  H  N N 230 
MET N    N  N N 231 
MET CA   C  N S 232 
MET C    C  N N 233 
MET O    O  N N 234 
MET CB   C  N N 235 
MET CG   C  N N 236 
MET SD   S  N N 237 
MET CE   C  N N 238 
MET OXT  O  N N 239 
MET H    H  N N 240 
MET H2   H  N N 241 
MET HA   H  N N 242 
MET HB2  H  N N 243 
MET HB3  H  N N 244 
MET HG2  H  N N 245 
MET HG3  H  N N 246 
MET HE1  H  N N 247 
MET HE2  H  N N 248 
MET HE3  H  N N 249 
MET HXT  H  N N 250 
PHE N    N  N N 251 
PHE CA   C  N S 252 
PHE C    C  N N 253 
PHE O    O  N N 254 
PHE CB   C  N N 255 
PHE CG   C  Y N 256 
PHE CD1  C  Y N 257 
PHE CD2  C  Y N 258 
PHE CE1  C  Y N 259 
PHE CE2  C  Y N 260 
PHE CZ   C  Y N 261 
PHE OXT  O  N N 262 
PHE H    H  N N 263 
PHE H2   H  N N 264 
PHE HA   H  N N 265 
PHE HB2  H  N N 266 
PHE HB3  H  N N 267 
PHE HD1  H  N N 268 
PHE HD2  H  N N 269 
PHE HE1  H  N N 270 
PHE HE2  H  N N 271 
PHE HZ   H  N N 272 
PHE HXT  H  N N 273 
PRO N    N  N N 274 
PRO CA   C  N S 275 
PRO C    C  N N 276 
PRO O    O  N N 277 
PRO CB   C  N N 278 
PRO CG   C  N N 279 
PRO CD   C  N N 280 
PRO OXT  O  N N 281 
PRO H    H  N N 282 
PRO HA   H  N N 283 
PRO HB2  H  N N 284 
PRO HB3  H  N N 285 
PRO HG2  H  N N 286 
PRO HG3  H  N N 287 
PRO HD2  H  N N 288 
PRO HD3  H  N N 289 
PRO HXT  H  N N 290 
RJM C1   C  N N 291 
RJM O2   O  N N 292 
RJM O3   O  N N 293 
RJM C4   C  N N 294 
RJM O5   O  N N 295 
RJM N6   N  N N 296 
RJM C7   C  Y N 297 
RJM C8   C  Y N 298 
RJM C9   C  Y N 299 
RJM C10  C  Y N 300 
RJM C11  C  Y N 301 
RJM C12  C  Y N 302 
RJM C13  C  Y N 303 
RJM C14  C  Y N 304 
RJM C15  C  Y N 305 
RJM C16  C  Y N 306 
RJM C17  C  Y N 307 
RJM C18  C  Y N 308 
RJM C19  C  N S 309 
RJM C20  C  N R 310 
RJM C21  C  N N 311 
RJM C22  C  N N 312 
RJM C23  C  N N 313 
RJM H1   H  N N 314 
RJM H2   H  N N 315 
RJM H3   H  N N 316 
RJM H4   H  N N 317 
RJM H5   H  N N 318 
RJM H6   H  N N 319 
RJM H7   H  N N 320 
RJM H8   H  N N 321 
RJM H9   H  N N 322 
RJM H10  H  N N 323 
RJM H11  H  N N 324 
RJM H12  H  N N 325 
RJM H13  H  N N 326 
RJM H14  H  N N 327 
RJM H15  H  N N 328 
RJM H16  H  N N 329 
RJM H17  H  N N 330 
RJM H18  H  N N 331 
RJM H19  H  N N 332 
SER N    N  N N 333 
SER CA   C  N S 334 
SER C    C  N N 335 
SER O    O  N N 336 
SER CB   C  N N 337 
SER OG   O  N N 338 
SER OXT  O  N N 339 
SER H    H  N N 340 
SER H2   H  N N 341 
SER HA   H  N N 342 
SER HB2  H  N N 343 
SER HB3  H  N N 344 
SER HG   H  N N 345 
SER HXT  H  N N 346 
SO4 S    S  N N 347 
SO4 O1   O  N N 348 
SO4 O2   O  N N 349 
SO4 O3   O  N N 350 
SO4 O4   O  N N 351 
THR N    N  N N 352 
THR CA   C  N S 353 
THR C    C  N N 354 
THR O    O  N N 355 
THR CB   C  N R 356 
THR OG1  O  N N 357 
THR CG2  C  N N 358 
THR OXT  O  N N 359 
THR H    H  N N 360 
THR H2   H  N N 361 
THR HA   H  N N 362 
THR HB   H  N N 363 
THR HG1  H  N N 364 
THR HG21 H  N N 365 
THR HG22 H  N N 366 
THR HG23 H  N N 367 
THR HXT  H  N N 368 
TRP N    N  N N 369 
TRP CA   C  N S 370 
TRP C    C  N N 371 
TRP O    O  N N 372 
TRP CB   C  N N 373 
TRP CG   C  Y N 374 
TRP CD1  C  Y N 375 
TRP CD2  C  Y N 376 
TRP NE1  N  Y N 377 
TRP CE2  C  Y N 378 
TRP CE3  C  Y N 379 
TRP CZ2  C  Y N 380 
TRP CZ3  C  Y N 381 
TRP CH2  C  Y N 382 
TRP OXT  O  N N 383 
TRP H    H  N N 384 
TRP H2   H  N N 385 
TRP HA   H  N N 386 
TRP HB2  H  N N 387 
TRP HB3  H  N N 388 
TRP HD1  H  N N 389 
TRP HE1  H  N N 390 
TRP HE3  H  N N 391 
TRP HZ2  H  N N 392 
TRP HZ3  H  N N 393 
TRP HH2  H  N N 394 
TRP HXT  H  N N 395 
TYR N    N  N N 396 
TYR CA   C  N S 397 
TYR C    C  N N 398 
TYR O    O  N N 399 
TYR CB   C  N N 400 
TYR CG   C  Y N 401 
TYR CD1  C  Y N 402 
TYR CD2  C  Y N 403 
TYR CE1  C  Y N 404 
TYR CE2  C  Y N 405 
TYR CZ   C  Y N 406 
TYR OH   O  N N 407 
TYR OXT  O  N N 408 
TYR H    H  N N 409 
TYR H2   H  N N 410 
TYR HA   H  N N 411 
TYR HB2  H  N N 412 
TYR HB3  H  N N 413 
TYR HD1  H  N N 414 
TYR HD2  H  N N 415 
TYR HE1  H  N N 416 
TYR HE2  H  N N 417 
TYR HH   H  N N 418 
TYR HXT  H  N N 419 
VAL N    N  N N 420 
VAL CA   C  N S 421 
VAL C    C  N N 422 
VAL O    O  N N 423 
VAL CB   C  N N 424 
VAL CG1  C  N N 425 
VAL CG2  C  N N 426 
VAL OXT  O  N N 427 
VAL H    H  N N 428 
VAL H2   H  N N 429 
VAL HA   H  N N 430 
VAL HB   H  N N 431 
VAL HG11 H  N N 432 
VAL HG12 H  N N 433 
VAL HG13 H  N N 434 
VAL HG21 H  N N 435 
VAL HG22 H  N N 436 
VAL HG23 H  N N 437 
VAL HXT  H  N N 438 
# 
loop_
_chem_comp_bond.comp_id 
_chem_comp_bond.atom_id_1 
_chem_comp_bond.atom_id_2 
_chem_comp_bond.value_order 
_chem_comp_bond.pdbx_aromatic_flag 
_chem_comp_bond.pdbx_stereo_config 
_chem_comp_bond.pdbx_ordinal 
ALA N   CA   sing N N 1   
ALA N   H    sing N N 2   
ALA N   H2   sing N N 3   
ALA CA  C    sing N N 4   
ALA CA  CB   sing N N 5   
ALA CA  HA   sing N N 6   
ALA C   O    doub N N 7   
ALA C   OXT  sing N N 8   
ALA CB  HB1  sing N N 9   
ALA CB  HB2  sing N N 10  
ALA CB  HB3  sing N N 11  
ALA OXT HXT  sing N N 12  
ARG N   CA   sing N N 13  
ARG N   H    sing N N 14  
ARG N   H2   sing N N 15  
ARG CA  C    sing N N 16  
ARG CA  CB   sing N N 17  
ARG CA  HA   sing N N 18  
ARG C   O    doub N N 19  
ARG C   OXT  sing N N 20  
ARG CB  CG   sing N N 21  
ARG CB  HB2  sing N N 22  
ARG CB  HB3  sing N N 23  
ARG CG  CD   sing N N 24  
ARG CG  HG2  sing N N 25  
ARG CG  HG3  sing N N 26  
ARG CD  NE   sing N N 27  
ARG CD  HD2  sing N N 28  
ARG CD  HD3  sing N N 29  
ARG NE  CZ   sing N N 30  
ARG NE  HE   sing N N 31  
ARG CZ  NH1  sing N N 32  
ARG CZ  NH2  doub N N 33  
ARG NH1 HH11 sing N N 34  
ARG NH1 HH12 sing N N 35  
ARG NH2 HH21 sing N N 36  
ARG NH2 HH22 sing N N 37  
ARG OXT HXT  sing N N 38  
ASN N   CA   sing N N 39  
ASN N   H    sing N N 40  
ASN N   H2   sing N N 41  
ASN CA  C    sing N N 42  
ASN CA  CB   sing N N 43  
ASN CA  HA   sing N N 44  
ASN C   O    doub N N 45  
ASN C   OXT  sing N N 46  
ASN CB  CG   sing N N 47  
ASN CB  HB2  sing N N 48  
ASN CB  HB3  sing N N 49  
ASN CG  OD1  doub N N 50  
ASN CG  ND2  sing N N 51  
ASN ND2 HD21 sing N N 52  
ASN ND2 HD22 sing N N 53  
ASN OXT HXT  sing N N 54  
ASP N   CA   sing N N 55  
ASP N   H    sing N N 56  
ASP N   H2   sing N N 57  
ASP CA  C    sing N N 58  
ASP CA  CB   sing N N 59  
ASP CA  HA   sing N N 60  
ASP C   O    doub N N 61  
ASP C   OXT  sing N N 62  
ASP CB  CG   sing N N 63  
ASP CB  HB2  sing N N 64  
ASP CB  HB3  sing N N 65  
ASP CG  OD1  doub N N 66  
ASP CG  OD2  sing N N 67  
ASP OD2 HD2  sing N N 68  
ASP OXT HXT  sing N N 69  
CYS N   CA   sing N N 70  
CYS N   H    sing N N 71  
CYS N   H2   sing N N 72  
CYS CA  C    sing N N 73  
CYS CA  CB   sing N N 74  
CYS CA  HA   sing N N 75  
CYS C   O    doub N N 76  
CYS C   OXT  sing N N 77  
CYS CB  SG   sing N N 78  
CYS CB  HB2  sing N N 79  
CYS CB  HB3  sing N N 80  
CYS SG  HG   sing N N 81  
CYS OXT HXT  sing N N 82  
GLN N   CA   sing N N 83  
GLN N   H    sing N N 84  
GLN N   H2   sing N N 85  
GLN CA  C    sing N N 86  
GLN CA  CB   sing N N 87  
GLN CA  HA   sing N N 88  
GLN C   O    doub N N 89  
GLN C   OXT  sing N N 90  
GLN CB  CG   sing N N 91  
GLN CB  HB2  sing N N 92  
GLN CB  HB3  sing N N 93  
GLN CG  CD   sing N N 94  
GLN CG  HG2  sing N N 95  
GLN CG  HG3  sing N N 96  
GLN CD  OE1  doub N N 97  
GLN CD  NE2  sing N N 98  
GLN NE2 HE21 sing N N 99  
GLN NE2 HE22 sing N N 100 
GLN OXT HXT  sing N N 101 
GLU N   CA   sing N N 102 
GLU N   H    sing N N 103 
GLU N   H2   sing N N 104 
GLU CA  C    sing N N 105 
GLU CA  CB   sing N N 106 
GLU CA  HA   sing N N 107 
GLU C   O    doub N N 108 
GLU C   OXT  sing N N 109 
GLU CB  CG   sing N N 110 
GLU CB  HB2  sing N N 111 
GLU CB  HB3  sing N N 112 
GLU CG  CD   sing N N 113 
GLU CG  HG2  sing N N 114 
GLU CG  HG3  sing N N 115 
GLU CD  OE1  doub N N 116 
GLU CD  OE2  sing N N 117 
GLU OE2 HE2  sing N N 118 
GLU OXT HXT  sing N N 119 
GLY N   CA   sing N N 120 
GLY N   H    sing N N 121 
GLY N   H2   sing N N 122 
GLY CA  C    sing N N 123 
GLY CA  HA2  sing N N 124 
GLY CA  HA3  sing N N 125 
GLY C   O    doub N N 126 
GLY C   OXT  sing N N 127 
GLY OXT HXT  sing N N 128 
HIS N   CA   sing N N 129 
HIS N   H    sing N N 130 
HIS N   H2   sing N N 131 
HIS CA  C    sing N N 132 
HIS CA  CB   sing N N 133 
HIS CA  HA   sing N N 134 
HIS C   O    doub N N 135 
HIS C   OXT  sing N N 136 
HIS CB  CG   sing N N 137 
HIS CB  HB2  sing N N 138 
HIS CB  HB3  sing N N 139 
HIS CG  ND1  sing Y N 140 
HIS CG  CD2  doub Y N 141 
HIS ND1 CE1  doub Y N 142 
HIS ND1 HD1  sing N N 143 
HIS CD2 NE2  sing Y N 144 
HIS CD2 HD2  sing N N 145 
HIS CE1 NE2  sing Y N 146 
HIS CE1 HE1  sing N N 147 
HIS NE2 HE2  sing N N 148 
HIS OXT HXT  sing N N 149 
HOH O   H1   sing N N 150 
HOH O   H2   sing N N 151 
ILE N   CA   sing N N 152 
ILE N   H    sing N N 153 
ILE N   H2   sing N N 154 
ILE CA  C    sing N N 155 
ILE CA  CB   sing N N 156 
ILE CA  HA   sing N N 157 
ILE C   O    doub N N 158 
ILE C   OXT  sing N N 159 
ILE CB  CG1  sing N N 160 
ILE CB  CG2  sing N N 161 
ILE CB  HB   sing N N 162 
ILE CG1 CD1  sing N N 163 
ILE CG1 HG12 sing N N 164 
ILE CG1 HG13 sing N N 165 
ILE CG2 HG21 sing N N 166 
ILE CG2 HG22 sing N N 167 
ILE CG2 HG23 sing N N 168 
ILE CD1 HD11 sing N N 169 
ILE CD1 HD12 sing N N 170 
ILE CD1 HD13 sing N N 171 
ILE OXT HXT  sing N N 172 
LEU N   CA   sing N N 173 
LEU N   H    sing N N 174 
LEU N   H2   sing N N 175 
LEU CA  C    sing N N 176 
LEU CA  CB   sing N N 177 
LEU CA  HA   sing N N 178 
LEU C   O    doub N N 179 
LEU C   OXT  sing N N 180 
LEU CB  CG   sing N N 181 
LEU CB  HB2  sing N N 182 
LEU CB  HB3  sing N N 183 
LEU CG  CD1  sing N N 184 
LEU CG  CD2  sing N N 185 
LEU CG  HG   sing N N 186 
LEU CD1 HD11 sing N N 187 
LEU CD1 HD12 sing N N 188 
LEU CD1 HD13 sing N N 189 
LEU CD2 HD21 sing N N 190 
LEU CD2 HD22 sing N N 191 
LEU CD2 HD23 sing N N 192 
LEU OXT HXT  sing N N 193 
LYS N   CA   sing N N 194 
LYS N   H    sing N N 195 
LYS N   H2   sing N N 196 
LYS CA  C    sing N N 197 
LYS CA  CB   sing N N 198 
LYS CA  HA   sing N N 199 
LYS C   O    doub N N 200 
LYS C   OXT  sing N N 201 
LYS CB  CG   sing N N 202 
LYS CB  HB2  sing N N 203 
LYS CB  HB3  sing N N 204 
LYS CG  CD   sing N N 205 
LYS CG  HG2  sing N N 206 
LYS CG  HG3  sing N N 207 
LYS CD  CE   sing N N 208 
LYS CD  HD2  sing N N 209 
LYS CD  HD3  sing N N 210 
LYS CE  NZ   sing N N 211 
LYS CE  HE2  sing N N 212 
LYS CE  HE3  sing N N 213 
LYS NZ  HZ1  sing N N 214 
LYS NZ  HZ2  sing N N 215 
LYS NZ  HZ3  sing N N 216 
LYS OXT HXT  sing N N 217 
MET N   CA   sing N N 218 
MET N   H    sing N N 219 
MET N   H2   sing N N 220 
MET CA  C    sing N N 221 
MET CA  CB   sing N N 222 
MET CA  HA   sing N N 223 
MET C   O    doub N N 224 
MET C   OXT  sing N N 225 
MET CB  CG   sing N N 226 
MET CB  HB2  sing N N 227 
MET CB  HB3  sing N N 228 
MET CG  SD   sing N N 229 
MET CG  HG2  sing N N 230 
MET CG  HG3  sing N N 231 
MET SD  CE   sing N N 232 
MET CE  HE1  sing N N 233 
MET CE  HE2  sing N N 234 
MET CE  HE3  sing N N 235 
MET OXT HXT  sing N N 236 
PHE N   CA   sing N N 237 
PHE N   H    sing N N 238 
PHE N   H2   sing N N 239 
PHE CA  C    sing N N 240 
PHE CA  CB   sing N N 241 
PHE CA  HA   sing N N 242 
PHE C   O    doub N N 243 
PHE C   OXT  sing N N 244 
PHE CB  CG   sing N N 245 
PHE CB  HB2  sing N N 246 
PHE CB  HB3  sing N N 247 
PHE CG  CD1  doub Y N 248 
PHE CG  CD2  sing Y N 249 
PHE CD1 CE1  sing Y N 250 
PHE CD1 HD1  sing N N 251 
PHE CD2 CE2  doub Y N 252 
PHE CD2 HD2  sing N N 253 
PHE CE1 CZ   doub Y N 254 
PHE CE1 HE1  sing N N 255 
PHE CE2 CZ   sing Y N 256 
PHE CE2 HE2  sing N N 257 
PHE CZ  HZ   sing N N 258 
PHE OXT HXT  sing N N 259 
PRO N   CA   sing N N 260 
PRO N   CD   sing N N 261 
PRO N   H    sing N N 262 
PRO CA  C    sing N N 263 
PRO CA  CB   sing N N 264 
PRO CA  HA   sing N N 265 
PRO C   O    doub N N 266 
PRO C   OXT  sing N N 267 
PRO CB  CG   sing N N 268 
PRO CB  HB2  sing N N 269 
PRO CB  HB3  sing N N 270 
PRO CG  CD   sing N N 271 
PRO CG  HG2  sing N N 272 
PRO CG  HG3  sing N N 273 
PRO CD  HD2  sing N N 274 
PRO CD  HD3  sing N N 275 
PRO OXT HXT  sing N N 276 
RJM C1  O2   doub N N 277 
RJM C1  O3   sing N N 278 
RJM C1  C19  sing N N 279 
RJM C4  O5   doub N N 280 
RJM C4  N6   sing N N 281 
RJM C4  C20  sing N N 282 
RJM N6  C7   sing N N 283 
RJM C7  C8   doub Y N 284 
RJM C7  C12  sing Y N 285 
RJM C8  C9   sing Y N 286 
RJM C9  C10  doub Y N 287 
RJM C10 C11  sing Y N 288 
RJM C11 C12  doub Y N 289 
RJM C12 C13  sing N N 290 
RJM C13 C14  doub Y N 291 
RJM C13 C18  sing Y N 292 
RJM C14 C15  sing Y N 293 
RJM C15 C16  doub Y N 294 
RJM C16 C17  sing Y N 295 
RJM C17 C18  doub Y N 296 
RJM C19 C20  sing N N 297 
RJM C19 C21  sing N N 298 
RJM C20 C21  sing N N 299 
RJM C21 C22  sing N N 300 
RJM C21 C23  sing N N 301 
RJM O3  H1   sing N N 302 
RJM N6  H2   sing N N 303 
RJM C8  H3   sing N N 304 
RJM C9  H4   sing N N 305 
RJM C10 H5   sing N N 306 
RJM C11 H6   sing N N 307 
RJM C14 H7   sing N N 308 
RJM C15 H8   sing N N 309 
RJM C16 H9   sing N N 310 
RJM C17 H10  sing N N 311 
RJM C18 H11  sing N N 312 
RJM C19 H12  sing N N 313 
RJM C20 H13  sing N N 314 
RJM C22 H14  sing N N 315 
RJM C22 H15  sing N N 316 
RJM C22 H16  sing N N 317 
RJM C23 H17  sing N N 318 
RJM C23 H18  sing N N 319 
RJM C23 H19  sing N N 320 
SER N   CA   sing N N 321 
SER N   H    sing N N 322 
SER N   H2   sing N N 323 
SER CA  C    sing N N 324 
SER CA  CB   sing N N 325 
SER CA  HA   sing N N 326 
SER C   O    doub N N 327 
SER C   OXT  sing N N 328 
SER CB  OG   sing N N 329 
SER CB  HB2  sing N N 330 
SER CB  HB3  sing N N 331 
SER OG  HG   sing N N 332 
SER OXT HXT  sing N N 333 
SO4 S   O1   doub N N 334 
SO4 S   O2   doub N N 335 
SO4 S   O3   sing N N 336 
SO4 S   O4   sing N N 337 
THR N   CA   sing N N 338 
THR N   H    sing N N 339 
THR N   H2   sing N N 340 
THR CA  C    sing N N 341 
THR CA  CB   sing N N 342 
THR CA  HA   sing N N 343 
THR C   O    doub N N 344 
THR C   OXT  sing N N 345 
THR CB  OG1  sing N N 346 
THR CB  CG2  sing N N 347 
THR CB  HB   sing N N 348 
THR OG1 HG1  sing N N 349 
THR CG2 HG21 sing N N 350 
THR CG2 HG22 sing N N 351 
THR CG2 HG23 sing N N 352 
THR OXT HXT  sing N N 353 
TRP N   CA   sing N N 354 
TRP N   H    sing N N 355 
TRP N   H2   sing N N 356 
TRP CA  C    sing N N 357 
TRP CA  CB   sing N N 358 
TRP CA  HA   sing N N 359 
TRP C   O    doub N N 360 
TRP C   OXT  sing N N 361 
TRP CB  CG   sing N N 362 
TRP CB  HB2  sing N N 363 
TRP CB  HB3  sing N N 364 
TRP CG  CD1  doub Y N 365 
TRP CG  CD2  sing Y N 366 
TRP CD1 NE1  sing Y N 367 
TRP CD1 HD1  sing N N 368 
TRP CD2 CE2  doub Y N 369 
TRP CD2 CE3  sing Y N 370 
TRP NE1 CE2  sing Y N 371 
TRP NE1 HE1  sing N N 372 
TRP CE2 CZ2  sing Y N 373 
TRP CE3 CZ3  doub Y N 374 
TRP CE3 HE3  sing N N 375 
TRP CZ2 CH2  doub Y N 376 
TRP CZ2 HZ2  sing N N 377 
TRP CZ3 CH2  sing Y N 378 
TRP CZ3 HZ3  sing N N 379 
TRP CH2 HH2  sing N N 380 
TRP OXT HXT  sing N N 381 
TYR N   CA   sing N N 382 
TYR N   H    sing N N 383 
TYR N   H2   sing N N 384 
TYR CA  C    sing N N 385 
TYR CA  CB   sing N N 386 
TYR CA  HA   sing N N 387 
TYR C   O    doub N N 388 
TYR C   OXT  sing N N 389 
TYR CB  CG   sing N N 390 
TYR CB  HB2  sing N N 391 
TYR CB  HB3  sing N N 392 
TYR CG  CD1  doub Y N 393 
TYR CG  CD2  sing Y N 394 
TYR CD1 CE1  sing Y N 395 
TYR CD1 HD1  sing N N 396 
TYR CD2 CE2  doub Y N 397 
TYR CD2 HD2  sing N N 398 
TYR CE1 CZ   doub Y N 399 
TYR CE1 HE1  sing N N 400 
TYR CE2 CZ   sing Y N 401 
TYR CE2 HE2  sing N N 402 
TYR CZ  OH   sing N N 403 
TYR OH  HH   sing N N 404 
TYR OXT HXT  sing N N 405 
VAL N   CA   sing N N 406 
VAL N   H    sing N N 407 
VAL N   H2   sing N N 408 
VAL CA  C    sing N N 409 
VAL CA  CB   sing N N 410 
VAL CA  HA   sing N N 411 
VAL C   O    doub N N 412 
VAL C   OXT  sing N N 413 
VAL CB  CG1  sing N N 414 
VAL CB  CG2  sing N N 415 
VAL CB  HB   sing N N 416 
VAL CG1 HG11 sing N N 417 
VAL CG1 HG12 sing N N 418 
VAL CG1 HG13 sing N N 419 
VAL CG2 HG21 sing N N 420 
VAL CG2 HG22 sing N N 421 
VAL CG2 HG23 sing N N 422 
VAL OXT HXT  sing N N 423 
# 
_pdbx_audit_support.ordinal                1 
_pdbx_audit_support.funding_organization   'F. Hoffmann-La Roche LTD' 
_pdbx_audit_support.grant_number           ? 
_pdbx_audit_support.country                Switzerland 
# 
_pdbx_deposit_group.group_id            G_1002264 
_pdbx_deposit_group.group_description   'A set of fabp crystal structures' 
_pdbx_deposit_group.group_title         'To be published' 
_pdbx_deposit_group.group_type          undefined 
# 
_pdbx_initial_refinement_model.accession_code   ? 
_pdbx_initial_refinement_model.id               1 
_pdbx_initial_refinement_model.entity_id_list   ? 
_pdbx_initial_refinement_model.type             other 
_pdbx_initial_refinement_model.source_name      ? 
_pdbx_initial_refinement_model.details          'inhouse model' 
# 
_atom_sites.entry_id                    7FXI 
_atom_sites.fract_transf_matrix[1][1]   -0.01149237 
_atom_sites.fract_transf_matrix[1][2]   0.02362591 
_atom_sites.fract_transf_matrix[1][3]   0.01357369 
_atom_sites.fract_transf_matrix[2][1]   0.00232460 
_atom_sites.fract_transf_matrix[2][2]   -0.00811781 
_atom_sites.fract_transf_matrix[2][3]   0.01609774 
_atom_sites.fract_transf_matrix[3][1]   0.01232851 
_atom_sites.fract_transf_matrix[3][2]   0.00544287 
_atom_sites.fract_transf_matrix[3][3]   0.00096444 
_atom_sites.fract_transf_vector[1]      0.235477 
_atom_sites.fract_transf_vector[2]      0.184391 
_atom_sites.fract_transf_vector[3]      0.202223 
# 
loop_
_atom_type.symbol 
C  
CL 
N  
O  
S  
# 
loop_
_atom_site.group_PDB 
_atom_site.id 
_atom_site.type_symbol 
_atom_site.label_atom_id 
_atom_site.label_alt_id 
_atom_site.label_comp_id 
_atom_site.label_asym_id 
_atom_site.label_entity_id 
_atom_site.label_seq_id 
_atom_site.pdbx_PDB_ins_code 
_atom_site.Cartn_x 
_atom_site.Cartn_y 
_atom_site.Cartn_z 
_atom_site.occupancy 
_atom_site.B_iso_or_equiv 
_atom_site.pdbx_formal_charge 
_atom_site.auth_seq_id 
_atom_site.auth_comp_id 
_atom_site.auth_asym_id 
_atom_site.auth_atom_id 
_atom_site.pdbx_PDB_model_num 
ATOM   1    N  N   . SER A 1 2   ? -18.440 -11.171 5.616   1.00 64.02 ? -2  SER A N   1 
ATOM   2    C  CA  . SER A 1 2   ? -19.040 -10.889 6.951   1.00 56.56 ? -2  SER A CA  1 
ATOM   3    C  C   . SER A 1 2   ? -18.092 -10.043 7.820   1.00 58.52 ? -2  SER A C   1 
ATOM   4    O  O   . SER A 1 2   ? -18.101 -10.150 9.049   1.00 56.14 ? -2  SER A O   1 
ATOM   5    C  CB  . SER A 1 2   ? -19.412 -12.210 7.649   1.00 57.89 ? -2  SER A CB  1 
ATOM   6    O  OG  . SER A 1 2   ? -18.285 -13.048 7.864   1.00 59.89 ? -2  SER A OG  1 
ATOM   7    N  N   . HIS A 1 3   ? -17.308 -9.178  7.165   1.00 55.45 ? -1  HIS A N   1 
ATOM   8    C  CA  . HIS A 1 3   ? -16.272 -8.343  7.804   1.00 56.01 ? -1  HIS A CA  1 
ATOM   9    C  C   . HIS A 1 3   ? -16.391 -6.887  7.293   1.00 55.68 ? -1  HIS A C   1 
ATOM   10   O  O   . HIS A 1 3   ? -17.079 -6.607  6.299   1.00 51.71 ? -1  HIS A O   1 
ATOM   11   C  CB  . HIS A 1 3   ? -14.883 -8.933  7.490   1.00 56.62 ? -1  HIS A CB  1 
ATOM   12   C  CG  . HIS A 1 3   ? -13.764 -8.375  8.321   1.00 64.74 ? -1  HIS A CG  1 
ATOM   13   N  ND1 . HIS A 1 3   ? -13.010 -7.291  7.923   1.00 60.21 ? -1  HIS A ND1 1 
ATOM   14   C  CD2 . HIS A 1 3   ? -13.241 -8.776  9.507   1.00 66.29 ? -1  HIS A CD2 1 
ATOM   15   C  CE1 . HIS A 1 3   ? -12.088 -7.031  8.836   1.00 66.78 ? -1  HIS A CE1 1 
ATOM   16   N  NE2 . HIS A 1 3   ? -12.205 -7.920  9.807   1.00 69.64 ? -1  HIS A NE2 1 
ATOM   17   N  N   . MET A 1 4   ? -15.749 -5.958  7.995   1.00 56.82 ? 0   MET A N   1 
ATOM   18   C  CA  . MET A 1 4   ? -15.734 -4.551  7.581   1.00 59.91 ? 0   MET A CA  1 
ATOM   19   C  C   . MET A 1 4   ? -14.752 -4.352  6.402   1.00 58.17 ? 0   MET A C   1 
ATOM   20   O  O   . MET A 1 4   ? -14.999 -3.532  5.506   1.00 59.89 ? 0   MET A O   1 
ATOM   21   C  CB  . MET A 1 4   ? -15.395 -3.649  8.786   1.00 61.92 ? 0   MET A CB  1 
ATOM   22   C  CG  . MET A 1 4   ? -15.820 -2.167  8.657   1.00 62.24 ? 0   MET A CG  1 
ATOM   23   S  SD  . MET A 1 4   ? -17.568 -1.815  8.274   1.00 57.73 ? 0   MET A SD  1 
ATOM   24   C  CE  . MET A 1 4   ? -17.349 -0.190  7.540   1.00 62.61 ? 0   MET A CE  1 
ATOM   25   N  N   . CYS A 1 5   ? -13.662 -5.122  6.395   1.00 50.86 ? 1   CYS A N   1 
ATOM   26   C  CA  . CYS A 1 5   ? -12.731 -5.157  5.257   1.00 44.79 ? 1   CYS A CA  1 
ATOM   27   C  C   . CYS A 1 5   ? -13.291 -5.859  4.025   1.00 41.57 ? 1   CYS A C   1 
ATOM   28   O  O   . CYS A 1 5   ? -12.613 -5.904  2.996   1.00 36.55 ? 1   CYS A O   1 
ATOM   29   C  CB  . CYS A 1 5   ? -11.389 -5.806  5.639   1.00 43.75 ? 1   CYS A CB  1 
ATOM   30   S  SG  . CYS A 1 5   ? -10.382 -4.833  6.750   1.00 47.85 ? 1   CYS A SG  1 
ATOM   31   N  N   . ASP A 1 6   ? -14.497 -6.426  4.107   1.00 41.40 ? 2   ASP A N   1 
ATOM   32   C  CA  . ASP A 1 6   ? -15.171 -6.998  2.925   1.00 45.65 ? 2   ASP A CA  1 
ATOM   33   C  C   . ASP A 1 6   ? -15.271 -6.078  1.695   1.00 41.47 ? 2   ASP A C   1 
ATOM   34   O  O   . ASP A 1 6   ? -15.244 -6.575  0.577   1.00 43.57 ? 2   ASP A O   1 
ATOM   35   C  CB  . ASP A 1 6   ? -16.570 -7.534  3.281   1.00 51.09 ? 2   ASP A CB  1 
ATOM   36   C  CG  . ASP A 1 6   ? -16.537 -8.988  3.799   1.00 55.91 ? 2   ASP A CG  1 
ATOM   37   O  OD1 . ASP A 1 6   ? -15.437 -9.526  4.101   1.00 57.97 ? 2   ASP A OD1 1 
ATOM   38   O  OD2 . ASP A 1 6   ? -17.627 -9.597  3.899   1.00 60.83 ? 2   ASP A OD2 1 
ATOM   39   N  N   . ALA A 1 7   ? -15.398 -4.763  1.908   1.00 42.61 ? 3   ALA A N   1 
ATOM   40   C  CA  . ALA A 1 7   ? -15.376 -3.771  0.812   1.00 38.88 ? 3   ALA A CA  1 
ATOM   41   C  C   . ALA A 1 7   ? -14.054 -3.828  0.022   1.00 31.06 ? 3   ALA A C   1 
ATOM   42   O  O   . ALA A 1 7   ? -14.015 -3.575  -1.186  1.00 33.73 ? 3   ALA A O   1 
ATOM   43   C  CB  . ALA A 1 7   ? -15.591 -2.352  1.364   1.00 41.08 ? 3   ALA A CB  1 
ATOM   44   N  N   . PHE A 1 8   ? -12.979 -4.198  0.717   1.00 29.23 ? 4   PHE A N   1 
ATOM   45   C  CA  . PHE A 1 8   ? -11.636 -4.236  0.126   1.00 28.35 ? 4   PHE A CA  1 
ATOM   46   C  C   . PHE A 1 8   ? -11.284 -5.592  -0.479  1.00 25.52 ? 4   PHE A C   1 
ATOM   47   O  O   . PHE A 1 8   ? -10.338 -5.684  -1.242  1.00 25.96 ? 4   PHE A O   1 
ATOM   48   C  CB  . PHE A 1 8   ? -10.570 -3.924  1.188   1.00 31.36 ? 4   PHE A CB  1 
ATOM   49   C  CG  . PHE A 1 8   ? -10.691 -2.560  1.769   1.00 29.00 ? 4   PHE A CG  1 
ATOM   50   C  CD1 . PHE A 1 8   ? -10.266 -1.469  1.050   1.00 29.04 ? 4   PHE A CD1 1 
ATOM   51   C  CD2 . PHE A 1 8   ? -11.258 -2.366  3.010   1.00 31.43 ? 4   PHE A CD2 1 
ATOM   52   C  CE1 . PHE A 1 8   ? -10.388 -0.186  1.559   1.00 29.62 ? 4   PHE A CE1 1 
ATOM   53   C  CE2 . PHE A 1 8   ? -11.376 -1.087  3.535   1.00 33.45 ? 4   PHE A CE2 1 
ATOM   54   C  CZ  . PHE A 1 8   ? -10.940 0.004   2.795   1.00 30.62 ? 4   PHE A CZ  1 
ATOM   55   N  N   . VAL A 1 9   ? -12.025 -6.634  -0.118  1.00 27.87 ? 5   VAL A N   1 
ATOM   56   C  CA  . VAL A 1 9   ? -11.638 -7.981  -0.512  1.00 26.15 ? 5   VAL A CA  1 
ATOM   57   C  C   . VAL A 1 9   ? -11.770 -8.179  -2.019  1.00 26.97 ? 5   VAL A C   1 
ATOM   58   O  O   . VAL A 1 9   ? -12.750 -7.732  -2.641  1.00 29.60 ? 5   VAL A O   1 
ATOM   59   C  CB  . VAL A 1 9   ? -12.419 -9.055  0.281   1.00 26.51 ? 5   VAL A CB  1 
ATOM   60   C  CG1 . VAL A 1 9   ? -12.324 -10.415 -0.390  1.00 26.98 ? 5   VAL A CG1 1 
ATOM   61   C  CG2 . VAL A 1 9   ? -11.892 -9.125  1.743   1.00 25.92 ? 5   VAL A CG2 1 
ATOM   62   N  N   . GLY A 1 10  ? -10.763 -8.799  -2.616  1.00 23.49 ? 6   GLY A N   1 
ATOM   63   C  CA  . GLY A 1 10  ? -10.744 -9.036  -4.038  1.00 23.69 ? 6   GLY A CA  1 
ATOM   64   C  C   . GLY A 1 10  ? -9.422  -8.778  -4.705  1.00 22.36 ? 6   GLY A C   1 
ATOM   65   O  O   . GLY A 1 10  ? -8.402  -8.580  -4.041  1.00 24.86 ? 6   GLY A O   1 
ATOM   66   N  N   . THR A 1 11  ? -9.438  -8.805  -6.022  1.00 25.38 ? 7   THR A N   1 
ATOM   67   C  CA  . THR A 1 11  ? -8.276  -8.544  -6.829  1.00 24.31 ? 7   THR A CA  1 
ATOM   68   C  C   . THR A 1 11  ? -8.450  -7.215  -7.552  1.00 25.33 ? 7   THR A C   1 
ATOM   69   O  O   . THR A 1 11  ? -9.452  -6.983  -8.231  1.00 25.54 ? 7   THR A O   1 
ATOM   70   C  CB  . THR A 1 11  ? -8.053  -9.678  -7.849  1.00 29.18 ? 7   THR A CB  1 
ATOM   71   O  OG1 . THR A 1 11  ? -7.805  -10.897 -7.129  1.00 31.30 ? 7   THR A OG1 1 
ATOM   72   C  CG2 . THR A 1 11  ? -6.875  -9.393  -8.744  1.00 29.40 ? 7   THR A CG2 1 
ATOM   73   N  N   . TRP A 1 12  ? -7.452  -6.355  -7.394  1.00 24.17 ? 8   TRP A N   1 
ATOM   74   C  CA  . TRP A 1 12  ? -7.486  -4.986  -7.902  1.00 22.94 ? 8   TRP A CA  1 
ATOM   75   C  C   . TRP A 1 12  ? -6.271  -4.750  -8.787  1.00 23.85 ? 8   TRP A C   1 
ATOM   76   O  O   . TRP A 1 12  ? -5.202  -5.302  -8.517  1.00 23.59 ? 8   TRP A O   1 
ATOM   77   C  CB  . TRP A 1 12  ? -7.431  -4.018  -6.727  1.00 22.30 ? 8   TRP A CB  1 
ATOM   78   C  CG  . TRP A 1 12  ? -8.527  -4.208  -5.712  1.00 22.33 ? 8   TRP A CG  1 
ATOM   79   C  CD1 . TRP A 1 12  ? -8.526  -5.042  -4.628  1.00 21.62 ? 8   TRP A CD1 1 
ATOM   80   C  CD2 . TRP A 1 12  ? -9.791  -3.542  -5.702  1.00 22.42 ? 8   TRP A CD2 1 
ATOM   81   N  NE1 . TRP A 1 12  ? -9.718  -4.937  -3.946  1.00 23.12 ? 8   TRP A NE1 1 
ATOM   82   C  CE2 . TRP A 1 12  ? -10.501 -4.002  -4.573  1.00 22.57 ? 8   TRP A CE2 1 
ATOM   83   C  CE3 . TRP A 1 12  ? -10.370 -2.551  -6.507  1.00 25.42 ? 8   TRP A CE3 1 
ATOM   84   C  CZ2 . TRP A 1 12  ? -11.774 -3.550  -4.269  1.00 23.75 ? 8   TRP A CZ2 1 
ATOM   85   C  CZ3 . TRP A 1 12  ? -11.630 -2.114  -6.210  1.00 24.30 ? 8   TRP A CZ3 1 
ATOM   86   C  CH2 . TRP A 1 12  ? -12.314 -2.588  -5.087  1.00 23.75 ? 8   TRP A CH2 1 
ATOM   87   N  N   . LYS A 1 13  ? -6.418  -3.937  -9.840  1.00 24.63 ? 9   LYS A N   1 
ATOM   88   C  CA  . LYS A 1 13  ? -5.299  -3.582  -10.740 1.00 22.97 ? 9   LYS A CA  1 
ATOM   89   C  C   . LYS A 1 13  ? -5.116  -2.069  -10.799 1.00 21.52 ? 9   LYS A C   1 
ATOM   90   O  O   . LYS A 1 13  ? -6.087  -1.337  -10.792 1.00 22.33 ? 9   LYS A O   1 
ATOM   91   C  CB  . LYS A 1 13  ? -5.551  -4.121  -12.161 1.00 28.13 ? 9   LYS A CB  1 
ATOM   92   C  CG  . LYS A 1 13  ? -6.901  -3.728  -12.772 1.00 37.01 ? 9   LYS A CG  1 
ATOM   93   C  CD  . LYS A 1 13  ? -7.014  -4.127  -14.246 1.00 41.99 ? 9   LYS A CD  1 
ATOM   94   C  CE  . LYS A 1 13  ? -8.391  -3.786  -14.825 1.00 47.15 ? 9   LYS A CE  1 
ATOM   95   N  NZ  . LYS A 1 13  ? -8.811  -2.382  -14.545 1.00 48.82 ? 9   LYS A NZ  1 
ATOM   96   N  N   . LEU A 1 14  ? -3.866  -1.609  -10.786 1.00 21.73 ? 10  LEU A N   1 
ATOM   97   C  CA  . LEU A 1 14  ? -3.577  -0.155  -10.857 1.00 22.89 ? 10  LEU A CA  1 
ATOM   98   C  C   . LEU A 1 14  ? -4.044  0.413   -12.193 1.00 25.84 ? 10  LEU A C   1 
ATOM   99   O  O   . LEU A 1 14  ? -3.646  -0.093  -13.254 1.00 27.43 ? 10  LEU A O   1 
ATOM   100  C  CB  . LEU A 1 14  ? -2.072  0.101   -10.693 1.00 23.48 ? 10  LEU A CB  1 
ATOM   101  C  CG  . LEU A 1 14  ? -1.632  1.569   -10.594 1.00 23.21 ? 10  LEU A CG  1 
ATOM   102  C  CD1 . LEU A 1 14  ? -1.995  2.181   -9.235  1.00 24.24 ? 10  LEU A CD1 1 
ATOM   103  C  CD2 . LEU A 1 14  ? -0.135  1.732   -10.871 1.00 26.08 ? 10  LEU A CD2 1 
ATOM   104  N  N   . VAL A 1 15  ? -4.851  1.480   -12.138 1.00 25.75 ? 11  VAL A N   1 
ATOM   105  C  CA  . VAL A 1 15  ? -5.378  2.146   -13.340 1.00 28.04 ? 11  VAL A CA  1 
ATOM   106  C  C   . VAL A 1 15  ? -4.821  3.565   -13.539 1.00 30.02 ? 11  VAL A C   1 
ATOM   107  O  O   . VAL A 1 15  ? -4.867  4.088   -14.647 1.00 31.95 ? 11  VAL A O   1 
ATOM   108  C  CB  . VAL A 1 15  ? -6.933  2.218   -13.325 1.00 27.99 ? 11  VAL A CB  1 
ATOM   109  C  CG1 . VAL A 1 15  ? -7.516  0.841   -13.498 1.00 30.29 ? 11  VAL A CG1 1 
ATOM   110  C  CG2 . VAL A 1 15  ? -7.470  2.847   -12.038 1.00 32.31 ? 11  VAL A CG2 1 
ATOM   111  N  N   . SER A 1 16  ? -4.334  4.194   -12.473 1.00 28.38 ? 12  SER A N   1 
ATOM   112  C  CA  . SER A 1 16  ? -3.779  5.544   -12.574 1.00 26.69 ? 12  SER A CA  1 
ATOM   113  C  C   . SER A 1 16  ? -2.857  5.874   -11.390 1.00 27.57 ? 12  SER A C   1 
ATOM   114  O  O   . SER A 1 16  ? -2.969  5.286   -10.309 1.00 25.00 ? 12  SER A O   1 
ATOM   115  C  CB  . SER A 1 16  ? -4.902  6.585   -12.696 1.00 27.93 ? 12  SER A CB  1 
ATOM   116  O  OG  . SER A 1 16  ? -5.409  6.925   -11.425 1.00 30.89 ? 12  SER A OG  1 
ATOM   117  N  N   . SER A 1 17  ? -1.944  6.812   -11.621 1.00 28.21 ? 13  SER A N   1 
ATOM   118  C  CA  . SER A 1 17  ? -0.944  7.197   -10.639 1.00 30.05 ? 13  SER A CA  1 
ATOM   119  C  C   . SER A 1 17  ? -0.672  8.711   -10.743 1.00 31.98 ? 13  SER A C   1 
ATOM   120  O  O   . SER A 1 17  ? -0.681  9.279   -11.849 1.00 30.52 ? 13  SER A O   1 
ATOM   121  C  CB  . SER A 1 17  ? 0.343   6.405   -10.899 1.00 30.75 ? 13  SER A CB  1 
ATOM   122  O  OG  . SER A 1 17  ? 1.338   6.702   -9.945  1.00 28.43 ? 13  SER A OG  1 
ATOM   123  N  N   . GLU A 1 18  ? -0.404  9.325   -9.595  1.00 30.04 ? 14  GLU A N   1 
ATOM   124  C  CA  . GLU A 1 18  ? -0.147  10.762  -9.485  1.00 32.02 ? 14  GLU A CA  1 
ATOM   125  C  C   . GLU A 1 18  ? 0.941   10.987  -8.438  1.00 27.90 ? 14  GLU A C   1 
ATOM   126  O  O   . GLU A 1 18  ? 0.796   10.573  -7.284  1.00 28.98 ? 14  GLU A O   1 
ATOM   127  C  CB  . GLU A 1 18  ? -1.428  11.445  -9.023  1.00 40.02 ? 14  GLU A CB  1 
ATOM   128  C  CG  . GLU A 1 18  ? -1.636  12.848  -9.508  1.00 50.79 ? 14  GLU A CG  1 
ATOM   129  C  CD  . GLU A 1 18  ? -2.911  13.437  -8.914  1.00 60.55 ? 14  GLU A CD  1 
ATOM   130  O  OE1 . GLU A 1 18  ? -3.882  13.652  -9.677  1.00 75.02 ? 14  GLU A OE1 1 
ATOM   131  O  OE2 . GLU A 1 18  ? -2.952  13.643  -7.676  1.00 62.28 ? 14  GLU A OE2 1 
ATOM   132  N  N   . ASN A 1 19  ? 2.041   11.586  -8.889  1.00 28.03 ? 15  ASN A N   1 
ATOM   133  C  CA  A ASN A 1 19  ? 3.114   12.029  -8.003  0.50 30.80 ? 15  ASN A CA  1 
ATOM   134  C  CA  B ASN A 1 19  ? 3.164   12.013  -8.060  0.50 28.04 ? 15  ASN A CA  1 
ATOM   135  C  C   . ASN A 1 19  ? 3.895   10.862  -7.379  1.00 27.69 ? 15  ASN A C   1 
ATOM   136  O  O   . ASN A 1 19  ? 4.569   11.048  -6.384  1.00 28.00 ? 15  ASN A O   1 
ATOM   137  C  CB  A ASN A 1 19  ? 2.574   12.940  -6.862  0.50 32.52 ? 15  ASN A CB  1 
ATOM   138  C  CB  B ASN A 1 19  ? 2.712   13.052  -7.020  0.50 26.95 ? 15  ASN A CB  1 
ATOM   139  C  CG  A ASN A 1 19  ? 1.755   14.135  -7.364  0.50 35.86 ? 15  ASN A CG  1 
ATOM   140  C  CG  B ASN A 1 19  ? 3.869   13.905  -6.502  0.50 25.67 ? 15  ASN A CG  1 
ATOM   141  O  OD1 A ASN A 1 19  ? 2.305   15.139  -7.819  0.50 34.62 ? 15  ASN A OD1 1 
ATOM   142  O  OD1 B ASN A 1 19  ? 4.796   14.242  -7.239  0.50 24.35 ? 15  ASN A OD1 1 
ATOM   143  N  ND2 A ASN A 1 19  ? 0.433   14.043  -7.233  0.50 35.27 ? 15  ASN A ND2 1 
ATOM   144  N  ND2 B ASN A 1 19  ? 3.804   14.265  -5.237  0.50 22.62 ? 15  ASN A ND2 1 
ATOM   145  N  N   . PHE A 1 20  ? 3.802   9.669   -7.965  1.00 26.52 ? 16  PHE A N   1 
ATOM   146  C  CA  . PHE A 1 20  ? 4.439   8.518   -7.338  1.00 26.98 ? 16  PHE A CA  1 
ATOM   147  C  C   . PHE A 1 20  ? 5.972   8.561   -7.355  1.00 28.13 ? 16  PHE A C   1 
ATOM   148  O  O   . PHE A 1 20  ? 6.600   8.160   -6.374  1.00 27.10 ? 16  PHE A O   1 
ATOM   149  C  CB  . PHE A 1 20  ? 3.905   7.218   -7.932  1.00 27.96 ? 16  PHE A CB  1 
ATOM   150  C  CG  . PHE A 1 20  ? 4.257   6.000   -7.139  1.00 27.96 ? 16  PHE A CG  1 
ATOM   151  C  CD1 . PHE A 1 20  ? 3.774   5.806   -5.847  1.00 26.43 ? 16  PHE A CD1 1 
ATOM   152  C  CD2 . PHE A 1 20  ? 5.072   5.026   -7.710  1.00 26.63 ? 16  PHE A CD2 1 
ATOM   153  C  CE1 . PHE A 1 20  ? 4.122   4.646   -5.121  1.00 28.06 ? 16  PHE A CE1 1 
ATOM   154  C  CE2 . PHE A 1 20  ? 5.423   3.877   -7.008  1.00 27.79 ? 16  PHE A CE2 1 
ATOM   155  C  CZ  . PHE A 1 20  ? 4.947   3.686   -5.733  1.00 24.09 ? 16  PHE A CZ  1 
ATOM   156  N  N   . ASP A 1 21  ? 6.565   9.055   -8.446  1.00 29.02 ? 17  ASP A N   1 
ATOM   157  C  CA  . ASP A 1 21  ? 8.023   9.177   -8.549  1.00 28.81 ? 17  ASP A CA  1 
ATOM   158  C  C   . ASP A 1 21  ? 8.586   9.999   -7.385  1.00 29.49 ? 17  ASP A C   1 
ATOM   159  O  O   . ASP A 1 21  ? 9.545   9.580   -6.718  1.00 28.79 ? 17  ASP A O   1 
ATOM   160  C  CB  . ASP A 1 21  ? 8.394   9.808   -9.897  1.00 31.63 ? 17  ASP A CB  1 
ATOM   161  C  CG  . ASP A 1 21  ? 9.878   9.934   -10.095 1.00 32.63 ? 17  ASP A CG  1 
ATOM   162  O  OD1 . ASP A 1 21  ? 10.534  8.924   -10.395 1.00 36.64 ? 17  ASP A OD1 1 
ATOM   163  O  OD2 . ASP A 1 21  ? 10.387  11.073  -9.988  1.00 39.34 ? 17  ASP A OD2 1 
ATOM   164  N  N   . ASP A 1 22  ? 7.953   11.136  -7.114  1.00 30.75 ? 18  ASP A N   1 
ATOM   165  C  CA  . ASP A 1 22  ? 8.391   12.008  -6.018  1.00 33.42 ? 18  ASP A CA  1 
ATOM   166  C  C   . ASP A 1 22  ? 8.172   11.382  -4.636  1.00 31.14 ? 18  ASP A C   1 
ATOM   167  O  O   . ASP A 1 22  ? 8.995   11.567  -3.718  1.00 29.85 ? 18  ASP A O   1 
ATOM   168  C  CB  . ASP A 1 22  ? 7.710   13.381  -6.108  1.00 36.02 ? 18  ASP A CB  1 
ATOM   169  C  CG  . ASP A 1 22  ? 8.412   14.342  -7.098  1.00 43.79 ? 18  ASP A CG  1 
ATOM   170  O  OD1 . ASP A 1 22  ? 9.407   13.956  -7.761  1.00 44.43 ? 18  ASP A OD1 1 
ATOM   171  O  OD2 . ASP A 1 22  ? 7.957   15.499  -7.207  1.00 43.95 ? 18  ASP A OD2 1 
ATOM   172  N  N   . TYR A 1 23  ? 7.089   10.613  -4.486  1.00 30.02 ? 19  TYR A N   1 
ATOM   173  C  CA  . TYR A 1 23  ? 6.858   9.885   -3.238  1.00 28.04 ? 19  TYR A CA  1 
ATOM   174  C  C   . TYR A 1 23  ? 7.983   8.868   -3.021  1.00 27.95 ? 19  TYR A C   1 
ATOM   175  O  O   . TYR A 1 23  ? 8.527   8.787   -1.920  1.00 32.55 ? 19  TYR A O   1 
ATOM   176  C  CB  . TYR A 1 23  ? 5.472   9.215   -3.236  1.00 28.98 ? 19  TYR A CB  1 
ATOM   177  C  CG  . TYR A 1 23  ? 5.296   8.267   -2.081  1.00 26.31 ? 19  TYR A CG  1 
ATOM   178  C  CD1 . TYR A 1 23  ? 5.035   8.741   -0.795  1.00 26.96 ? 19  TYR A CD1 1 
ATOM   179  C  CD2 . TYR A 1 23  ? 5.449   6.888   -2.256  1.00 28.05 ? 19  TYR A CD2 1 
ATOM   180  C  CE1 . TYR A 1 23  ? 4.928   7.879   0.280   1.00 26.54 ? 19  TYR A CE1 1 
ATOM   181  C  CE2 . TYR A 1 23  ? 5.336   6.020   -1.193  1.00 23.91 ? 19  TYR A CE2 1 
ATOM   182  C  CZ  . TYR A 1 23  ? 5.071   6.500   0.079   1.00 23.78 ? 19  TYR A CZ  1 
ATOM   183  O  OH  . TYR A 1 23  ? 4.941   5.680   1.154   1.00 24.89 ? 19  TYR A OH  1 
ATOM   184  N  N   . MET A 1 24  ? 8.310   8.090   -4.058  1.00 26.01 ? 20  MET A N   1 
ATOM   185  C  CA  . MET A 1 24  ? 9.434   7.134   -3.994  1.00 27.43 ? 20  MET A CA  1 
ATOM   186  C  C   . MET A 1 24  ? 10.761  7.838   -3.683  1.00 32.24 ? 20  MET A C   1 
ATOM   187  O  O   . MET A 1 24  ? 11.572  7.315   -2.934  1.00 30.60 ? 20  MET A O   1 
ATOM   188  C  CB  . MET A 1 24  ? 9.579   6.344   -5.304  1.00 25.24 ? 20  MET A CB  1 
ATOM   189  C  CG  . MET A 1 24  ? 8.521   5.248   -5.515  1.00 26.94 ? 20  MET A CG  1 
ATOM   190  S  SD  . MET A 1 24  ? 8.936   4.146   -6.851  1.00 28.61 ? 20  MET A SD  1 
ATOM   191  C  CE  . MET A 1 24  ? 8.612   5.193   -8.309  1.00 29.24 ? 20  MET A CE  1 
ATOM   192  N  N   . LYS A 1 25  ? 10.985  9.008   -4.271  1.00 31.87 ? 21  LYS A N   1 
ATOM   193  C  CA  . LYS A 1 25  ? 12.214  9.767   -3.963  1.00 34.18 ? 21  LYS A CA  1 
ATOM   194  C  C   . LYS A 1 25  ? 12.272  10.141  -2.478  1.00 37.93 ? 21  LYS A C   1 
ATOM   195  O  O   . LYS A 1 25  ? 13.296  9.939   -1.832  1.00 35.72 ? 21  LYS A O   1 
ATOM   196  C  CB  . LYS A 1 25  ? 12.355  11.016  -4.846  1.00 39.97 ? 21  LYS A CB  1 
ATOM   197  C  CG  . LYS A 1 25  ? 13.743  11.678  -4.740  1.00 44.05 ? 21  LYS A CG  1 
ATOM   198  C  CD  . LYS A 1 25  ? 14.077  12.538  -5.970  1.00 47.58 ? 21  LYS A CD  1 
ATOM   199  C  CE  . LYS A 1 25  ? 15.477  13.181  -5.858  1.00 50.30 ? 21  LYS A CE  1 
ATOM   200  N  NZ  . LYS A 1 25  ? 15.872  13.941  -7.097  1.00 49.39 ? 21  LYS A NZ  1 
ATOM   201  N  N   . GLU A 1 26  ? 11.162  10.647  -1.941  1.00 38.24 ? 22  GLU A N   1 
ATOM   202  C  CA  . GLU A 1 26  ? 11.079  11.052  -0.523  1.00 38.94 ? 22  GLU A CA  1 
ATOM   203  C  C   . GLU A 1 26  ? 11.277  9.887   0.455   1.00 40.87 ? 22  GLU A C   1 
ATOM   204  O  O   . GLU A 1 26  ? 11.828  10.067  1.534   1.00 37.72 ? 22  GLU A O   1 
ATOM   205  C  CB  . GLU A 1 26  ? 9.738   11.736  -0.250  1.00 42.78 ? 22  GLU A CB  1 
ATOM   206  C  CG  . GLU A 1 26  ? 9.736   12.657  0.963   1.00 48.62 ? 22  GLU A CG  1 
ATOM   207  C  CD  . GLU A 1 26  ? 10.345  14.027  0.684   1.00 52.12 ? 22  GLU A CD  1 
ATOM   208  O  OE1 . GLU A 1 26  ? 10.920  14.231  -0.409  1.00 51.74 ? 22  GLU A OE1 1 
ATOM   209  O  OE2 . GLU A 1 26  ? 10.242  14.904  1.572   1.00 58.91 ? 22  GLU A OE2 1 
ATOM   210  N  N   . VAL A 1 27  ? 10.829  8.697   0.060   1.00 37.27 ? 23  VAL A N   1 
ATOM   211  C  CA  . VAL A 1 27  ? 10.960  7.492   0.870   1.00 36.93 ? 23  VAL A CA  1 
ATOM   212  C  C   . VAL A 1 27  ? 12.376  6.857   0.764   1.00 38.08 ? 23  VAL A C   1 
ATOM   213  O  O   . VAL A 1 27  ? 12.686  5.870   1.462   1.00 41.08 ? 23  VAL A O   1 
ATOM   214  C  CB  . VAL A 1 27  ? 9.826   6.470   0.498   1.00 36.69 ? 23  VAL A CB  1 
ATOM   215  C  CG1 . VAL A 1 27  ? 10.079  5.149   1.083   1.00 40.96 ? 23  VAL A CG1 1 
ATOM   216  C  CG2 . VAL A 1 27  ? 8.460   6.983   0.964   1.00 36.90 ? 23  VAL A CG2 1 
ATOM   217  N  N   . GLY A 1 28  ? 13.224  7.405   -0.109  1.00 36.22 ? 24  GLY A N   1 
ATOM   218  C  CA  . GLY A 1 28  ? 14.628  6.983   -0.209  1.00 34.72 ? 24  GLY A CA  1 
ATOM   219  C  C   . GLY A 1 28  ? 14.989  6.086   -1.384  1.00 35.11 ? 24  GLY A C   1 
ATOM   220  O  O   . GLY A 1 28  ? 16.100  5.551   -1.443  1.00 35.20 ? 24  GLY A O   1 
ATOM   221  N  N   . VAL A 1 29  ? 14.068  5.914   -2.332  1.00 30.75 ? 25  VAL A N   1 
ATOM   222  C  CA  . VAL A 1 29  ? 14.322  5.080   -3.498  1.00 30.36 ? 25  VAL A CA  1 
ATOM   223  C  C   . VAL A 1 29  ? 15.295  5.846   -4.422  1.00 30.94 ? 25  VAL A C   1 
ATOM   224  O  O   . VAL A 1 29  ? 15.083  7.009   -4.733  1.00 28.74 ? 25  VAL A O   1 
ATOM   225  C  CB  . VAL A 1 29  ? 12.996  4.664   -4.230  1.00 29.29 ? 25  VAL A CB  1 
ATOM   226  C  CG1 . VAL A 1 29  ? 13.277  3.656   -5.317  1.00 31.57 ? 25  VAL A CG1 1 
ATOM   227  C  CG2 . VAL A 1 29  ? 11.964  4.110   -3.191  1.00 29.47 ? 25  VAL A CG2 1 
ATOM   228  N  N   . GLY A 1 30  ? 16.371  5.174   -4.819  1.00 31.86 ? 26  GLY A N   1 
ATOM   229  C  CA  . GLY A 1 30  ? 17.370  5.731   -5.735  1.00 30.30 ? 26  GLY A CA  1 
ATOM   230  C  C   . GLY A 1 30  ? 16.859  5.844   -7.159  1.00 29.71 ? 26  GLY A C   1 
ATOM   231  O  O   . GLY A 1 30  ? 15.795  5.289   -7.505  1.00 29.30 ? 26  GLY A O   1 
ATOM   232  N  N   . PHE A 1 31  ? 17.615  6.558   -7.994  1.00 29.21 ? 27  PHE A N   1 
ATOM   233  C  CA  . PHE A 1 31  ? 17.204  6.862   -9.373  1.00 27.27 ? 27  PHE A CA  1 
ATOM   234  C  C   . PHE A 1 31  ? 16.823  5.612   -10.192 1.00 27.43 ? 27  PHE A C   1 
ATOM   235  O  O   . PHE A 1 31  ? 15.733  5.558   -10.745 1.00 28.11 ? 27  PHE A O   1 
ATOM   236  C  CB  . PHE A 1 31  ? 18.298  7.653   -10.121 1.00 29.92 ? 27  PHE A CB  1 
ATOM   237  C  CG  . PHE A 1 31  ? 18.000  7.877   -11.591 1.00 28.07 ? 27  PHE A CG  1 
ATOM   238  C  CD1 . PHE A 1 31  ? 18.353  6.916   -12.542 1.00 30.19 ? 27  PHE A CD1 1 
ATOM   239  C  CD2 . PHE A 1 31  ? 17.352  9.028   -12.020 1.00 31.33 ? 27  PHE A CD2 1 
ATOM   240  C  CE1 . PHE A 1 31  ? 18.069  7.109   -13.892 1.00 33.16 ? 27  PHE A CE1 1 
ATOM   241  C  CE2 . PHE A 1 31  ? 17.073  9.234   -13.370 1.00 32.72 ? 27  PHE A CE2 1 
ATOM   242  C  CZ  . PHE A 1 31  ? 17.424  8.268   -14.311 1.00 33.70 ? 27  PHE A CZ  1 
ATOM   243  N  N   . ALA A 1 32  ? 17.698  4.626   -10.269 1.00 27.02 ? 28  ALA A N   1 
ATOM   244  C  CA  . ALA A 1 32  ? 17.476  3.511   -11.171 1.00 28.71 ? 28  ALA A CA  1 
ATOM   245  C  C   . ALA A 1 32  ? 16.272  2.710   -10.702 1.00 31.30 ? 28  ALA A C   1 
ATOM   246  O  O   . ALA A 1 32  ? 15.448  2.302   -11.516 1.00 29.51 ? 28  ALA A O   1 
ATOM   247  C  CB  . ALA A 1 32  ? 18.701  2.625   -11.255 1.00 28.50 ? 28  ALA A CB  1 
ATOM   248  N  N   . THR A 1 33  ? 16.146  2.515   -9.390  1.00 29.74 ? 29  THR A N   1 
ATOM   249  C  CA  . THR A 1 33  ? 15.015  1.767   -8.846  1.00 31.52 ? 29  THR A CA  1 
ATOM   250  C  C   . THR A 1 33  ? 13.693  2.531   -9.059  1.00 30.88 ? 29  THR A C   1 
ATOM   251  O  O   . THR A 1 33  ? 12.678  1.925   -9.422  1.00 30.18 ? 29  THR A O   1 
ATOM   252  C  CB  . THR A 1 33  ? 15.264  1.373   -7.373  1.00 35.15 ? 29  THR A CB  1 
ATOM   253  O  OG1 . THR A 1 33  ? 16.387  0.479   -7.325  1.00 37.74 ? 29  THR A OG1 1 
ATOM   254  C  CG2 . THR A 1 33  ? 14.033  0.683   -6.758  1.00 33.67 ? 29  THR A CG2 1 
ATOM   255  N  N   . ARG A 1 34  ? 13.694  3.852   -8.859  1.00 27.64 ? 30  ARG A N   1 
ATOM   256  C  CA  . ARG A 1 34  ? 12.512  4.689   -9.162  1.00 29.63 ? 30  ARG A CA  1 
ATOM   257  C  C   . ARG A 1 34  ? 12.044  4.593   -10.616 1.00 26.11 ? 30  ARG A C   1 
ATOM   258  O  O   . ARG A 1 34  ? 10.840  4.498   -10.876 1.00 24.75 ? 30  ARG A O   1 
ATOM   259  C  CB  . ARG A 1 34  ? 12.784  6.164   -8.883  1.00 31.98 ? 30  ARG A CB  1 
ATOM   260  C  CG  . ARG A 1 34  ? 12.731  6.555   -7.443  1.00 31.91 ? 30  ARG A CG  1 
ATOM   261  C  CD  . ARG A 1 34  ? 12.290  8.010   -7.318  1.00 32.03 ? 30  ARG A CD  1 
ATOM   262  N  NE  . ARG A 1 34  ? 12.974  8.860   -8.300  1.00 30.69 ? 30  ARG A NE  1 
ATOM   263  C  CZ  . ARG A 1 34  ? 14.249  9.254   -8.228  1.00 28.84 ? 30  ARG A CZ  1 
ATOM   264  N  NH1 . ARG A 1 34  ? 15.037  8.872   -7.215  1.00 32.24 ? 30  ARG A NH1 1 
ATOM   265  N  NH2 . ARG A 1 34  ? 14.741  10.055  -9.184  1.00 32.13 ? 30  ARG A NH2 1 
ATOM   266  N  N   . LYS A 1 35  ? 13.001  4.608   -11.553 1.00 29.08 ? 31  LYS A N   1 
ATOM   267  C  CA  . LYS A 1 35  ? 12.678  4.571   -12.992 1.00 29.32 ? 31  LYS A CA  1 
ATOM   268  C  C   . LYS A 1 35  ? 11.982  3.260   -13.370 1.00 29.92 ? 31  LYS A C   1 
ATOM   269  O  O   . LYS A 1 35  ? 10.897  3.274   -13.957 1.00 31.36 ? 31  LYS A O   1 
ATOM   270  C  CB  . LYS A 1 35  ? 13.931  4.772   -13.852 1.00 32.58 ? 31  LYS A CB  1 
ATOM   271  C  CG  . LYS A 1 35  ? 14.640  6.111   -13.669 1.00 34.75 ? 31  LYS A CG  1 
ATOM   272  C  CD  . LYS A 1 35  ? 13.835  7.301   -14.151 1.00 39.93 ? 31  LYS A CD  1 
ATOM   273  C  CE  . LYS A 1 35  ? 13.163  8.026   -12.980 1.00 42.11 ? 31  LYS A CE  1 
ATOM   274  N  NZ  . LYS A 1 35  ? 12.348  9.196   -13.416 1.00 47.82 ? 31  LYS A NZ  1 
ATOM   275  N  N   . VAL A 1 36  ? 12.581  2.145   -12.963 1.00 28.41 ? 32  VAL A N   1 
ATOM   276  C  CA  . VAL A 1 36  ? 12.020  0.796   -13.149 1.00 29.15 ? 32  VAL A CA  1 
ATOM   277  C  C   . VAL A 1 36  ? 10.701  0.563   -12.396 1.00 29.90 ? 32  VAL A C   1 
ATOM   278  O  O   . VAL A 1 36  ? 9.710   0.107   -12.989 1.00 30.70 ? 32  VAL A O   1 
ATOM   279  C  CB  . VAL A 1 36  ? 13.080  -0.281  -12.740 1.00 30.87 ? 32  VAL A CB  1 
ATOM   280  C  CG1 . VAL A 1 36  ? 12.473  -1.704  -12.665 1.00 34.16 ? 32  VAL A CG1 1 
ATOM   281  C  CG2 . VAL A 1 36  ? 14.238  -0.237  -13.722 1.00 33.27 ? 32  VAL A CG2 1 
ATOM   282  N  N   . ALA A 1 37  ? 10.687  0.874   -11.102 1.00 27.87 ? 33  ALA A N   1 
ATOM   283  C  CA  . ALA A 1 37  ? 9.487   0.744   -10.249 1.00 26.98 ? 33  ALA A CA  1 
ATOM   284  C  C   . ALA A 1 37  ? 8.325   1.630   -10.729 1.00 26.70 ? 33  ALA A C   1 
ATOM   285  O  O   . ALA A 1 37  ? 7.147   1.259   -10.615 1.00 27.59 ? 33  ALA A O   1 
ATOM   286  C  CB  . ALA A 1 37  ? 9.829   1.077   -8.741  1.00 26.28 ? 33  ALA A CB  1 
ATOM   287  N  N   . GLY A 1 38  ? 8.649   2.788   -11.290 1.00 26.10 ? 34  GLY A N   1 
ATOM   288  C  CA  . GLY A 1 38  ? 7.622   3.721   -11.767 1.00 27.17 ? 34  GLY A CA  1 
ATOM   289  C  C   . GLY A 1 38  ? 6.859   3.263   -13.005 1.00 26.89 ? 34  GLY A C   1 
ATOM   290  O  O   . GLY A 1 38  ? 5.757   3.737   -13.253 1.00 26.46 ? 34  GLY A O   1 
ATOM   291  N  N   . MET A 1 39  ? 7.442   2.359   -13.792 1.00 25.05 ? 35  MET A N   1 
ATOM   292  C  CA  . MET A 1 39  ? 6.762   1.741   -14.937 1.00 24.66 ? 35  MET A CA  1 
ATOM   293  C  C   . MET A 1 39  ? 5.683   0.734   -14.527 1.00 22.48 ? 35  MET A C   1 
ATOM   294  O  O   . MET A 1 39  ? 4.751   0.466   -15.301 1.00 22.68 ? 35  MET A O   1 
ATOM   295  C  CB  . MET A 1 39  ? 7.754   1.009   -15.847 1.00 25.74 ? 35  MET A CB  1 
ATOM   296  C  CG  . MET A 1 39  ? 8.806   1.877   -16.487 1.00 25.32 ? 35  MET A CG  1 
ATOM   297  S  SD  . MET A 1 39  ? 8.104   3.144   -17.537 1.00 26.25 ? 35  MET A SD  1 
ATOM   298  C  CE  . MET A 1 39  ? 7.422   2.163   -18.857 1.00 30.80 ? 35  MET A CE  1 
ATOM   299  N  N   . ALA A 1 40  ? 5.831   0.171   -13.328 1.00 23.16 ? 36  ALA A N   1 
ATOM   300  C  CA  . ALA A 1 40  ? 5.047   -1.021  -12.966 1.00 23.78 ? 36  ALA A CA  1 
ATOM   301  C  C   . ALA A 1 40  ? 3.579   -0.712  -12.790 1.00 23.64 ? 36  ALA A C   1 
ATOM   302  O  O   . ALA A 1 40  ? 3.204   0.401   -12.371 1.00 22.25 ? 36  ALA A O   1 
ATOM   303  C  CB  . ALA A 1 40  ? 5.604   -1.674  -11.705 1.00 22.67 ? 36  ALA A CB  1 
ATOM   304  N  N   . LYS A 1 41  ? 2.750   -1.696  -13.136 1.00 26.42 ? 37  LYS A N   1 
ATOM   305  C  CA  . LYS A 1 41  ? 1.308   -1.646  -12.905 1.00 25.60 ? 37  LYS A CA  1 
ATOM   306  C  C   . LYS A 1 41  ? 0.921   -2.774  -11.926 1.00 24.51 ? 37  LYS A C   1 
ATOM   307  O  O   . LYS A 1 41  ? 0.348   -3.783  -12.342 1.00 26.42 ? 37  LYS A O   1 
ATOM   308  C  CB  . LYS A 1 41  ? 0.523   -1.808  -14.219 1.00 30.75 ? 37  LYS A CB  1 
ATOM   309  C  CG  . LYS A 1 41  ? 0.893   -0.826  -15.342 1.00 35.33 ? 37  LYS A CG  1 
ATOM   310  C  CD  . LYS A 1 41  ? 0.449   0.594   -15.049 1.00 42.39 ? 37  LYS A CD  1 
ATOM   311  C  CE  . LYS A 1 41  ? 0.928   1.542   -16.157 1.00 44.88 ? 37  LYS A CE  1 
ATOM   312  N  NZ  . LYS A 1 41  ? 0.385   2.921   -16.014 1.00 52.52 ? 37  LYS A NZ  1 
ATOM   313  N  N   . PRO A 1 42  ? 1.217   -2.616  -10.620 1.00 24.50 ? 38  PRO A N   1 
ATOM   314  C  CA  . PRO A 1 42  ? 0.954   -3.733  -9.676  1.00 23.82 ? 38  PRO A CA  1 
ATOM   315  C  C   . PRO A 1 42  ? -0.518  -4.107  -9.547  1.00 23.96 ? 38  PRO A C   1 
ATOM   316  O  O   . PRO A 1 42  ? -1.412  -3.289  -9.771  1.00 28.01 ? 38  PRO A O   1 
ATOM   317  C  CB  . PRO A 1 42  ? 1.415   -3.197  -8.314  1.00 24.77 ? 38  PRO A CB  1 
ATOM   318  C  CG  . PRO A 1 42  ? 1.661   -1.712  -8.515  1.00 25.59 ? 38  PRO A CG  1 
ATOM   319  C  CD  . PRO A 1 42  ? 1.771   -1.424  -9.961  1.00 25.87 ? 38  PRO A CD  1 
ATOM   320  N  N   . ASN A 1 43  ? -0.758  -5.349  -9.159  1.00 23.20 ? 39  ASN A N   1 
ATOM   321  C  CA  . ASN A 1 43  ? -2.078  -5.690  -8.659  1.00 25.15 ? 39  ASN A CA  1 
ATOM   322  C  C   . ASN A 1 43  ? -2.050  -5.672  -7.139  1.00 24.09 ? 39  ASN A C   1 
ATOM   323  O  O   . ASN A 1 43  ? -0.988  -5.492  -6.518  1.00 28.20 ? 39  ASN A O   1 
ATOM   324  C  CB  . ASN A 1 43  ? -2.572  -7.024  -9.215  1.00 25.27 ? 39  ASN A CB  1 
ATOM   325  C  CG  . ASN A 1 43  ? -1.914  -8.216  -8.573  1.00 28.83 ? 39  ASN A CG  1 
ATOM   326  O  OD1 . ASN A 1 43  ? -1.084  -8.098  -7.651  1.00 30.00 ? 39  ASN A OD1 1 
ATOM   327  N  ND2 . ASN A 1 43  ? -2.291  -9.393  -9.051  1.00 32.79 ? 39  ASN A ND2 1 
ATOM   328  N  N   . MET A 1 44  ? -3.232  -5.747  -6.554  1.00 23.16 ? 40  MET A N   1 
ATOM   329  C  CA  . MET A 1 44  ? -3.410  -5.780  -5.121  1.00 22.60 ? 40  MET A CA  1 
ATOM   330  C  C   . MET A 1 44  ? -4.485  -6.828  -4.853  1.00 22.19 ? 40  MET A C   1 
ATOM   331  O  O   . MET A 1 44  ? -5.616  -6.696  -5.317  1.00 23.47 ? 40  MET A O   1 
ATOM   332  C  CB  . MET A 1 44  ? -3.859  -4.418  -4.604  1.00 25.71 ? 40  MET A CB  1 
ATOM   333  C  CG  . MET A 1 44  ? -3.780  -4.318  -3.104  1.00 24.99 ? 40  MET A CG  1 
ATOM   334  S  SD  . MET A 1 44  ? -4.567  -2.830  -2.463  1.00 26.88 ? 40  MET A SD  1 
ATOM   335  C  CE  . MET A 1 44  ? -3.543  -1.581  -3.218  1.00 29.38 ? 40  MET A CE  1 
ATOM   336  N  N   . ILE A 1 45  ? -4.123  -7.880  -4.118  1.00 20.50 ? 41  ILE A N   1 
ATOM   337  C  CA  . ILE A 1 45  ? -5.024  -9.006  -3.859  1.00 20.86 ? 41  ILE A CA  1 
ATOM   338  C  C   . ILE A 1 45  ? -5.238  -9.059  -2.341  1.00 20.69 ? 41  ILE A C   1 
ATOM   339  O  O   . ILE A 1 45  ? -4.291  -9.276  -1.597  1.00 19.75 ? 41  ILE A O   1 
ATOM   340  C  CB  . ILE A 1 45  ? -4.465  -10.356 -4.356  1.00 23.70 ? 41  ILE A CB  1 
ATOM   341  C  CG1 . ILE A 1 45  ? -4.067  -10.283 -5.825  1.00 25.68 ? 41  ILE A CG1 1 
ATOM   342  C  CG2 . ILE A 1 45  ? -5.494  -11.465 -4.150  1.00 26.18 ? 41  ILE A CG2 1 
ATOM   343  C  CD1 . ILE A 1 45  ? -3.624  -11.627 -6.383  1.00 33.23 ? 41  ILE A CD1 1 
ATOM   344  N  N   . ILE A 1 46  ? -6.469  -8.782  -1.913  1.00 21.47 ? 42  ILE A N   1 
ATOM   345  C  CA  . ILE A 1 46  ? -6.781  -8.616  -0.500  1.00 19.38 ? 42  ILE A CA  1 
ATOM   346  C  C   . ILE A 1 46  ? -7.755  -9.715  -0.107  1.00 19.13 ? 42  ILE A C   1 
ATOM   347  O  O   . ILE A 1 46  ? -8.778  -9.894  -0.737  1.00 20.52 ? 42  ILE A O   1 
ATOM   348  C  CB  . ILE A 1 46  ? -7.422  -7.244  -0.241  1.00 21.49 ? 42  ILE A CB  1 
ATOM   349  C  CG1 . ILE A 1 46  ? -6.435  -6.151  -0.631  1.00 21.69 ? 42  ILE A CG1 1 
ATOM   350  C  CG2 . ILE A 1 46  ? -7.881  -7.099  1.223   1.00 20.83 ? 42  ILE A CG2 1 
ATOM   351  C  CD1 . ILE A 1 46  ? -6.909  -4.759  -0.352  1.00 23.65 ? 42  ILE A CD1 1 
ATOM   352  N  N   . SER A 1 47  ? -7.422  -10.439 0.937   1.00 18.74 ? 43  SER A N   1 
ATOM   353  C  CA  . SER A 1 47  ? -8.231  -11.543 1.396   1.00 20.18 ? 43  SER A CA  1 
ATOM   354  C  C   . SER A 1 47  ? -8.289  -11.522 2.921   1.00 20.27 ? 43  SER A C   1 
ATOM   355  O  O   . SER A 1 47  ? -7.447  -10.900 3.565   1.00 21.14 ? 43  SER A O   1 
ATOM   356  C  CB  . SER A 1 47  ? -7.684  -12.876 0.863   1.00 22.75 ? 43  SER A CB  1 
ATOM   357  O  OG  . SER A 1 47  ? -6.371  -13.096 1.304   1.00 25.08 ? 43  SER A OG  1 
ATOM   358  N  N   . VAL A 1 48  ? -9.292  -12.208 3.459   1.00 23.66 ? 44  VAL A N   1 
ATOM   359  C  CA  . VAL A 1 48  ? -9.562  -12.221 4.897   1.00 27.03 ? 44  VAL A CA  1 
ATOM   360  C  C   . VAL A 1 48  ? -9.868  -13.658 5.306   1.00 28.58 ? 44  VAL A C   1 
ATOM   361  O  O   . VAL A 1 48  ? -10.616 -14.352 4.618   1.00 30.31 ? 44  VAL A O   1 
ATOM   362  C  CB  . VAL A 1 48  ? -10.760 -11.297 5.273   1.00 26.16 ? 44  VAL A CB  1 
ATOM   363  C  CG1 . VAL A 1 48  ? -11.032 -11.340 6.789   1.00 32.49 ? 44  VAL A CG1 1 
ATOM   364  C  CG2 . VAL A 1 48  ? -10.522 -9.854  4.865   1.00 29.26 ? 44  VAL A CG2 1 
ATOM   365  N  N   . ASN A 1 49  ? -9.251  -14.105 6.396   1.00 23.62 ? 45  ASN A N   1 
ATOM   366  C  CA  . ASN A 1 49  ? -9.501  -15.419 6.964   1.00 26.22 ? 45  ASN A CA  1 
ATOM   367  C  C   . ASN A 1 49  ? -9.586  -15.178 8.467   1.00 26.76 ? 45  ASN A C   1 
ATOM   368  O  O   . ASN A 1 49  ? -8.584  -14.939 9.135   1.00 27.46 ? 45  ASN A O   1 
ATOM   369  C  CB  . ASN A 1 49  ? -8.391  -16.403 6.559   1.00 24.91 ? 45  ASN A CB  1 
ATOM   370  C  CG  . ASN A 1 49  ? -8.608  -17.837 7.089   1.00 28.00 ? 45  ASN A CG  1 
ATOM   371  O  OD1 . ASN A 1 49  ? -9.186  -18.054 8.147   1.00 27.71 ? 45  ASN A OD1 1 
ATOM   372  N  ND2 . ASN A 1 49  ? -8.098  -18.809 6.356   1.00 26.83 ? 45  ASN A ND2 1 
ATOM   373  N  N   . GLY A 1 50  ? -10.822 -15.165 8.964   1.00 31.51 ? 46  GLY A N   1 
ATOM   374  C  CA  . GLY A 1 50  ? -11.066 -14.770 10.338  1.00 31.90 ? 46  GLY A CA  1 
ATOM   375  C  C   . GLY A 1 50  ? -10.634 -13.332 10.558  1.00 29.61 ? 46  GLY A C   1 
ATOM   376  O  O   . GLY A 1 50  ? -11.147 -12.391 9.923   1.00 32.54 ? 46  GLY A O   1 
ATOM   377  N  N   . ASP A 1 51  ? -9.710  -13.175 11.500  1.00 29.27 ? 47  ASP A N   1 
ATOM   378  C  CA  . ASP A 1 51  ? -9.168  -11.879 11.864  1.00 34.06 ? 47  ASP A CA  1 
ATOM   379  C  C   . ASP A 1 51  ? -7.896  -11.554 11.088  1.00 30.11 ? 47  ASP A C   1 
ATOM   380  O  O   . ASP A 1 51  ? -7.367  -10.447 11.226  1.00 29.35 ? 47  ASP A O   1 
ATOM   381  C  CB  . ASP A 1 51  ? -8.843  -11.857 13.362  1.00 37.26 ? 47  ASP A CB  1 
ATOM   382  C  CG  . ASP A 1 51  ? -10.084 -12.009 14.235  1.00 40.39 ? 47  ASP A CG  1 
ATOM   383  O  OD1 . ASP A 1 51  ? -11.194 -11.600 13.807  1.00 40.31 ? 47  ASP A OD1 1 
ATOM   384  O  OD2 . ASP A 1 51  ? -9.936  -12.544 15.351  1.00 47.26 ? 47  ASP A OD2 1 
ATOM   385  N  N   . VAL A 1 52  ? -7.378  -12.524 10.320  1.00 25.75 ? 48  VAL A N   1 
ATOM   386  C  CA  . VAL A 1 52  ? -6.149  -12.302 9.556   1.00 25.00 ? 48  VAL A CA  1 
ATOM   387  C  C   . VAL A 1 52  ? -6.453  -11.716 8.172   1.00 22.42 ? 48  VAL A C   1 
ATOM   388  O  O   . VAL A 1 52  ? -7.238  -12.275 7.380   1.00 22.98 ? 48  VAL A O   1 
ATOM   389  C  CB  . VAL A 1 52  ? -5.257  -13.583 9.407   1.00 23.91 ? 48  VAL A CB  1 
ATOM   390  C  CG1 . VAL A 1 52  ? -3.964  -13.245 8.696   1.00 25.59 ? 48  VAL A CG1 1 
ATOM   391  C  CG2 . VAL A 1 52  ? -4.934  -14.212 10.774  1.00 27.49 ? 48  VAL A CG2 1 
ATOM   392  N  N   . ILE A 1 53  ? -5.869  -10.555 7.919   1.00 20.87 ? 49  ILE A N   1 
ATOM   393  C  CA  . ILE A 1 53  ? -5.990  -9.894  6.609   1.00 21.49 ? 49  ILE A CA  1 
ATOM   394  C  C   . ILE A 1 53  ? -4.669  -10.101 5.879   1.00 20.99 ? 49  ILE A C   1 
ATOM   395  O  O   . ILE A 1 53  ? -3.588  -9.958  6.458   1.00 19.07 ? 49  ILE A O   1 
ATOM   396  C  CB  . ILE A 1 53  ? -6.309  -8.414  6.739   1.00 22.49 ? 49  ILE A CB  1 
ATOM   397  C  CG1 . ILE A 1 53  ? -7.584  -8.213  7.576   1.00 23.26 ? 49  ILE A CG1 1 
ATOM   398  C  CG2 . ILE A 1 53  ? -6.461  -7.785  5.355   1.00 24.45 ? 49  ILE A CG2 1 
ATOM   399  C  CD1 . ILE A 1 53  ? -7.628  -6.843  8.169   1.00 26.16 ? 49  ILE A CD1 1 
ATOM   400  N  N   . THR A 1 54  ? -4.768  -10.476 4.595   1.00 19.03 ? 50  THR A N   1 
ATOM   401  C  CA  . THR A 1 54  ? -3.593  -10.663 3.763   1.00 19.80 ? 50  THR A CA  1 
ATOM   402  C  C   . THR A 1 54  ? -3.682  -9.725  2.562   1.00 20.62 ? 50  THR A C   1 
ATOM   403  O  O   . THR A 1 54  ? -4.705  -9.660  1.880   1.00 22.45 ? 50  THR A O   1 
ATOM   404  C  CB  . THR A 1 54  ? -3.438  -12.147 3.327   1.00 21.78 ? 50  THR A CB  1 
ATOM   405  O  OG1 . THR A 1 54  ? -3.191  -12.995 4.458   1.00 23.06 ? 50  THR A OG1 1 
ATOM   406  C  CG2 . THR A 1 54  ? -2.291  -12.280 2.346   1.00 22.47 ? 50  THR A CG2 1 
ATOM   407  N  N   . ILE A 1 55  ? -2.603  -8.987  2.321   1.00 17.78 ? 51  ILE A N   1 
ATOM   408  C  CA  . ILE A 1 55  ? -2.475  -8.104  1.150   1.00 20.54 ? 51  ILE A CA  1 
ATOM   409  C  C   . ILE A 1 55  ? -1.259  -8.585  0.325   1.00 19.57 ? 51  ILE A C   1 
ATOM   410  O  O   . ILE A 1 55  ? -0.123  -8.558  0.784   1.00 19.23 ? 51  ILE A O   1 
ATOM   411  C  CB  . ILE A 1 55  ? -2.351  -6.591  1.511   1.00 20.63 ? 51  ILE A CB  1 
ATOM   412  C  CG1 . ILE A 1 55  ? -3.550  -6.105  2.344   1.00 21.06 ? 51  ILE A CG1 1 
ATOM   413  C  CG2 . ILE A 1 55  ? -2.248  -5.702  0.215   1.00 20.29 ? 51  ILE A CG2 1 
ATOM   414  C  CD1 . ILE A 1 55  ? -3.425  -4.662  2.816   1.00 23.52 ? 51  ILE A CD1 1 
ATOM   415  N  N   . LYS A 1 56  ? -1.540  -9.025  -0.893  1.00 22.28 ? 52  LYS A N   1 
ATOM   416  C  CA  A LYS A 1 56  ? -0.504  -9.456  -1.817  0.50 24.79 ? 52  LYS A CA  1 
ATOM   417  C  CA  B LYS A 1 56  ? -0.508  -9.450  -1.844  0.50 25.90 ? 52  LYS A CA  1 
ATOM   418  C  C   . LYS A 1 56  ? -0.402  -8.430  -2.965  1.00 25.35 ? 52  LYS A C   1 
ATOM   419  O  O   . LYS A 1 56  ? -1.413  -7.875  -3.417  1.00 27.38 ? 52  LYS A O   1 
ATOM   420  C  CB  A LYS A 1 56  ? -0.858  -10.868 -2.306  0.50 25.83 ? 52  LYS A CB  1 
ATOM   421  C  CB  B LYS A 1 56  ? -0.854  -10.801 -2.472  0.50 29.13 ? 52  LYS A CB  1 
ATOM   422  C  CG  A LYS A 1 56  ? 0.219   -11.610 -3.084  0.50 26.93 ? 52  LYS A CG  1 
ATOM   423  C  CG  B LYS A 1 56  ? -0.950  -11.953 -1.523  0.50 30.17 ? 52  LYS A CG  1 
ATOM   424  C  CD  A LYS A 1 56  ? -0.291  -12.993 -3.493  0.50 29.55 ? 52  LYS A CD  1 
ATOM   425  C  CD  B LYS A 1 56  ? -0.870  -13.296 -2.251  0.50 36.04 ? 52  LYS A CD  1 
ATOM   426  C  CE  A LYS A 1 56  ? -1.183  -13.617 -2.410  0.50 32.19 ? 52  LYS A CE  1 
ATOM   427  C  CE  B LYS A 1 56  ? -1.550  -14.407 -1.442  0.50 37.55 ? 52  LYS A CE  1 
ATOM   428  N  NZ  A LYS A 1 56  ? -1.745  -14.947 -2.815  0.50 33.43 ? 52  LYS A NZ  1 
ATOM   429  N  NZ  B LYS A 1 56  ? -1.129  -15.794 -1.829  0.50 39.97 ? 52  LYS A NZ  1 
ATOM   430  N  N   . SER A 1 57  ? 0.818   -8.167  -3.415  1.00 26.08 ? 53  SER A N   1 
ATOM   431  C  CA  . SER A 1 57  ? 1.047   -7.243  -4.538  1.00 28.70 ? 53  SER A CA  1 
ATOM   432  C  C   . SER A 1 57  ? 1.961   -7.961  -5.501  1.00 31.26 ? 53  SER A C   1 
ATOM   433  O  O   . SER A 1 57  ? 3.066   -8.307  -5.132  1.00 28.85 ? 53  SER A O   1 
ATOM   434  C  CB  . SER A 1 57  ? 1.715   -5.964  -4.058  1.00 32.03 ? 53  SER A CB  1 
ATOM   435  O  OG  . SER A 1 57  ? 2.008   -5.069  -5.135  1.00 37.63 ? 53  SER A OG  1 
ATOM   436  N  N   . GLU A 1 58  ? 1.502   -8.196  -6.725  1.00 27.90 ? 54  GLU A N   1 
ATOM   437  C  CA  . GLU A 1 58  ? 2.348   -8.816  -7.747  1.00 26.61 ? 54  GLU A CA  1 
ATOM   438  C  C   . GLU A 1 58  ? 2.641   -7.758  -8.831  1.00 23.49 ? 54  GLU A C   1 
ATOM   439  O  O   . GLU A 1 58  ? 1.734   -7.053  -9.298  1.00 23.00 ? 54  GLU A O   1 
ATOM   440  C  CB  . GLU A 1 58  ? 1.657   -10.070 -8.320  1.00 29.24 ? 54  GLU A CB  1 
ATOM   441  C  CG  . GLU A 1 58  ? 1.261   -11.091 -7.232  1.00 39.21 ? 54  GLU A CG  1 
ATOM   442  C  CD  . GLU A 1 58  ? 0.125   -12.038 -7.638  1.00 47.65 ? 54  GLU A CD  1 
ATOM   443  O  OE1 . GLU A 1 58  ? -0.484  -11.845 -8.718  1.00 54.04 ? 54  GLU A OE1 1 
ATOM   444  O  OE2 . GLU A 1 58  ? -0.173  -12.973 -6.852  1.00 61.03 ? 54  GLU A OE2 1 
ATOM   445  N  N   . SER A 1 59  ? 3.904   -7.665  -9.231  1.00 24.46 ? 55  SER A N   1 
ATOM   446  C  CA  . SER A 1 59  ? 4.271   -6.780  -10.337 1.00 23.69 ? 55  SER A CA  1 
ATOM   447  C  C   . SER A 1 59  ? 5.616   -7.221  -10.902 1.00 23.28 ? 55  SER A C   1 
ATOM   448  O  O   . SER A 1 59  ? 6.317   -8.042  -10.312 1.00 23.52 ? 55  SER A O   1 
ATOM   449  C  CB  . SER A 1 59  ? 4.363   -5.299  -9.883  1.00 25.09 ? 55  SER A CB  1 
ATOM   450  O  OG  . SER A 1 59  ? 5.491   -5.082  -9.062  1.00 24.39 ? 55  SER A OG  1 
ATOM   451  N  N   . THR A 1 60  ? 5.973   -6.617  -12.031 1.00 25.38 ? 56  THR A N   1 
ATOM   452  C  CA  . THR A 1 60  ? 7.308   -6.811  -12.595 1.00 27.89 ? 56  THR A CA  1 
ATOM   453  C  C   . THR A 1 60  ? 8.434   -6.373  -11.642 1.00 30.02 ? 56  THR A C   1 
ATOM   454  O  O   . THR A 1 60  ? 9.539   -6.935  -11.653 1.00 37.97 ? 56  THR A O   1 
ATOM   455  C  CB  . THR A 1 60  ? 7.460   -6.038  -13.927 1.00 31.68 ? 56  THR A CB  1 
ATOM   456  O  OG1 . THR A 1 60  ? 7.300   -4.640  -13.671 1.00 33.04 ? 56  THR A OG1 1 
ATOM   457  C  CG2 . THR A 1 60  ? 6.438   -6.485  -14.960 1.00 28.99 ? 56  THR A CG2 1 
ATOM   458  N  N   . PHE A 1 61  ? 8.161   -5.374  -10.808 1.00 27.05 ? 57  PHE A N   1 
ATOM   459  C  CA  . PHE A 1 61  ? 9.152   -4.847  -9.893  1.00 27.39 ? 57  PHE A CA  1 
ATOM   460  C  C   . PHE A 1 61  ? 9.426   -5.823  -8.738  1.00 29.55 ? 57  PHE A C   1 
ATOM   461  O  O   . PHE A 1 61  ? 10.568  -6.188  -8.451  1.00 31.63 ? 57  PHE A O   1 
ATOM   462  C  CB  . PHE A 1 61  ? 8.707   -3.439  -9.422  1.00 24.83 ? 57  PHE A CB  1 
ATOM   463  C  CG  . PHE A 1 61  ? 9.585   -2.836  -8.365  1.00 26.28 ? 57  PHE A CG  1 
ATOM   464  C  CD1 . PHE A 1 61  ? 10.960  -2.631  -8.599  1.00 28.49 ? 57  PHE A CD1 1 
ATOM   465  C  CD2 . PHE A 1 61  ? 9.056   -2.437  -7.158  1.00 26.06 ? 57  PHE A CD2 1 
ATOM   466  C  CE1 . PHE A 1 61  ? 11.776  -2.076  -7.598  1.00 23.91 ? 57  PHE A CE1 1 
ATOM   467  C  CE2 . PHE A 1 61  ? 9.866   -1.875  -6.165  1.00 26.47 ? 57  PHE A CE2 1 
ATOM   468  C  CZ  . PHE A 1 61  ? 11.227  -1.689  -6.382  1.00 26.15 ? 57  PHE A CZ  1 
ATOM   469  N  N   . LYS A 1 62  ? 8.377   -6.249  -8.051  1.00 26.90 ? 58  LYS A N   1 
ATOM   470  C  CA  . LYS A 1 62  ? 8.553   -7.136  -6.937  1.00 28.14 ? 58  LYS A CA  1 
ATOM   471  C  C   . LYS A 1 62  ? 7.212   -7.729  -6.602  1.00 27.17 ? 58  LYS A C   1 
ATOM   472  O  O   . LYS A 1 62  ? 6.171   -7.097  -6.816  1.00 31.75 ? 58  LYS A O   1 
ATOM   473  C  CB  . LYS A 1 62  ? 9.096   -6.365  -5.732  1.00 32.54 ? 58  LYS A CB  1 
ATOM   474  C  CG  . LYS A 1 62  ? 9.673   -7.231  -4.635  1.00 33.38 ? 58  LYS A CG  1 
ATOM   475  C  CD  . LYS A 1 62  ? 11.172  -7.418  -4.809  1.00 38.39 ? 58  LYS A CD  1 
ATOM   476  C  CE  . LYS A 1 62  ? 11.770  -8.235  -3.678  1.00 44.41 ? 58  LYS A CE  1 
ATOM   477  N  NZ  . LYS A 1 62  ? 11.259  -9.618  -3.692  1.00 44.92 ? 58  LYS A NZ  1 
ATOM   478  N  N   . ASN A 1 63  ? 7.234   -8.962  -6.117  1.00 23.43 ? 59  ASN A N   1 
ATOM   479  C  CA  . ASN A 1 63  ? 6.047   -9.596  -5.552  1.00 24.88 ? 59  ASN A CA  1 
ATOM   480  C  C   . ASN A 1 63  ? 6.183   -9.572  -4.043  1.00 26.15 ? 59  ASN A C   1 
ATOM   481  O  O   . ASN A 1 63  ? 7.245   -9.903  -3.509  1.00 29.79 ? 59  ASN A O   1 
ATOM   482  C  CB  . ASN A 1 63  ? 5.904   -11.051 -6.027  1.00 26.73 ? 59  ASN A CB  1 
ATOM   483  C  CG  . ASN A 1 63  ? 5.748   -11.174 -7.537  1.00 27.58 ? 59  ASN A CG  1 
ATOM   484  O  OD1 . ASN A 1 63  ? 5.152   -10.337 -8.188  1.00 25.54 ? 59  ASN A OD1 1 
ATOM   485  N  ND2 . ASN A 1 63  ? 6.284   -12.252 -8.087  1.00 34.16 ? 59  ASN A ND2 1 
ATOM   486  N  N   . THR A 1 64  ? 5.126   -9.142  -3.353  1.00 23.34 ? 60  THR A N   1 
ATOM   487  C  CA  . THR A 1 64  ? 5.151   -9.020  -1.917  1.00 24.55 ? 60  THR A CA  1 
ATOM   488  C  C   . THR A 1 64  ? 3.866   -9.568  -1.312  1.00 21.50 ? 60  THR A C   1 
ATOM   489  O  O   . THR A 1 64  ? 2.837   -9.673  -1.980  1.00 22.04 ? 60  THR A O   1 
ATOM   490  C  CB  . THR A 1 64  ? 5.303   -7.546  -1.467  1.00 23.79 ? 60  THR A CB  1 
ATOM   491  O  OG1 . THR A 1 64  ? 4.135   -6.794  -1.854  1.00 27.81 ? 60  THR A OG1 1 
ATOM   492  C  CG2 . THR A 1 64  ? 6.593   -6.897  -1.992  1.00 28.41 ? 60  THR A CG2 1 
ATOM   493  N  N   . GLU A 1 65  ? 3.922   -9.880  -0.015  1.00 21.15 ? 61  GLU A N   1 
ATOM   494  C  CA  . GLU A 1 65  ? 2.772   -10.397 0.686   1.00 21.47 ? 61  GLU A CA  1 
ATOM   495  C  C   . GLU A 1 65  ? 2.917   -10.093 2.169   1.00 21.86 ? 61  GLU A C   1 
ATOM   496  O  O   . GLU A 1 65  ? 3.944   -10.383 2.765   1.00 20.64 ? 61  GLU A O   1 
ATOM   497  C  CB  . GLU A 1 65  ? 2.645   -11.904 0.471   1.00 22.63 ? 61  GLU A CB  1 
ATOM   498  C  CG  . GLU A 1 65  ? 1.472   -12.554 1.164   1.00 27.82 ? 61  GLU A CG  1 
ATOM   499  C  CD  . GLU A 1 65  ? 1.280   -13.991 0.747   1.00 34.80 ? 61  GLU A CD  1 
ATOM   500  O  OE1 . GLU A 1 65  ? 2.045   -14.479 -0.118  1.00 40.84 ? 61  GLU A OE1 1 
ATOM   501  O  OE2 . GLU A 1 65  ? 0.364   -14.651 1.276   1.00 46.14 ? 61  GLU A OE2 1 
ATOM   502  N  N   . ILE A 1 66  ? 1.890   -9.499  2.767   1.00 21.17 ? 62  ILE A N   1 
ATOM   503  C  CA  . ILE A 1 66  ? 1.842   -9.297  4.209   1.00 20.65 ? 62  ILE A CA  1 
ATOM   504  C  C   . ILE A 1 66  ? 0.553   -9.886  4.753   1.00 19.82 ? 62  ILE A C   1 
ATOM   505  O  O   . ILE A 1 66  ? -0.483  -9.814  4.094   1.00 19.77 ? 62  ILE A O   1 
ATOM   506  C  CB  . ILE A 1 66  ? 1.934   -7.782  4.560   1.00 20.45 ? 62  ILE A CB  1 
ATOM   507  C  CG1 . ILE A 1 66  ? 0.863   -6.929  3.864   1.00 23.80 ? 62  ILE A CG1 1 
ATOM   508  C  CG2 . ILE A 1 66  ? 3.349   -7.249  4.263   1.00 21.62 ? 62  ILE A CG2 1 
ATOM   509  C  CD1 . ILE A 1 66  ? 0.858   -5.438  4.272   1.00 25.43 ? 62  ILE A CD1 1 
ATOM   510  N  N   . SER A 1 67  ? 0.626   -10.445 5.961   1.00 20.45 ? 63  SER A N   1 
ATOM   511  C  CA  . SER A 1 67  ? -0.548  -10.878 6.715   1.00 20.83 ? 63  SER A CA  1 
ATOM   512  C  C   . SER A 1 67  ? -0.485  -10.254 8.085   1.00 20.46 ? 63  SER A C   1 
ATOM   513  O  O   . SER A 1 67  ? 0.589   -10.210 8.675   1.00 22.94 ? 63  SER A O   1 
ATOM   514  C  CB  . SER A 1 67  ? -0.612  -12.396 6.852   1.00 21.92 ? 63  SER A CB  1 
ATOM   515  O  OG  . SER A 1 67  ? -0.805  -12.981 5.575   1.00 24.48 ? 63  SER A OG  1 
ATOM   516  N  N   . PHE A 1 68  ? -1.634  -9.797  8.582   1.00 19.88 ? 64  PHE A N   1 
ATOM   517  C  CA  . PHE A 1 68  ? -1.642  -8.998  9.810   1.00 21.55 ? 64  PHE A CA  1 
ATOM   518  C  C   . PHE A 1 68  ? -3.002  -9.019  10.505  1.00 21.95 ? 64  PHE A C   1 
ATOM   519  O  O   . PHE A 1 68  ? -4.031  -9.362  9.936   1.00 22.30 ? 64  PHE A O   1 
ATOM   520  C  CB  . PHE A 1 68  ? -1.235  -7.559  9.482   1.00 22.10 ? 64  PHE A CB  1 
ATOM   521  C  CG  . PHE A 1 68  ? -2.130  -6.901  8.470   1.00 23.09 ? 64  PHE A CG  1 
ATOM   522  C  CD1 . PHE A 1 68  ? -1.880  -7.042  7.114   1.00 23.66 ? 64  PHE A CD1 1 
ATOM   523  C  CD2 . PHE A 1 68  ? -3.256  -6.189  8.848   1.00 22.50 ? 64  PHE A CD2 1 
ATOM   524  C  CE1 . PHE A 1 68  ? -2.705  -6.487  6.180   1.00 22.71 ? 64  PHE A CE1 1 
ATOM   525  C  CE2 . PHE A 1 68  ? -4.106  -5.624  7.881   1.00 23.24 ? 64  PHE A CE2 1 
ATOM   526  C  CZ  . PHE A 1 68  ? -3.803  -5.755  6.545   1.00 23.33 ? 64  PHE A CZ  1 
ATOM   527  N  N   . ILE A 1 69  ? -2.966  -8.638  11.777  1.00 23.80 ? 65  ILE A N   1 
ATOM   528  C  CA  . ILE A 1 69  ? -4.149  -8.413  12.589  1.00 24.88 ? 65  ILE A CA  1 
ATOM   529  C  C   . ILE A 1 69  ? -4.218  -6.910  12.783  1.00 23.97 ? 65  ILE A C   1 
ATOM   530  O  O   . ILE A 1 69  ? -3.182  -6.264  12.961  1.00 23.53 ? 65  ILE A O   1 
ATOM   531  C  CB  . ILE A 1 69  ? -4.013  -9.159  13.909  1.00 25.82 ? 65  ILE A CB  1 
ATOM   532  C  CG1 . ILE A 1 69  ? -3.970  -10.679 13.647  1.00 27.34 ? 65  ILE A CG1 1 
ATOM   533  C  CG2 . ILE A 1 69  ? -5.129  -8.734  14.891  1.00 25.79 ? 65  ILE A CG2 1 
ATOM   534  C  CD1 . ILE A 1 69  ? -3.817  -11.525 14.927  1.00 33.31 ? 65  ILE A CD1 1 
ATOM   535  N  N   . LEU A 1 70  ? -5.424  -6.340  12.739  1.00 23.16 ? 66  LEU A N   1 
ATOM   536  C  CA  . LEU A 1 70  ? -5.575  -4.895  12.839  1.00 24.80 ? 66  LEU A CA  1 
ATOM   537  C  C   . LEU A 1 70  ? -5.034  -4.445  14.205  1.00 27.49 ? 66  LEU A C   1 
ATOM   538  O  O   . LEU A 1 70  ? -5.241  -5.125  15.212  1.00 30.69 ? 66  LEU A O   1 
ATOM   539  C  CB  . LEU A 1 70  ? -7.023  -4.472  12.656  1.00 24.39 ? 66  LEU A CB  1 
ATOM   540  C  CG  . LEU A 1 70  ? -7.651  -4.714  11.278  1.00 24.49 ? 66  LEU A CG  1 
ATOM   541  C  CD1 . LEU A 1 70  ? -9.172  -4.689  11.323  1.00 29.93 ? 66  LEU A CD1 1 
ATOM   542  C  CD2 . LEU A 1 70  ? -7.146  -3.739  10.233  1.00 25.15 ? 66  LEU A CD2 1 
ATOM   543  N  N   . GLY A 1 71  ? -4.271  -3.361  14.191  1.00 25.53 ? 67  GLY A N   1 
ATOM   544  C  CA  . GLY A 1 71  ? -3.732  -2.776  15.434  1.00 29.53 ? 67  GLY A CA  1 
ATOM   545  C  C   . GLY A 1 71  ? -2.410  -3.339  15.935  1.00 33.63 ? 67  GLY A C   1 
ATOM   546  O  O   . GLY A 1 71  ? -1.747  -2.704  16.783  1.00 34.31 ? 67  GLY A O   1 
ATOM   547  N  N   . GLN A 1 72  ? -2.004  -4.501  15.410  1.00 27.80 ? 68  GLN A N   1 
ATOM   548  C  CA  . GLN A 1 72  ? -0.809  -5.206  15.863  1.00 26.22 ? 68  GLN A CA  1 
ATOM   549  C  C   . GLN A 1 72  ? 0.401   -5.008  14.959  1.00 28.60 ? 68  GLN A C   1 
ATOM   550  O  O   . GLN A 1 72  ? 0.375   -5.370  13.771  1.00 26.19 ? 68  GLN A O   1 
ATOM   551  C  CB  . GLN A 1 72  ? -1.089  -6.700  16.002  1.00 27.73 ? 68  GLN A CB  1 
ATOM   552  C  CG  . GLN A 1 72  ? -2.180  -7.009  17.024  1.00 36.94 ? 68  GLN A CG  1 
ATOM   553  C  CD  . GLN A 1 72  ? -2.181  -8.476  17.473  1.00 43.91 ? 68  GLN A CD  1 
ATOM   554  O  OE1 . GLN A 1 72  ? -1.485  -9.321  16.894  1.00 42.84 ? 68  GLN A OE1 1 
ATOM   555  N  NE2 . GLN A 1 72  ? -2.975  -8.780  18.508  1.00 52.27 ? 68  GLN A NE2 1 
ATOM   556  N  N   . GLU A 1 73  ? 1.466   -4.439  15.512  1.00 27.40 ? 69  GLU A N   1 
ATOM   557  C  CA  . GLU A 1 73  ? 2.688   -4.162  14.759  1.00 29.09 ? 69  GLU A CA  1 
ATOM   558  C  C   . GLU A 1 73  ? 3.305   -5.447  14.208  1.00 24.08 ? 69  GLU A C   1 
ATOM   559  O  O   . GLU A 1 73  ? 3.310   -6.488  14.864  1.00 26.95 ? 69  GLU A O   1 
ATOM   560  C  CB  . GLU A 1 73  ? 3.721   -3.459  15.646  1.00 31.62 ? 69  GLU A CB  1 
ATOM   561  C  CG  . GLU A 1 73  ? 4.978   -3.006  14.918  1.00 34.91 ? 69  GLU A CG  1 
ATOM   562  C  CD  . GLU A 1 73  ? 5.990   -2.377  15.856  1.00 40.44 ? 69  GLU A CD  1 
ATOM   563  O  OE1 . GLU A 1 73  ? 6.685   -3.133  16.584  1.00 42.96 ? 69  GLU A OE1 1 
ATOM   564  O  OE2 . GLU A 1 73  ? 6.070   -1.134  15.853  1.00 41.11 ? 69  GLU A OE2 1 
ATOM   565  N  N   . PHE A 1 74  ? 3.838   -5.351  12.990  1.00 25.13 ? 70  PHE A N   1 
ATOM   566  C  CA  . PHE A 1 74  ? 4.553   -6.444  12.370  1.00 23.25 ? 70  PHE A CA  1 
ATOM   567  C  C   . PHE A 1 74  ? 5.784   -5.954  11.581  1.00 22.63 ? 70  PHE A C   1 
ATOM   568  O  O   . PHE A 1 74  ? 5.896   -4.783  11.235  1.00 24.42 ? 70  PHE A O   1 
ATOM   569  C  CB  . PHE A 1 74  ? 3.628   -7.276  11.466  1.00 23.78 ? 70  PHE A CB  1 
ATOM   570  C  CG  . PHE A 1 74  ? 2.986   -6.499  10.351  1.00 22.07 ? 70  PHE A CG  1 
ATOM   571  C  CD1 . PHE A 1 74  ? 1.827   -5.763  10.561  1.00 24.02 ? 70  PHE A CD1 1 
ATOM   572  C  CD2 . PHE A 1 74  ? 3.498   -6.573  9.053   1.00 25.31 ? 70  PHE A CD2 1 
ATOM   573  C  CE1 . PHE A 1 74  ? 1.226   -5.054  9.528   1.00 22.02 ? 70  PHE A CE1 1 
ATOM   574  C  CE2 . PHE A 1 74  ? 2.895   -5.864  8.006   1.00 23.63 ? 70  PHE A CE2 1 
ATOM   575  C  CZ  . PHE A 1 74  ? 1.762   -5.113  8.246   1.00 23.46 ? 70  PHE A CZ  1 
ATOM   576  N  N   . ASP A 1 75  ? 6.720   -6.861  11.328  1.00 23.61 ? 71  ASP A N   1 
ATOM   577  C  CA  . ASP A 1 75  ? 7.874   -6.592  10.480  1.00 24.46 ? 71  ASP A CA  1 
ATOM   578  C  C   . ASP A 1 75  ? 7.464   -6.727  9.021   1.00 21.99 ? 71  ASP A C   1 
ATOM   579  O  O   . ASP A 1 75  ? 6.725   -7.648  8.647   1.00 25.64 ? 71  ASP A O   1 
ATOM   580  C  CB  . ASP A 1 75  ? 8.996   -7.591  10.757  1.00 26.42 ? 71  ASP A CB  1 
ATOM   581  C  CG  . ASP A 1 75  ? 9.536   -7.480  12.177  1.00 31.20 ? 71  ASP A CG  1 
ATOM   582  O  OD1 . ASP A 1 75  ? 9.846   -6.336  12.581  1.00 29.53 ? 71  ASP A OD1 1 
ATOM   583  O  OD2 . ASP A 1 75  ? 9.644   -8.531  12.883  1.00 28.30 ? 71  ASP A OD2 1 
ATOM   584  N  N   . GLU A 1 76  ? 7.964   -5.809  8.200   1.00 23.15 ? 72  GLU A N   1 
ATOM   585  C  CA  . GLU A 1 76  ? 7.703   -5.860  6.762   1.00 23.01 ? 72  GLU A CA  1 
ATOM   586  C  C   . GLU A 1 76  ? 8.988   -5.499  6.019   1.00 23.02 ? 72  GLU A C   1 
ATOM   587  O  O   . GLU A 1 76  ? 9.667   -4.541  6.383   1.00 24.40 ? 72  GLU A O   1 
ATOM   588  C  CB  . GLU A 1 76  ? 6.576   -4.865  6.393   1.00 23.58 ? 72  GLU A CB  1 
ATOM   589  C  CG  . GLU A 1 76  ? 6.191   -4.837  4.895   1.00 23.56 ? 72  GLU A CG  1 
ATOM   590  C  CD  . GLU A 1 76  ? 5.154   -3.770  4.501   1.00 28.03 ? 72  GLU A CD  1 
ATOM   591  O  OE1 . GLU A 1 76  ? 4.685   -2.949  5.342   1.00 25.68 ? 72  GLU A OE1 1 
ATOM   592  O  OE2 . GLU A 1 76  ? 4.772   -3.745  3.307   1.00 31.06 ? 72  GLU A OE2 1 
ATOM   593  N  N   . VAL A 1 77  ? 9.296   -6.251  4.963   1.00 23.63 ? 73  VAL A N   1 
ATOM   594  C  CA  . VAL A 1 77  ? 10.300  -5.808  4.001   1.00 24.75 ? 73  VAL A CA  1 
ATOM   595  C  C   . VAL A 1 77  ? 9.521   -5.333  2.762   1.00 23.66 ? 73  VAL A C   1 
ATOM   596  O  O   . VAL A 1 77  ? 8.812   -6.107  2.111   1.00 24.07 ? 73  VAL A O   1 
ATOM   597  C  CB  . VAL A 1 77  ? 11.339  -6.905  3.658   1.00 26.47 ? 73  VAL A CB  1 
ATOM   598  C  CG1 . VAL A 1 77  ? 12.319  -6.393  2.588   1.00 29.11 ? 73  VAL A CG1 1 
ATOM   599  C  CG2 . VAL A 1 77  ? 12.106  -7.332  4.913   1.00 27.24 ? 73  VAL A CG2 1 
ATOM   600  N  N   . THR A 1 78  ? 9.616   -4.040  2.486   1.00 23.48 ? 74  THR A N   1 
ATOM   601  C  CA  . THR A 1 78  ? 8.831   -3.398  1.420   1.00 23.14 ? 74  THR A CA  1 
ATOM   602  C  C   . THR A 1 78  ? 9.345   -3.769  0.037   1.00 25.39 ? 74  THR A C   1 
ATOM   603  O  O   . THR A 1 78  ? 10.460  -4.358  -0.117  1.00 23.70 ? 74  THR A O   1 
ATOM   604  C  CB  . THR A 1 78  ? 8.850   -1.860  1.547   1.00 23.40 ? 74  THR A CB  1 
ATOM   605  O  OG1 . THR A 1 78  ? 10.177  -1.377  1.338   1.00 21.57 ? 74  THR A OG1 1 
ATOM   606  C  CG2 . THR A 1 78  ? 8.361   -1.450  2.956   1.00 22.00 ? 74  THR A CG2 1 
ATOM   607  N  N   . ALA A 1 79  ? 8.545   -3.430  -0.977  1.00 25.94 ? 75  ALA A N   1 
ATOM   608  C  CA  . ALA A 1 79  ? 8.904   -3.777  -2.361  1.00 23.96 ? 75  ALA A CA  1 
ATOM   609  C  C   . ALA A 1 79  ? 10.267  -3.172  -2.706  1.00 27.08 ? 75  ALA A C   1 
ATOM   610  O  O   . ALA A 1 79  ? 11.095  -3.819  -3.353  1.00 26.08 ? 75  ALA A O   1 
ATOM   611  C  CB  . ALA A 1 79  ? 7.850   -3.298  -3.330  1.00 23.35 ? 75  ALA A CB  1 
ATOM   612  N  N   . ASP A 1 80  ? 10.514  -1.947  -2.232  1.00 23.64 ? 76  ASP A N   1 
ATOM   613  C  CA  . ASP A 1 80  ? 11.820  -1.245  -2.391  1.00 24.97 ? 76  ASP A CA  1 
ATOM   614  C  C   . ASP A 1 80  ? 12.892  -1.572  -1.319  1.00 25.56 ? 76  ASP A C   1 
ATOM   615  O  O   . ASP A 1 80  ? 13.872  -0.832  -1.142  1.00 27.85 ? 76  ASP A O   1 
ATOM   616  C  CB  . ASP A 1 80  ? 11.590  0.274   -2.465  1.00 23.26 ? 76  ASP A CB  1 
ATOM   617  C  CG  . ASP A 1 80  ? 10.984  0.835   -1.181  1.00 22.65 ? 76  ASP A CG  1 
ATOM   618  O  OD1 . ASP A 1 80  ? 9.924   0.285   -0.737  1.00 24.66 ? 76  ASP A OD1 1 
ATOM   619  O  OD2 . ASP A 1 80  ? 11.540  1.829   -0.659  1.00 25.28 ? 76  ASP A OD2 1 
ATOM   620  N  N   . ASP A 1 81  ? 12.699  -2.690  -0.619  1.00 25.99 ? 77  ASP A N   1 
ATOM   621  C  CA  . ASP A 1 81  ? 13.683  -3.256  0.317   1.00 28.78 ? 77  ASP A CA  1 
ATOM   622  C  C   . ASP A 1 81  ? 13.970  -2.459  1.593   1.00 29.98 ? 77  ASP A C   1 
ATOM   623  O  O   . ASP A 1 81  ? 15.029  -2.623  2.199   1.00 34.67 ? 77  ASP A O   1 
ATOM   624  C  CB  . ASP A 1 81  ? 15.000  -3.594  -0.430  1.00 36.32 ? 77  ASP A CB  1 
ATOM   625  C  CG  . ASP A 1 81  ? 15.270  -5.088  -0.489  1.00 47.70 ? 77  ASP A CG  1 
ATOM   626  O  OD1 . ASP A 1 81  ? 15.325  -5.724  0.597   1.00 46.65 ? 77  ASP A OD1 1 
ATOM   627  O  OD2 . ASP A 1 81  ? 15.433  -5.620  -1.618  1.00 56.95 ? 77  ASP A OD2 1 
ATOM   628  N  N   . ARG A 1 82  ? 13.016  -1.648  2.040   1.00 24.85 ? 78  ARG A N   1 
ATOM   629  C  CA  . ARG A 1 82  ? 13.102  -1.060  3.377   1.00 26.70 ? 78  ARG A CA  1 
ATOM   630  C  C   . ARG A 1 82  ? 12.635  -2.076  4.405   1.00 27.10 ? 78  ARG A C   1 
ATOM   631  O  O   . ARG A 1 82  ? 11.623  -2.770  4.202   1.00 26.99 ? 78  ARG A O   1 
ATOM   632  C  CB  . ARG A 1 82  ? 12.264  0.218   3.504   1.00 25.21 ? 78  ARG A CB  1 
ATOM   633  C  CG  . ARG A 1 82  ? 12.778  1.424   2.754   1.00 24.95 ? 78  ARG A CG  1 
ATOM   634  C  CD  . ARG A 1 82  ? 11.731  2.584   2.764   1.00 26.74 ? 78  ARG A CD  1 
ATOM   635  N  NE  . ARG A 1 82  ? 10.589  2.273   1.894   1.00 28.18 ? 78  ARG A NE  1 
ATOM   636  C  CZ  . ARG A 1 82  ? 9.289   2.328   2.209   1.00 28.19 ? 78  ARG A CZ  1 
ATOM   637  N  NH1 . ARG A 1 82  ? 8.863   2.760   3.401   1.00 25.97 ? 78  ARG A NH1 1 
ATOM   638  N  NH2 . ARG A 1 82  ? 8.394   1.953   1.298   1.00 26.88 ? 78  ARG A NH2 1 
ATOM   639  N  N   . LYS A 1 83  ? 13.363  -2.140  5.517   1.00 27.90 ? 79  LYS A N   1 
ATOM   640  C  CA  . LYS A 1 83  ? 12.987  -3.000  6.617   1.00 27.87 ? 79  LYS A CA  1 
ATOM   641  C  C   . LYS A 1 83  ? 12.238  -2.126  7.609   1.00 25.87 ? 79  LYS A C   1 
ATOM   642  O  O   . LYS A 1 83  ? 12.833  -1.291  8.308   1.00 29.23 ? 79  LYS A O   1 
ATOM   643  C  CB  . LYS A 1 83  ? 14.219  -3.657  7.277   1.00 31.60 ? 79  LYS A CB  1 
ATOM   644  C  CG  . LYS A 1 83  ? 14.918  -4.731  6.413   1.00 39.01 ? 79  LYS A CG  1 
ATOM   645  C  CD  . LYS A 1 83  ? 15.614  -4.162  5.179   1.00 45.22 ? 79  LYS A CD  1 
ATOM   646  C  CE  . LYS A 1 83  ? 16.354  -5.242  4.402   1.00 50.81 ? 79  LYS A CE  1 
ATOM   647  N  NZ  . LYS A 1 83  ? 16.568  -4.832  2.979   1.00 53.34 ? 79  LYS A NZ  1 
ATOM   648  N  N   . VAL A 1 84  ? 10.921  -2.304  7.647   1.00 24.46 ? 80  VAL A N   1 
ATOM   649  C  CA  . VAL A 1 84  ? 10.045  -1.389  8.373   1.00 22.08 ? 80  VAL A CA  1 
ATOM   650  C  C   . VAL A 1 84  ? 9.210   -2.090  9.453   1.00 23.49 ? 80  VAL A C   1 
ATOM   651  O  O   . VAL A 1 84  ? 9.044   -3.305  9.440   1.00 23.55 ? 80  VAL A O   1 
ATOM   652  C  CB  . VAL A 1 84  ? 9.130   -0.589  7.401   1.00 21.61 ? 80  VAL A CB  1 
ATOM   653  C  CG1 . VAL A 1 84  ? 9.946   -0.038  6.207   1.00 20.92 ? 80  VAL A CG1 1 
ATOM   654  C  CG2 . VAL A 1 84  ? 7.935   -1.428  6.912   1.00 24.87 ? 80  VAL A CG2 1 
ATOM   655  N  N   . LYS A 1 85  ? 8.750   -1.305  10.425  1.00 22.82 ? 81  LYS A N   1 
ATOM   656  C  CA  . LYS A 1 85  ? 7.773   -1.726  11.417  1.00 26.06 ? 81  LYS A CA  1 
ATOM   657  C  C   . LYS A 1 85  ? 6.424   -1.141  11.008  1.00 23.49 ? 81  LYS A C   1 
ATOM   658  O  O   . LYS A 1 85  ? 6.253   0.082   10.926  1.00 25.66 ? 81  LYS A O   1 
ATOM   659  C  CB  . LYS A 1 85  ? 8.171   -1.233  12.818  1.00 29.25 ? 81  LYS A CB  1 
ATOM   660  C  CG  . LYS A 1 85  ? 9.474   -1.831  13.349  1.00 28.65 ? 81  LYS A CG  1 
ATOM   661  C  CD  . LYS A 1 85  ? 9.235   -3.236  13.829  1.00 32.17 ? 81  LYS A CD  1 
ATOM   662  C  CE  . LYS A 1 85  ? 10.401  -3.787  14.614  1.00 35.64 ? 81  LYS A CE  1 
ATOM   663  N  NZ  . LYS A 1 85  ? 10.057  -5.155  15.142  1.00 40.40 ? 81  LYS A NZ  1 
ATOM   664  N  N   . SER A 1 86  ? 5.463   -2.026  10.746  1.00 24.07 ? 82  SER A N   1 
ATOM   665  C  CA  . SER A 1 86  ? 4.154   -1.681  10.171  1.00 21.58 ? 82  SER A CA  1 
ATOM   666  C  C   . SER A 1 86  ? 3.001   -1.931  11.137  1.00 22.52 ? 82  SER A C   1 
ATOM   667  O  O   . SER A 1 86  ? 2.977   -2.952  11.835  1.00 23.92 ? 82  SER A O   1 
ATOM   668  C  CB  . SER A 1 86  ? 3.902   -2.469  8.877   1.00 24.82 ? 82  SER A CB  1 
ATOM   669  O  OG  . SER A 1 86  ? 4.714   -1.983  7.835   1.00 25.39 ? 82  SER A OG  1 
ATOM   670  N  N   . THR A 1 87  ? 2.058   -0.982  11.187  1.00 22.48 ? 83  THR A N   1 
ATOM   671  C  CA  . THR A 1 87  ? 0.814   -1.171  11.888  1.00 24.13 ? 83  THR A CA  1 
ATOM   672  C  C   . THR A 1 87  ? -0.306  -0.740  10.942  1.00 23.92 ? 83  THR A C   1 
ATOM   673  O  O   . THR A 1 87  ? -0.210  0.310   10.283  1.00 25.19 ? 83  THR A O   1 
ATOM   674  C  CB  . THR A 1 87  ? 0.779   -0.357  13.218  1.00 23.82 ? 83  THR A CB  1 
ATOM   675  O  OG1 . THR A 1 87  ? 1.967   -0.623  13.984  1.00 28.19 ? 83  THR A OG1 1 
ATOM   676  C  CG2 . THR A 1 87  ? -0.452  -0.720  13.997  1.00 26.92 ? 83  THR A CG2 1 
ATOM   677  N  N   . ILE A 1 88  ? -1.335  -1.583  10.830  1.00 23.13 ? 84  ILE A N   1 
ATOM   678  C  CA  . ILE A 1 88  ? -2.487  -1.310  9.978   1.00 22.09 ? 84  ILE A CA  1 
ATOM   679  C  C   . ILE A 1 88  ? -3.746  -1.364  10.841  1.00 22.60 ? 84  ILE A C   1 
ATOM   680  O  O   . ILE A 1 88  ? -3.947  -2.314  11.581  1.00 22.19 ? 84  ILE A O   1 
ATOM   681  C  CB  . ILE A 1 88  ? -2.638  -2.312  8.774   1.00 23.74 ? 84  ILE A CB  1 
ATOM   682  C  CG1 . ILE A 1 88  ? -1.401  -2.192  7.880   1.00 21.60 ? 84  ILE A CG1 1 
ATOM   683  C  CG2 . ILE A 1 88  ? -3.918  -2.021  7.974   1.00 23.02 ? 84  ILE A CG2 1 
ATOM   684  C  CD1 . ILE A 1 88  ? -1.274  -3.264  6.808   1.00 21.35 ? 84  ILE A CD1 1 
ATOM   685  N  N   . THR A 1 89  ? -4.532  -0.288  10.758  1.00 24.73 ? 85  THR A N   1 
ATOM   686  C  CA  . THR A 1 89  ? -5.794  -0.141  11.486  1.00 27.85 ? 85  THR A CA  1 
ATOM   687  C  C   . THR A 1 89  ? -6.911  0.255   10.533  1.00 30.23 ? 85  THR A C   1 
ATOM   688  O  O   . THR A 1 89  ? -6.664  0.745   9.421   1.00 30.45 ? 85  THR A O   1 
ATOM   689  C  CB  . THR A 1 89  ? -5.659  0.963   12.574  1.00 29.72 ? 85  THR A CB  1 
ATOM   690  O  OG1 . THR A 1 89  ? -5.216  2.185   11.954  1.00 34.17 ? 85  THR A OG1 1 
ATOM   691  C  CG2 . THR A 1 89  ? -4.662  0.550   13.650  1.00 30.83 ? 85  THR A CG2 1 
ATOM   692  N  N   . LEU A 1 90  ? -8.147  0.044   10.969  1.00 28.60 ? 86  LEU A N   1 
ATOM   693  C  CA  . LEU A 1 90  ? -9.312  0.409   10.187  1.00 32.08 ? 86  LEU A CA  1 
ATOM   694  C  C   . LEU A 1 90  ? -9.959  1.582   10.924  1.00 36.37 ? 86  LEU A C   1 
ATOM   695  O  O   . LEU A 1 90  ? -10.427 1.434   12.057  1.00 42.57 ? 86  LEU A O   1 
ATOM   696  C  CB  . LEU A 1 90  ? -10.236 -0.812  10.057  1.00 32.33 ? 86  LEU A CB  1 
ATOM   697  C  CG  . LEU A 1 90  ? -11.408 -0.826  9.071   1.00 35.47 ? 86  LEU A CG  1 
ATOM   698  C  CD1 . LEU A 1 90  ? -11.010 -0.648  7.602   1.00 30.91 ? 86  LEU A CD1 1 
ATOM   699  C  CD2 . LEU A 1 90  ? -12.142 -2.137  9.259   1.00 32.98 ? 86  LEU A CD2 1 
ATOM   700  N  N   . ASP A 1 91  ? -9.891  2.761   10.309  1.00 37.93 ? 87  ASP A N   1 
ATOM   701  C  CA  . ASP A 1 91  ? -10.398 3.993   10.887  1.00 47.89 ? 87  ASP A CA  1 
ATOM   702  C  C   . ASP A 1 91  ? -11.564 4.490   10.032  1.00 43.88 ? 87  ASP A C   1 
ATOM   703  O  O   . ASP A 1 91  ? -11.362 5.006   8.932   1.00 41.20 ? 87  ASP A O   1 
ATOM   704  C  CB  . ASP A 1 91  ? -9.276  5.038   10.968  1.00 54.02 ? 87  ASP A CB  1 
ATOM   705  C  CG  . ASP A 1 91  ? -8.107  4.591   11.866  1.00 64.43 ? 87  ASP A CG  1 
ATOM   706  O  OD1 . ASP A 1 91  ? -8.338  3.801   12.819  1.00 69.41 ? 87  ASP A OD1 1 
ATOM   707  O  OD2 . ASP A 1 91  ? -6.956  5.037   11.624  1.00 69.42 ? 87  ASP A OD2 1 
ATOM   708  N  N   . GLY A 1 92  ? -12.786 4.298   10.540  1.00 44.38 ? 88  GLY A N   1 
ATOM   709  C  CA  . GLY A 1 92  ? -14.004 4.740   9.857   1.00 44.85 ? 88  GLY A CA  1 
ATOM   710  C  C   . GLY A 1 92  ? -14.073 4.320   8.398   1.00 41.27 ? 88  GLY A C   1 
ATOM   711  O  O   . GLY A 1 92  ? -14.271 5.168   7.520   1.00 40.20 ? 88  GLY A O   1 
ATOM   712  N  N   . GLY A 1 93  ? -13.880 3.019   8.148   1.00 36.93 ? 89  GLY A N   1 
ATOM   713  C  CA  . GLY A 1 93  ? -13.945 2.452   6.791   1.00 35.07 ? 89  GLY A CA  1 
ATOM   714  C  C   . GLY A 1 93  ? -12.644 2.444   5.987   1.00 31.97 ? 89  GLY A C   1 
ATOM   715  O  O   . GLY A 1 93  ? -12.532 1.723   4.983   1.00 35.95 ? 89  GLY A O   1 
ATOM   716  N  N   . VAL A 1 94  ? -11.660 3.222   6.435   1.00 31.76 ? 90  VAL A N   1 
ATOM   717  C  CA  . VAL A 1 94  ? -10.380 3.383   5.742   1.00 28.39 ? 90  VAL A CA  1 
ATOM   718  C  C   . VAL A 1 94  ? -9.282  2.534   6.390   1.00 26.57 ? 90  VAL A C   1 
ATOM   719  O  O   . VAL A 1 94  ? -9.088  2.603   7.581   1.00 24.54 ? 90  VAL A O   1 
ATOM   720  C  CB  . VAL A 1 94  ? -9.903  4.838   5.807   1.00 29.52 ? 90  VAL A CB  1 
ATOM   721  C  CG1 . VAL A 1 94  ? -8.627  5.006   4.988   1.00 28.58 ? 90  VAL A CG1 1 
ATOM   722  C  CG2 . VAL A 1 94  ? -10.992 5.790   5.332   1.00 30.48 ? 90  VAL A CG2 1 
ATOM   723  N  N   . LEU A 1 95  ? -8.547  1.766   5.572   1.00 24.08 ? 91  LEU A N   1 
ATOM   724  C  CA  A LEU A 1 95  ? -7.388  0.990   6.043   0.50 22.90 ? 91  LEU A CA  1 
ATOM   725  C  CA  B LEU A 1 95  ? -7.407  0.990   6.038   0.50 24.74 ? 91  LEU A CA  1 
ATOM   726  C  C   . LEU A 1 95  ? -6.184  1.915   6.071   1.00 20.93 ? 91  LEU A C   1 
ATOM   727  O  O   . LEU A 1 95  ? -5.810  2.491   5.055   1.00 23.14 ? 91  LEU A O   1 
ATOM   728  C  CB  A LEU A 1 95  ? -7.084  -0.196  5.105   0.50 21.14 ? 91  LEU A CB  1 
ATOM   729  C  CB  B LEU A 1 95  ? -7.186  -0.179  5.068   0.50 25.16 ? 91  LEU A CB  1 
ATOM   730  C  CG  A LEU A 1 95  ? -8.005  -1.408  5.186   0.50 19.04 ? 91  LEU A CG  1 
ATOM   731  C  CG  B LEU A 1 95  ? -6.661  -1.500  5.600   0.50 27.08 ? 91  LEU A CG  1 
ATOM   732  C  CD1 A LEU A 1 95  ? -7.730  -2.338  3.995   0.50 19.51 ? 91  LEU A CD1 1 
ATOM   733  C  CD1 B LEU A 1 95  ? -7.414  -2.027  6.816   0.50 26.67 ? 91  LEU A CD1 1 
ATOM   734  C  CD2 A LEU A 1 95  ? -7.831  -2.148  6.486   0.50 20.16 ? 91  LEU A CD2 1 
ATOM   735  C  CD2 B LEU A 1 95  ? -6.763  -2.455  4.425   0.50 21.93 ? 91  LEU A CD2 1 
ATOM   736  N  N   . VAL A 1 96  ? -5.610  2.102   7.254   1.00 22.70 ? 92  VAL A N   1 
ATOM   737  C  CA  . VAL A 1 96  ? -4.502  3.037   7.461   1.00 24.30 ? 92  VAL A CA  1 
ATOM   738  C  C   . VAL A 1 96  ? -3.244  2.237   7.831   1.00 25.07 ? 92  VAL A C   1 
ATOM   739  O  O   . VAL A 1 96  ? -3.226  1.566   8.840   1.00 21.97 ? 92  VAL A O   1 
ATOM   740  C  CB  . VAL A 1 96  ? -4.870  4.057   8.607   1.00 25.30 ? 92  VAL A CB  1 
ATOM   741  C  CG1 . VAL A 1 96  ? -3.708  5.020   8.878   1.00 25.44 ? 92  VAL A CG1 1 
ATOM   742  C  CG2 . VAL A 1 96  ? -6.147  4.791   8.254   1.00 28.44 ? 92  VAL A CG2 1 
ATOM   743  N  N   . HIS A 1 97  ? -2.206  2.344   7.005   1.00 21.83 ? 93  HIS A N   1 
ATOM   744  C  CA  . HIS A 1 97  ? -0.992  1.532   7.129   1.00 23.70 ? 93  HIS A CA  1 
ATOM   745  C  C   . HIS A 1 97  ? 0.135   2.507   7.439   1.00 22.74 ? 93  HIS A C   1 
ATOM   746  O  O   . HIS A 1 97  ? 0.451   3.363   6.614   1.00 23.04 ? 93  HIS A O   1 
ATOM   747  C  CB  . HIS A 1 97  ? -0.753  0.792   5.800   1.00 25.48 ? 93  HIS A CB  1 
ATOM   748  C  CG  . HIS A 1 97  ? 0.472   -0.072  5.770   1.00 22.97 ? 93  HIS A CG  1 
ATOM   749  N  ND1 . HIS A 1 97  ? 0.781   -0.855  4.679   1.00 26.61 ? 93  HIS A ND1 1 
ATOM   750  C  CD2 . HIS A 1 97  ? 1.451   -0.285  6.680   1.00 23.76 ? 93  HIS A CD2 1 
ATOM   751  C  CE1 . HIS A 1 97  ? 1.902   -1.516  4.928   1.00 21.87 ? 93  HIS A CE1 1 
ATOM   752  N  NE2 . HIS A 1 97  ? 2.327   -1.196  6.136   1.00 24.35 ? 93  HIS A NE2 1 
ATOM   753  N  N   . VAL A 1 98  ? 0.726   2.386   8.632   1.00 23.00 ? 94  VAL A N   1 
ATOM   754  C  CA  . VAL A 1 98  ? 1.899   3.188   8.993   1.00 24.63 ? 94  VAL A CA  1 
ATOM   755  C  C   . VAL A 1 98  ? 3.174   2.361   8.988   1.00 22.51 ? 94  VAL A C   1 
ATOM   756  O  O   . VAL A 1 98  ? 3.201   1.281   9.553   1.00 24.61 ? 94  VAL A O   1 
ATOM   757  C  CB  . VAL A 1 98  ? 1.697   3.909   10.355  1.00 23.56 ? 94  VAL A CB  1 
ATOM   758  C  CG1 . VAL A 1 98  ? 2.917   4.777   10.675  1.00 27.51 ? 94  VAL A CG1 1 
ATOM   759  C  CG2 . VAL A 1 98  ? 0.433   4.771   10.295  1.00 27.85 ? 94  VAL A CG2 1 
ATOM   760  N  N   . GLN A 1 99  ? 4.211   2.872   8.321   1.00 21.26 ? 95  GLN A N   1 
ATOM   761  C  CA  . GLN A 1 99  ? 5.491   2.172   8.205   1.00 23.22 ? 95  GLN A CA  1 
ATOM   762  C  C   . GLN A 1 99  ? 6.558   3.075   8.839   1.00 23.73 ? 95  GLN A C   1 
ATOM   763  O  O   . GLN A 1 99  ? 6.718   4.229   8.410   1.00 25.04 ? 95  GLN A O   1 
ATOM   764  C  CB  . GLN A 1 99  ? 5.871   1.926   6.746   1.00 25.79 ? 95  GLN A CB  1 
ATOM   765  C  CG  . GLN A 1 99  ? 4.981   0.944   5.949   1.00 24.00 ? 95  GLN A CG  1 
ATOM   766  C  CD  . GLN A 1 99  ? 5.353   0.897   4.466   1.00 24.77 ? 95  GLN A CD  1 
ATOM   767  O  OE1 . GLN A 1 99  ? 6.011   1.788   3.938   1.00 23.12 ? 95  GLN A OE1 1 
ATOM   768  N  NE2 . GLN A 1 99  ? 4.961   -0.191  3.801   1.00 26.29 ? 95  GLN A NE2 1 
ATOM   769  N  N   . LYS A 1 100 ? 7.281   2.542   9.817   1.00 25.85 ? 96  LYS A N   1 
ATOM   770  C  CA  . LYS A 1 100 ? 8.334   3.270   10.530  1.00 28.15 ? 96  LYS A CA  1 
ATOM   771  C  C   . LYS A 1 100 ? 9.669   2.591   10.312  1.00 27.48 ? 96  LYS A C   1 
ATOM   772  O  O   . LYS A 1 100 ? 9.768   1.368   10.452  1.00 25.85 ? 96  LYS A O   1 
ATOM   773  C  CB  . LYS A 1 100 ? 8.056   3.252   12.034  1.00 29.54 ? 96  LYS A CB  1 
ATOM   774  C  CG  . LYS A 1 100 ? 6.647   3.636   12.461  1.00 36.30 ? 96  LYS A CG  1 
ATOM   775  C  CD  . LYS A 1 100 ? 6.452   5.126   12.561  1.00 45.23 ? 96  LYS A CD  1 
ATOM   776  C  CE  . LYS A 1 100 ? 5.252   5.478   13.461  1.00 46.86 ? 96  LYS A CE  1 
ATOM   777  N  NZ  . LYS A 1 100 ? 4.741   6.893   13.243  1.00 49.49 ? 96  LYS A NZ  1 
ATOM   778  N  N   . TRP A 1 101 ? 10.697  3.368   9.975   1.00 24.71 ? 97  TRP A N   1 
ATOM   779  C  CA  . TRP A 1 101 ? 12.056  2.826   9.834   1.00 29.67 ? 97  TRP A CA  1 
ATOM   780  C  C   . TRP A 1 101 ? 13.081  3.976   9.926   1.00 31.21 ? 97  TRP A C   1 
ATOM   781  O  O   . TRP A 1 101 ? 12.815  5.087   9.452   1.00 30.82 ? 97  TRP A O   1 
ATOM   782  C  CB  . TRP A 1 101 ? 12.186  2.065   8.500   1.00 29.18 ? 97  TRP A CB  1 
ATOM   783  C  CG  . TRP A 1 101 ? 12.408  2.992   7.301   1.00 27.75 ? 97  TRP A CG  1 
ATOM   784  C  CD1 . TRP A 1 101 ? 13.572  3.176   6.612   1.00 26.06 ? 97  TRP A CD1 1 
ATOM   785  C  CD2 . TRP A 1 101 ? 11.447  3.871   6.695   1.00 24.83 ? 97  TRP A CD2 1 
ATOM   786  N  NE1 . TRP A 1 101 ? 13.394  4.094   5.607   1.00 28.12 ? 97  TRP A NE1 1 
ATOM   787  C  CE2 . TRP A 1 101 ? 12.104  4.557   5.651   1.00 27.71 ? 97  TRP A CE2 1 
ATOM   788  C  CE3 . TRP A 1 101 ? 10.095  4.147   6.937   1.00 24.82 ? 97  TRP A CE3 1 
ATOM   789  C  CZ2 . TRP A 1 101 ? 11.442  5.490   4.829   1.00 26.75 ? 97  TRP A CZ2 1 
ATOM   790  C  CZ3 . TRP A 1 101 ? 9.446   5.082   6.139   1.00 24.76 ? 97  TRP A CZ3 1 
ATOM   791  C  CH2 . TRP A 1 101 ? 10.117  5.741   5.100   1.00 25.78 ? 97  TRP A CH2 1 
ATOM   792  N  N   . ASP A 1 102 ? 14.225  3.708   10.561  1.00 35.40 ? 98  ASP A N   1 
ATOM   793  C  CA  . ASP A 1 102 ? 15.326  4.686   10.667  1.00 37.58 ? 98  ASP A CA  1 
ATOM   794  C  C   . ASP A 1 102 ? 14.856  6.064   11.125  1.00 35.38 ? 98  ASP A C   1 
ATOM   795  O  O   . ASP A 1 102 ? 15.361  7.089   10.661  1.00 36.36 ? 98  ASP A O   1 
ATOM   796  C  CB  . ASP A 1 102 ? 16.048  4.806   9.325   1.00 41.01 ? 98  ASP A CB  1 
ATOM   797  C  CG  . ASP A 1 102 ? 16.604  3.481   8.845   1.00 51.17 ? 98  ASP A CG  1 
ATOM   798  O  OD1 . ASP A 1 102 ? 16.707  2.542   9.669   1.00 57.67 ? 98  ASP A OD1 1 
ATOM   799  O  OD2 . ASP A 1 102 ? 16.947  3.381   7.645   1.00 59.31 ? 98  ASP A OD2 1 
ATOM   800  N  N   . GLY A 1 103 ? 13.869  6.064   12.019  1.00 32.81 ? 99  GLY A N   1 
ATOM   801  C  CA  . GLY A 1 103 ? 13.316  7.290   12.571  1.00 33.69 ? 99  GLY A CA  1 
ATOM   802  C  C   . GLY A 1 103 ? 12.380  8.045   11.648  1.00 35.50 ? 99  GLY A C   1 
ATOM   803  O  O   . GLY A 1 103 ? 11.935  9.134   11.996  1.00 39.55 ? 99  GLY A O   1 
ATOM   804  N  N   . LYS A 1 104 ? 12.045  7.466   10.488  1.00 31.97 ? 100 LYS A N   1 
ATOM   805  C  CA  . LYS A 1 104 ? 11.142  8.093   9.519   1.00 32.49 ? 100 LYS A CA  1 
ATOM   806  C  C   . LYS A 1 104 ? 9.807   7.366   9.587   1.00 29.76 ? 100 LYS A C   1 
ATOM   807  O  O   . LYS A 1 104 ? 9.717   6.292   10.173  1.00 29.16 ? 100 LYS A O   1 
ATOM   808  C  CB  . LYS A 1 104 ? 11.697  7.973   8.102   1.00 34.08 ? 100 LYS A CB  1 
ATOM   809  C  CG  . LYS A 1 104 ? 13.125  8.482   7.944   1.00 34.50 ? 100 LYS A CG  1 
ATOM   810  C  CD  . LYS A 1 104 ? 13.832  7.788   6.768   1.00 38.54 ? 100 LYS A CD  1 
ATOM   811  C  CE  . LYS A 1 104 ? 15.314  8.065   6.730   1.00 41.91 ? 100 LYS A CE  1 
ATOM   812  N  NZ  . LYS A 1 104 ? 15.952  7.338   5.595   1.00 39.06 ? 100 LYS A NZ  1 
ATOM   813  N  N   . SER A 1 105 ? 8.789   7.958   8.972   1.00 29.43 ? 101 SER A N   1 
ATOM   814  C  CA  . SER A 1 105 ? 7.455   7.363   8.913   1.00 32.16 ? 101 SER A CA  1 
ATOM   815  C  C   . SER A 1 105 ? 6.726   7.756   7.635   1.00 30.68 ? 101 SER A C   1 
ATOM   816  O  O   . SER A 1 105 ? 6.819   8.893   7.153   1.00 29.75 ? 101 SER A O   1 
ATOM   817  C  CB  . SER A 1 105 ? 6.612   7.788   10.126  1.00 32.56 ? 101 SER A CB  1 
ATOM   818  O  OG  . SER A 1 105 ? 5.309   7.216   10.119  1.00 36.15 ? 101 SER A OG  1 
ATOM   819  N  N   . THR A 1 106 ? 5.992   6.792   7.086   1.00 26.84 ? 102 THR A N   1 
ATOM   820  C  CA  . THR A 1 106 ? 5.116   7.019   5.955   1.00 25.17 ? 102 THR A CA  1 
ATOM   821  C  C   . THR A 1 106 ? 3.747   6.355   6.192   1.00 23.89 ? 102 THR A C   1 
ATOM   822  O  O   . THR A 1 106 ? 3.651   5.296   6.839   1.00 24.67 ? 102 THR A O   1 
ATOM   823  C  CB  . THR A 1 106 ? 5.767   6.563   4.621   1.00 23.50 ? 102 THR A CB  1 
ATOM   824  O  OG1 . THR A 1 106 ? 4.988   7.042   3.527   1.00 27.30 ? 102 THR A OG1 1 
ATOM   825  C  CG2 . THR A 1 106 ? 5.903   5.019   4.545   1.00 23.83 ? 102 THR A CG2 1 
ATOM   826  N  N   . THR A 1 107 ? 2.687   7.009   5.703   1.00 23.96 ? 103 THR A N   1 
ATOM   827  C  CA  . THR A 1 107 ? 1.327   6.507   5.881   1.00 27.49 ? 103 THR A CA  1 
ATOM   828  C  C   . THR A 1 107 ? 0.688   6.254   4.520   1.00 27.51 ? 103 THR A C   1 
ATOM   829  O  O   . THR A 1 107 ? 0.730   7.097   3.639   1.00 27.31 ? 103 THR A O   1 
ATOM   830  C  CB  . THR A 1 107 ? 0.479   7.433   6.777   1.00 31.97 ? 103 THR A CB  1 
ATOM   831  O  OG1 . THR A 1 107 ? 1.117   7.543   8.050   1.00 30.76 ? 103 THR A OG1 1 
ATOM   832  C  CG2 . THR A 1 107 ? -0.932  6.875   6.987   1.00 30.24 ? 103 THR A CG2 1 
ATOM   833  N  N   . ILE A 1 108 ? 0.097   5.070   4.367   1.00 24.40 ? 104 ILE A N   1 
ATOM   834  C  CA  . ILE A 1 108 ? -0.583  4.669   3.130   1.00 24.05 ? 104 ILE A CA  1 
ATOM   835  C  C   . ILE A 1 108 ? -2.032  4.365   3.521   1.00 21.77 ? 104 ILE A C   1 
ATOM   836  O  O   . ILE A 1 108 ? -2.284  3.522   4.354   1.00 23.73 ? 104 ILE A O   1 
ATOM   837  C  CB  . ILE A 1 108 ? 0.055   3.359   2.572   1.00 25.46 ? 104 ILE A CB  1 
ATOM   838  C  CG1 . ILE A 1 108 ? 1.539   3.553   2.216   1.00 29.83 ? 104 ILE A CG1 1 
ATOM   839  C  CG2 . ILE A 1 108 ? -0.732  2.852   1.366   1.00 24.38 ? 104 ILE A CG2 1 
ATOM   840  C  CD1 . ILE A 1 108 ? 2.222   2.259   1.716   1.00 34.87 ? 104 ILE A CD1 1 
ATOM   841  N  N   . LYS A 1 109 ? -2.997  5.113   2.978   1.00 20.70 ? 105 LYS A N   1 
ATOM   842  C  CA  . LYS A 1 109 ? -4.391  4.841   3.262   1.00 24.05 ? 105 LYS A CA  1 
ATOM   843  C  C   . LYS A 1 109 ? -5.098  4.277   2.036   1.00 22.78 ? 105 LYS A C   1 
ATOM   844  O  O   . LYS A 1 109 ? -4.890  4.732   0.892   1.00 24.03 ? 105 LYS A O   1 
ATOM   845  C  CB  . LYS A 1 109 ? -5.097  6.120   3.717   1.00 27.67 ? 105 LYS A CB  1 
ATOM   846  C  CG  . LYS A 1 109 ? -4.508  6.724   4.961   1.00 31.19 ? 105 LYS A CG  1 
ATOM   847  C  CD  . LYS A 1 109 ? -5.183  8.047   5.317   1.00 35.05 ? 105 LYS A CD  1 
ATOM   848  C  CE  . LYS A 1 109 ? -4.600  8.677   6.586   1.00 37.19 ? 105 LYS A CE  1 
ATOM   849  N  NZ  . LYS A 1 109 ? -5.373  9.902   6.988   1.00 38.39 ? 105 LYS A NZ  1 
ATOM   850  N  N   . ARG A 1 110 ? -5.927  3.279   2.279   1.00 21.71 ? 106 ARG A N   1 
ATOM   851  C  CA  . ARG A 1 110 ? -6.721  2.638   1.236   1.00 21.57 ? 106 ARG A CA  1 
ATOM   852  C  C   . ARG A 1 110 ? -8.189  2.868   1.553   1.00 24.32 ? 106 ARG A C   1 
ATOM   853  O  O   . ARG A 1 110 ? -8.632  2.606   2.674   1.00 23.11 ? 106 ARG A O   1 
ATOM   854  C  CB  . ARG A 1 110 ? -6.422  1.125   1.190   1.00 23.38 ? 106 ARG A CB  1 
ATOM   855  C  CG  . ARG A 1 110 ? -5.037  0.728   0.761   1.00 25.46 ? 106 ARG A CG  1 
ATOM   856  C  CD  . ARG A 1 110 ? -4.792  -0.722  1.146   1.00 26.80 ? 106 ARG A CD  1 
ATOM   857  N  NE  . ARG A 1 110 ? -3.581  -1.297  0.561   1.00 27.90 ? 106 ARG A NE  1 
ATOM   858  C  CZ  . ARG A 1 110 ? -2.371  -1.267  1.113   1.00 27.43 ? 106 ARG A CZ  1 
ATOM   859  N  NH1 . ARG A 1 110 ? -2.154  -0.688  2.295   1.00 29.08 ? 106 ARG A NH1 1 
ATOM   860  N  NH2 . ARG A 1 110 ? -1.344  -1.840  0.479   1.00 29.69 ? 106 ARG A NH2 1 
ATOM   861  N  N   . LYS A 1 111 ? -8.940  3.400   0.593   1.00 26.02 ? 107 LYS A N   1 
ATOM   862  C  CA  . LYS A 1 111 ? -10.370 3.629   0.821   1.00 27.58 ? 107 LYS A CA  1 
ATOM   863  C  C   . LYS A 1 111 ? -11.142 3.238   -0.419  1.00 24.84 ? 107 LYS A C   1 
ATOM   864  O  O   . LYS A 1 111 ? -10.607 3.250   -1.537  1.00 25.38 ? 107 LYS A O   1 
ATOM   865  C  CB  . LYS A 1 111 ? -10.654 5.085   1.237   1.00 35.00 ? 107 LYS A CB  1 
ATOM   866  C  CG  . LYS A 1 111 ? -10.704 6.083   0.102   1.00 40.50 ? 107 LYS A CG  1 
ATOM   867  C  CD  . LYS A 1 111 ? -11.240 7.441   0.570   1.00 47.11 ? 107 LYS A CD  1 
ATOM   868  C  CE  . LYS A 1 111 ? -11.875 8.209   -0.594  1.00 54.83 ? 107 LYS A CE  1 
ATOM   869  N  NZ  . LYS A 1 111 ? -12.484 9.500   -0.155  1.00 61.28 ? 107 LYS A NZ  1 
ATOM   870  N  N   . ARG A 1 112 ? -12.403 2.860   -0.211  1.00 25.96 ? 108 ARG A N   1 
ATOM   871  C  CA  . ARG A 1 112 ? -13.316 2.586   -1.311  1.00 26.52 ? 108 ARG A CA  1 
ATOM   872  C  C   . ARG A 1 112 ? -14.004 3.875   -1.691  1.00 26.18 ? 108 ARG A C   1 
ATOM   873  O  O   . ARG A 1 112 ? -14.559 4.575   -0.819  1.00 30.42 ? 108 ARG A O   1 
ATOM   874  C  CB  . ARG A 1 112 ? -14.369 1.551   -0.908  1.00 28.23 ? 108 ARG A CB  1 
ATOM   875  C  CG  . ARG A 1 112 ? -13.866 0.128   -0.888  1.00 28.45 ? 108 ARG A CG  1 
ATOM   876  C  CD  . ARG A 1 112 ? -13.463 -0.337  -2.258  1.00 28.56 ? 108 ARG A CD  1 
ATOM   877  N  NE  . ARG A 1 112 ? -14.453 -0.012  -3.289  1.00 32.78 ? 108 ARG A NE  1 
ATOM   878  C  CZ  . ARG A 1 112 ? -15.504 -0.769  -3.603  1.00 32.46 ? 108 ARG A CZ  1 
ATOM   879  N  NH1 . ARG A 1 112 ? -15.725 -1.913  -2.967  1.00 30.31 ? 108 ARG A NH1 1 
ATOM   880  N  NH2 . ARG A 1 112 ? -16.337 -0.388  -4.559  1.00 34.53 ? 108 ARG A NH2 1 
ATOM   881  N  N   . GLU A 1 113 ? -13.922 4.197   -2.976  1.00 26.00 ? 109 GLU A N   1 
ATOM   882  C  CA  . GLU A 1 113 ? -14.578 5.369   -3.534  1.00 27.78 ? 109 GLU A CA  1 
ATOM   883  C  C   . GLU A 1 113 ? -15.239 4.941   -4.839  1.00 26.85 ? 109 GLU A C   1 
ATOM   884  O  O   . GLU A 1 113 ? -14.571 4.576   -5.795  1.00 26.12 ? 109 GLU A O   1 
ATOM   885  C  CB  . GLU A 1 113 ? -13.543 6.453   -3.759  1.00 31.88 ? 109 GLU A CB  1 
ATOM   886  C  CG  . GLU A 1 113 ? -14.082 7.790   -4.132  1.00 41.22 ? 109 GLU A CG  1 
ATOM   887  C  CD  . GLU A 1 113 ? -12.965 8.738   -4.499  1.00 47.09 ? 109 GLU A CD  1 
ATOM   888  O  OE1 . GLU A 1 113 ? -12.703 8.893   -5.718  1.00 57.74 ? 109 GLU A OE1 1 
ATOM   889  O  OE2 . GLU A 1 113 ? -12.323 9.285   -3.570  1.00 53.42 ? 109 GLU A OE2 1 
ATOM   890  N  N   . ASP A 1 114 ? -16.575 4.948   -4.861  1.00 27.18 ? 110 ASP A N   1 
ATOM   891  C  CA  . ASP A 1 114 ? -17.312 4.342   -5.961  1.00 27.46 ? 110 ASP A CA  1 
ATOM   892  C  C   . ASP A 1 114 ? -16.779 2.926   -6.212  1.00 25.19 ? 110 ASP A C   1 
ATOM   893  O  O   . ASP A 1 114 ? -16.605 2.137   -5.257  1.00 27.67 ? 110 ASP A O   1 
ATOM   894  C  CB  . ASP A 1 114 ? -17.277 5.255   -7.206  1.00 30.98 ? 110 ASP A CB  1 
ATOM   895  C  CG  . ASP A 1 114 ? -17.933 6.591   -6.949  1.00 36.02 ? 110 ASP A CG  1 
ATOM   896  O  OD1 . ASP A 1 114 ? -18.933 6.616   -6.208  1.00 35.84 ? 110 ASP A OD1 1 
ATOM   897  O  OD2 . ASP A 1 114 ? -17.453 7.617   -7.480  1.00 42.73 ? 110 ASP A OD2 1 
ATOM   898  N  N   . ASP A 1 115 ? -16.482 2.618   -7.465  1.00 26.22 ? 111 ASP A N   1 
ATOM   899  C  CA  . ASP A 1 115 ? -16.006 1.281   -7.848  1.00 27.50 ? 111 ASP A CA  1 
ATOM   900  C  C   . ASP A 1 115 ? -14.496 1.119   -7.676  1.00 29.56 ? 111 ASP A C   1 
ATOM   901  O  O   . ASP A 1 115 ? -13.944 0.052   -7.952  1.00 30.40 ? 111 ASP A O   1 
ATOM   902  C  CB  . ASP A 1 115 ? -16.400 0.950   -9.294  1.00 27.82 ? 111 ASP A CB  1 
ATOM   903  C  CG  . ASP A 1 115 ? -17.862 0.516   -9.424  1.00 34.18 ? 111 ASP A CG  1 
ATOM   904  O  OD1 . ASP A 1 115 ? -18.402 -0.083  -8.460  1.00 38.15 ? 111 ASP A OD1 1 
ATOM   905  O  OD2 . ASP A 1 115 ? -18.469 0.765   -10.495 1.00 35.40 ? 111 ASP A OD2 1 
ATOM   906  N  N   . LYS A 1 116 ? -13.843 2.162   -7.187  1.00 29.09 ? 112 LYS A N   1 
ATOM   907  C  CA  . LYS A 1 116 ? -12.389 2.186   -7.058  1.00 27.43 ? 112 LYS A CA  1 
ATOM   908  C  C   . LYS A 1 116 ? -11.888 1.910   -5.635  1.00 27.11 ? 112 LYS A C   1 
ATOM   909  O  O   . LYS A 1 116 ? -12.599 2.090   -4.635  1.00 27.19 ? 112 LYS A O   1 
ATOM   910  C  CB  . LYS A 1 116 ? -11.879 3.570   -7.472  1.00 28.96 ? 112 LYS A CB  1 
ATOM   911  C  CG  . LYS A 1 116 ? -12.121 3.872   -8.947  1.00 32.82 ? 112 LYS A CG  1 
ATOM   912  C  CD  . LYS A 1 116 ? -12.259 5.360   -9.174  1.00 39.54 ? 112 LYS A CD  1 
ATOM   913  C  CE  . LYS A 1 116 ? -12.706 5.641   -10.609 1.00 44.24 ? 112 LYS A CE  1 
ATOM   914  N  NZ  . LYS A 1 116 ? -13.050 7.075   -10.812 1.00 47.30 ? 112 LYS A NZ  1 
ATOM   915  N  N   . LEU A 1 117 ? -10.635 1.463   -5.574  1.00 24.33 ? 113 LEU A N   1 
ATOM   916  C  CA  A LEU A 1 117 ? -9.878  1.433   -4.341  0.50 24.89 ? 113 LEU A CA  1 
ATOM   917  C  CA  B LEU A 1 117 ? -9.881  1.431   -4.344  0.50 25.78 ? 113 LEU A CA  1 
ATOM   918  C  C   . LEU A 1 117 ? -8.785  2.490   -4.504  1.00 24.67 ? 113 LEU A C   1 
ATOM   919  O  O   . LEU A 1 117 ? -7.896  2.356   -5.354  1.00 24.53 ? 113 LEU A O   1 
ATOM   920  C  CB  A LEU A 1 117 ? -9.297  0.035   -4.108  0.50 23.89 ? 113 LEU A CB  1 
ATOM   921  C  CB  B LEU A 1 117 ? -9.309  0.029   -4.120  0.50 26.01 ? 113 LEU A CB  1 
ATOM   922  C  CG  A LEU A 1 117 ? -8.628  -0.243  -2.760  0.50 22.80 ? 113 LEU A CG  1 
ATOM   923  C  CG  B LEU A 1 117 ? -8.560  -0.200  -2.809  0.50 26.01 ? 113 LEU A CG  1 
ATOM   924  C  CD1 A LEU A 1 117 ? -8.708  -1.732  -2.491  0.50 20.88 ? 113 LEU A CD1 1 
ATOM   925  C  CD1 B LEU A 1 117 ? -9.464  0.074   -1.627  0.50 26.62 ? 113 LEU A CD1 1 
ATOM   926  C  CD2 A LEU A 1 117 ? -7.170  0.265   -2.686  0.50 22.84 ? 113 LEU A CD2 1 
ATOM   927  C  CD2 B LEU A 1 117 ? -8.040  -1.614  -2.758  0.50 25.70 ? 113 LEU A CD2 1 
ATOM   928  N  N   . VAL A 1 118 ? -8.878  3.571   -3.718  1.00 25.69 ? 114 VAL A N   1 
ATOM   929  C  CA  . VAL A 1 118 ? -7.982  4.723   -3.862  1.00 27.43 ? 114 VAL A CA  1 
ATOM   930  C  C   . VAL A 1 118 ? -6.943  4.675   -2.750  1.00 25.84 ? 114 VAL A C   1 
ATOM   931  O  O   . VAL A 1 118 ? -7.296  4.525   -1.566  1.00 22.65 ? 114 VAL A O   1 
ATOM   932  C  CB  . VAL A 1 118 ? -8.762  6.080   -3.846  1.00 28.03 ? 114 VAL A CB  1 
ATOM   933  C  CG1 . VAL A 1 118 ? -7.810  7.270   -3.972  1.00 27.75 ? 114 VAL A CG1 1 
ATOM   934  C  CG2 . VAL A 1 118 ? -9.822  6.084   -4.940  1.00 25.13 ? 114 VAL A CG2 1 
ATOM   935  N  N   . VAL A 1 119 ? -5.667  4.787   -3.136  1.00 24.92 ? 115 VAL A N   1 
ATOM   936  C  CA  . VAL A 1 119 ? -4.555  4.666   -2.191  1.00 25.28 ? 115 VAL A CA  1 
ATOM   937  C  C   . VAL A 1 119 ? -3.845  6.012   -2.101  1.00 23.82 ? 115 VAL A C   1 
ATOM   938  O  O   . VAL A 1 119 ? -3.386  6.519   -3.103  1.00 26.82 ? 115 VAL A O   1 
ATOM   939  C  CB  . VAL A 1 119 ? -3.541  3.581   -2.610  1.00 24.29 ? 115 VAL A CB  1 
ATOM   940  C  CG1 . VAL A 1 119 ? -2.492  3.391   -1.516  1.00 25.83 ? 115 VAL A CG1 1 
ATOM   941  C  CG2 . VAL A 1 119 ? -4.231  2.258   -2.892  1.00 25.18 ? 115 VAL A CG2 1 
ATOM   942  N  N   . GLU A 1 120 ? -3.790  6.593   -0.900  1.00 25.85 ? 116 GLU A N   1 
ATOM   943  C  CA  . GLU A 1 120 ? -3.079  7.842   -0.667  1.00 28.55 ? 116 GLU A CA  1 
ATOM   944  C  C   . GLU A 1 120 ? -1.820  7.527   0.120   1.00 24.00 ? 116 GLU A C   1 
ATOM   945  O  O   . GLU A 1 120 ? -1.921  6.954   1.194   1.00 25.16 ? 116 GLU A O   1 
ATOM   946  C  CB  . GLU A 1 120 ? -3.929  8.818   0.140   1.00 33.25 ? 116 GLU A CB  1 
ATOM   947  C  CG  . GLU A 1 120 ? -3.194  10.127  0.487   1.00 39.61 ? 116 GLU A CG  1 
ATOM   948  C  CD  . GLU A 1 120 ? -3.814  10.891  1.656   1.00 46.09 ? 116 GLU A CD  1 
ATOM   949  O  OE1 . GLU A 1 120 ? -3.888  10.351  2.788   1.00 44.68 ? 116 GLU A OE1 1 
ATOM   950  O  OE2 . GLU A 1 120 ? -4.193  12.062  1.436   1.00 48.83 ? 116 GLU A OE2 1 
ATOM   951  N  N   . CYS A 1 121 ? -0.681  7.964   -0.418  1.00 23.52 ? 117 CYS A N   1 
ATOM   952  C  CA  . CYS A 1 121 ? 0.629   7.697   0.133   1.00 26.99 ? 117 CYS A CA  1 
ATOM   953  C  C   . CYS A 1 121 ? 1.219   9.036   0.549   1.00 25.42 ? 117 CYS A C   1 
ATOM   954  O  O   . CYS A 1 121 ? 1.364   9.919   -0.297  1.00 28.56 ? 117 CYS A O   1 
ATOM   955  C  CB  . CYS A 1 121 ? 1.527   7.051   -0.923  1.00 25.41 ? 117 CYS A CB  1 
ATOM   956  S  SG  . CYS A 1 121 ? 0.859   5.483   -1.561  1.00 29.16 ? 117 CYS A SG  1 
ATOM   957  N  N   . VAL A 1 122 ? 1.571   9.162   1.825   1.00 23.35 ? 118 VAL A N   1 
ATOM   958  C  CA  . VAL A 1 122 ? 2.162   10.416  2.344   1.00 25.99 ? 118 VAL A CA  1 
ATOM   959  C  C   . VAL A 1 122 ? 3.508   10.165  3.036   1.00 23.71 ? 118 VAL A C   1 
ATOM   960  O  O   . VAL A 1 122 ? 3.609   9.294   3.891   1.00 26.18 ? 118 VAL A O   1 
ATOM   961  C  CB  . VAL A 1 122 ? 1.183   11.114  3.330   1.00 26.64 ? 118 VAL A CB  1 
ATOM   962  C  CG1 . VAL A 1 122 ? 1.846   12.340  4.022   1.00 29.19 ? 118 VAL A CG1 1 
ATOM   963  C  CG2 . VAL A 1 122 ? -0.062  11.561  2.609   1.00 25.81 ? 118 VAL A CG2 1 
ATOM   964  N  N   . MET A 1 123 ? 4.523   10.939  2.638   1.00 29.33 ? 119 MET A N   1 
ATOM   965  C  CA  A MET A 1 123 ? 5.833   10.980  3.298   0.70 28.70 ? 119 MET A CA  1 
ATOM   966  C  CA  B MET A 1 123 ? 5.765   11.016  3.392   0.30 28.76 ? 119 MET A CA  1 
ATOM   967  C  C   . MET A 1 123 ? 6.225   12.459  3.442   1.00 31.04 ? 119 MET A C   1 
ATOM   968  O  O   . MET A 1 123 ? 6.486   13.086  2.418   1.00 28.64 ? 119 MET A O   1 
ATOM   969  C  CB  A MET A 1 123 ? 6.867   10.252  2.425   0.70 32.53 ? 119 MET A CB  1 
ATOM   970  C  CB  B MET A 1 123 ? 6.871   10.153  2.818   0.30 29.60 ? 119 MET A CB  1 
ATOM   971  C  CG  A MET A 1 123 ? 8.310   10.311  2.933   0.70 33.81 ? 119 MET A CG  1 
ATOM   972  C  CG  B MET A 1 123 ? 8.146   10.349  3.607   0.30 28.59 ? 119 MET A CG  1 
ATOM   973  S  SD  A MET A 1 123 ? 8.513   9.459   4.499   0.70 33.02 ? 119 MET A SD  1 
ATOM   974  S  SD  B MET A 1 123 ? 9.236   8.955   3.526   0.30 28.66 ? 119 MET A SD  1 
ATOM   975  C  CE  A MET A 1 123 ? 10.288  9.534   4.781   0.70 34.17 ? 119 MET A CE  1 
ATOM   976  C  CE  B MET A 1 123 ? 10.495  9.388   4.731   0.30 28.42 ? 119 MET A CE  1 
ATOM   977  N  N   . LYS A 1 124 ? 6.299   12.970  4.674   1.00 33.39 ? 120 LYS A N   1 
ATOM   978  C  CA  . LYS A 1 124 ? 6.568   14.393  4.927   1.00 36.66 ? 120 LYS A CA  1 
ATOM   979  C  C   . LYS A 1 124 ? 5.465   15.200  4.224   1.00 37.03 ? 120 LYS A C   1 
ATOM   980  O  O   . LYS A 1 124 ? 4.278   15.003  4.506   1.00 35.30 ? 120 LYS A O   1 
ATOM   981  C  CB  . LYS A 1 124 ? 7.962   14.825  4.449   1.00 37.74 ? 120 LYS A CB  1 
ATOM   982  C  CG  . LYS A 1 124 ? 9.109   13.922  4.785   1.00 43.28 ? 120 LYS A CG  1 
ATOM   983  C  CD  . LYS A 1 124 ? 9.434   13.846  6.262   1.00 44.90 ? 120 LYS A CD  1 
ATOM   984  C  CE  . LYS A 1 124 ? 10.944  13.586  6.451   1.00 52.68 ? 120 LYS A CE  1 
ATOM   985  N  NZ  . LYS A 1 124 ? 11.275  12.602  7.541   1.00 57.03 ? 120 LYS A NZ  1 
ATOM   986  N  N   . GLY A 1 125 ? 5.849   16.083  3.300   1.00 41.13 ? 121 GLY A N   1 
ATOM   987  C  CA  . GLY A 1 125 ? 4.877   16.869  2.541   1.00 38.20 ? 121 GLY A CA  1 
ATOM   988  C  C   . GLY A 1 125 ? 4.741   16.407  1.099   1.00 40.36 ? 121 GLY A C   1 
ATOM   989  O  O   . GLY A 1 125 ? 4.348   17.185  0.219   1.00 36.57 ? 121 GLY A O   1 
ATOM   990  N  N   . VAL A 1 126 ? 5.073   15.142  0.844   1.00 34.54 ? 122 VAL A N   1 
ATOM   991  C  CA  . VAL A 1 126 ? 4.909   14.556  -0.479  1.00 34.38 ? 122 VAL A CA  1 
ATOM   992  C  C   . VAL A 1 126 ? 3.746   13.565  -0.397  1.00 32.53 ? 122 VAL A C   1 
ATOM   993  O  O   . VAL A 1 126 ? 3.776   12.627  0.399   1.00 29.71 ? 122 VAL A O   1 
ATOM   994  C  CB  . VAL A 1 126 ? 6.197   13.833  -0.953  1.00 34.33 ? 122 VAL A CB  1 
ATOM   995  C  CG1 . VAL A 1 126 ? 6.029   13.228  -2.340  1.00 32.61 ? 122 VAL A CG1 1 
ATOM   996  C  CG2 . VAL A 1 126 ? 7.391   14.801  -0.943  1.00 37.92 ? 122 VAL A CG2 1 
ATOM   997  N  N   . THR A 1 127 ? 2.734   13.797  -1.227  1.00 32.29 ? 123 THR A N   1 
ATOM   998  C  CA  . THR A 1 127 ? 1.536   12.959  -1.303  1.00 32.77 ? 123 THR A CA  1 
ATOM   999  C  C   . THR A 1 127 ? 1.393   12.399  -2.730  1.00 31.29 ? 123 THR A C   1 
ATOM   1000 O  O   . THR A 1 127 ? 1.521   13.131  -3.718  1.00 32.37 ? 123 THR A O   1 
ATOM   1001 C  CB  . THR A 1 127 ? 0.249   13.755  -0.925  1.00 31.52 ? 123 THR A CB  1 
ATOM   1002 O  OG1 . THR A 1 127 ? 0.369   14.275  0.411   1.00 34.44 ? 123 THR A OG1 1 
ATOM   1003 C  CG2 . THR A 1 127 ? -1.009  12.872  -1.024  1.00 32.06 ? 123 THR A CG2 1 
ATOM   1004 N  N   . SER A 1 128 ? 1.149   11.084  -2.825  1.00 29.91 ? 124 SER A N   1 
ATOM   1005 C  CA  . SER A 1 128 ? 0.914   10.392  -4.104  1.00 27.35 ? 124 SER A CA  1 
ATOM   1006 C  C   . SER A 1 128 ? -0.400  9.629   -4.025  1.00 25.00 ? 124 SER A C   1 
ATOM   1007 O  O   . SER A 1 128 ? -0.760  9.102   -2.961  1.00 25.10 ? 124 SER A O   1 
ATOM   1008 C  CB  . SER A 1 128 ? 2.034   9.389   -4.402  1.00 28.57 ? 124 SER A CB  1 
ATOM   1009 O  OG  . SER A 1 128 ? 1.751   8.633   -5.564  1.00 28.44 ? 124 SER A OG  1 
ATOM   1010 N  N   . THR A 1 129 ? -1.130  9.605   -5.135  1.00 23.81 ? 125 THR A N   1 
ATOM   1011 C  CA  . THR A 1 129 ? -2.395  8.878   -5.227  1.00 25.08 ? 125 THR A CA  1 
ATOM   1012 C  C   . THR A 1 129 ? -2.283  7.775   -6.292  1.00 25.93 ? 125 THR A C   1 
ATOM   1013 O  O   . THR A 1 129 ? -1.852  8.003   -7.414  1.00 27.99 ? 125 THR A O   1 
ATOM   1014 C  CB  . THR A 1 129 ? -3.603  9.814   -5.501  1.00 27.88 ? 125 THR A CB  1 
ATOM   1015 O  OG1 . THR A 1 129 ? -3.619  10.834  -4.493  1.00 30.01 ? 125 THR A OG1 1 
ATOM   1016 C  CG2 . THR A 1 129 ? -4.922  9.035   -5.416  1.00 30.92 ? 125 THR A CG2 1 
ATOM   1017 N  N   . ARG A 1 130 ? -2.685  6.570   -5.903  1.00 25.15 ? 126 ARG A N   1 
ATOM   1018 C  CA  . ARG A 1 130 ? -2.636  5.397   -6.773  1.00 25.44 ? 126 ARG A CA  1 
ATOM   1019 C  C   . ARG A 1 130 ? -4.067  4.865   -6.773  1.00 26.94 ? 126 ARG A C   1 
ATOM   1020 O  O   . ARG A 1 130 ? -4.607  4.558   -5.709  1.00 28.60 ? 126 ARG A O   1 
ATOM   1021 C  CB  . ARG A 1 130 ? -1.668  4.352   -6.197  1.00 25.31 ? 126 ARG A CB  1 
ATOM   1022 C  CG  . ARG A 1 130 ? -0.217  4.825   -6.081  1.00 26.15 ? 126 ARG A CG  1 
ATOM   1023 C  CD  . ARG A 1 130 ? 0.510   4.696   -7.391  1.00 25.97 ? 126 ARG A CD  1 
ATOM   1024 N  NE  . ARG A 1 130 ? 1.206   3.410   -7.491  1.00 25.77 ? 126 ARG A NE  1 
ATOM   1025 C  CZ  . ARG A 1 130 ? 2.064   3.075   -8.446  1.00 24.84 ? 126 ARG A CZ  1 
ATOM   1026 N  NH1 . ARG A 1 130 ? 2.347   3.907   -9.447  1.00 25.89 ? 126 ARG A NH1 1 
ATOM   1027 N  NH2 . ARG A 1 130 ? 2.659   1.882   -8.389  1.00 25.15 ? 126 ARG A NH2 1 
ATOM   1028 N  N   . VAL A 1 131 ? -4.686  4.792   -7.956  1.00 24.86 ? 127 VAL A N   1 
ATOM   1029 C  CA  . VAL A 1 131 ? -6.095  4.393   -8.089  1.00 24.69 ? 127 VAL A CA  1 
ATOM   1030 C  C   . VAL A 1 131 ? -6.182  2.993   -8.692  1.00 23.27 ? 127 VAL A C   1 
ATOM   1031 O  O   . VAL A 1 131 ? -5.556  2.740   -9.719  1.00 22.52 ? 127 VAL A O   1 
ATOM   1032 C  CB  . VAL A 1 131 ? -6.886  5.353   -8.969  1.00 26.33 ? 127 VAL A CB  1 
ATOM   1033 C  CG1 . VAL A 1 131 ? -8.346  4.909   -9.040  1.00 24.59 ? 127 VAL A CG1 1 
ATOM   1034 C  CG2 . VAL A 1 131 ? -6.780  6.766   -8.439  1.00 27.06 ? 127 VAL A CG2 1 
ATOM   1035 N  N   . TYR A 1 132 ? -6.932  2.110   -8.024  1.00 21.96 ? 128 TYR A N   1 
ATOM   1036 C  CA  . TYR A 1 132 ? -7.101  0.702   -8.442  1.00 22.99 ? 128 TYR A CA  1 
ATOM   1037 C  C   . TYR A 1 132 ? -8.562  0.444   -8.797  1.00 22.91 ? 128 TYR A C   1 
ATOM   1038 O  O   . TYR A 1 132 ? -9.467  1.037   -8.202  1.00 23.58 ? 128 TYR A O   1 
ATOM   1039 C  CB  . TYR A 1 132 ? -6.722  -0.261  -7.311  1.00 22.06 ? 128 TYR A CB  1 
ATOM   1040 C  CG  . TYR A 1 132 ? -5.232  -0.385  -7.048  1.00 21.71 ? 128 TYR A CG  1 
ATOM   1041 C  CD1 . TYR A 1 132 ? -4.508  0.614   -6.375  1.00 20.04 ? 128 TYR A CD1 1 
ATOM   1042 C  CD2 . TYR A 1 132 ? -4.530  -1.509  -7.466  1.00 20.41 ? 128 TYR A CD2 1 
ATOM   1043 C  CE1 . TYR A 1 132 ? -3.129  0.492   -6.147  1.00 22.47 ? 128 TYR A CE1 1 
ATOM   1044 C  CE2 . TYR A 1 132 ? -3.144  -1.634  -7.283  1.00 22.73 ? 128 TYR A CE2 1 
ATOM   1045 C  CZ  . TYR A 1 132 ? -2.426  -0.653  -6.605  1.00 19.95 ? 128 TYR A CZ  1 
ATOM   1046 O  OH  . TYR A 1 132 ? -1.057  -0.806  -6.387  1.00 22.77 ? 128 TYR A OH  1 
ATOM   1047 N  N   . GLU A 1 133 ? -8.768  -0.476  -9.735  1.00 24.19 ? 129 GLU A N   1 
ATOM   1048 C  CA  . GLU A 1 133 ? -10.097 -1.009  -10.097 1.00 25.66 ? 129 GLU A CA  1 
ATOM   1049 C  C   . GLU A 1 133 ? -10.086 -2.540  -10.055 1.00 27.53 ? 129 GLU A C   1 
ATOM   1050 O  O   . GLU A 1 133 ? -9.031  -3.164  -10.169 1.00 25.51 ? 129 GLU A O   1 
ATOM   1051 C  CB  . GLU A 1 133 ? -10.528 -0.496  -11.485 1.00 30.88 ? 129 GLU A CB  1 
ATOM   1052 C  CG  . GLU A 1 133 ? -11.097 0.917   -11.392 1.00 35.46 ? 129 GLU A CG  1 
ATOM   1053 C  CD  . GLU A 1 133 ? -11.290 1.614   -12.736 1.00 45.09 ? 129 GLU A CD  1 
ATOM   1054 O  OE1 . GLU A 1 133 ? -11.136 0.960   -13.805 1.00 43.58 ? 129 GLU A OE1 1 
ATOM   1055 O  OE2 . GLU A 1 133 ? -11.595 2.835   -12.695 1.00 44.42 ? 129 GLU A OE2 1 
ATOM   1056 N  N   . ARG A 1 134 ? -11.261 -3.136  -9.881  1.00 28.34 ? 130 ARG A N   1 
ATOM   1057 C  CA  . ARG A 1 134 ? -11.367 -4.589  -9.797  1.00 30.78 ? 130 ARG A CA  1 
ATOM   1058 C  C   . ARG A 1 134 ? -10.829 -5.254  -11.062 1.00 32.80 ? 130 ARG A C   1 
ATOM   1059 O  O   . ARG A 1 134 ? -11.053 -4.773  -12.184 1.00 36.30 ? 130 ARG A O   1 
ATOM   1060 C  CB  . ARG A 1 134 ? -12.810 -5.012  -9.531  1.00 32.37 ? 130 ARG A CB  1 
ATOM   1061 C  CG  . ARG A 1 134 ? -13.207 -4.861  -8.082  1.00 31.61 ? 130 ARG A CG  1 
ATOM   1062 C  CD  . ARG A 1 134 ? -14.493 -5.567  -7.798  1.00 34.96 ? 130 ARG A CD  1 
ATOM   1063 N  NE  . ARG A 1 134 ? -15.079 -5.130  -6.548  1.00 34.23 ? 130 ARG A NE  1 
ATOM   1064 C  CZ  . ARG A 1 134 ? -14.704 -5.546  -5.341  1.00 36.05 ? 130 ARG A CZ  1 
ATOM   1065 N  NH1 . ARG A 1 134 ? -13.731 -6.437  -5.201  1.00 36.66 ? 130 ARG A NH1 1 
ATOM   1066 N  NH2 . ARG A 1 134 ? -15.321 -5.069  -4.262  1.00 38.58 ? 130 ARG A NH2 1 
ATOM   1067 N  N   . ALA A 1 135 ? -10.100 -6.354  -10.879 1.00 33.66 ? 131 ALA A N   1 
ATOM   1068 C  CA  . ALA A 1 135 ? -9.389  -6.994  -11.978 1.00 41.47 ? 131 ALA A CA  1 
ATOM   1069 C  C   . ALA A 1 135 ? -10.350 -7.865  -12.776 1.00 54.86 ? 131 ALA A C   1 
ATOM   1070 O  O   . ALA A 1 135 ? -11.254 -8.491  -12.210 1.00 66.31 ? 131 ALA A O   1 
ATOM   1071 C  CB  . ALA A 1 135 ? -8.215  -7.815  -11.450 1.00 42.15 ? 131 ALA A CB  1 
ATOM   1072 O  OXT . ALA A 1 135 ? -10.255 -7.940  -14.006 1.00 58.26 ? 131 ALA A OXT 1 
HETATM 1073 S  S   . SO4 B 2 .   ? 3.705   8.975   -11.527 1.00 35.57 ? 201 SO4 A S   1 
HETATM 1074 O  O1  . SO4 B 2 .   ? 3.804   7.637   -12.155 1.00 39.42 ? 201 SO4 A O1  1 
HETATM 1075 O  O2  . SO4 B 2 .   ? 2.668   8.968   -10.466 1.00 28.54 ? 201 SO4 A O2  1 
HETATM 1076 O  O3  . SO4 B 2 .   ? 5.079   9.339   -11.065 1.00 34.34 ? 201 SO4 A O3  1 
HETATM 1077 O  O4  . SO4 B 2 .   ? 3.247   9.967   -12.540 1.00 40.29 ? 201 SO4 A O4  1 
HETATM 1078 S  S   . SO4 C 2 .   ? -18.835 -3.381  -4.703  1.00 75.15 ? 202 SO4 A S   1 
HETATM 1079 O  O1  . SO4 C 2 .   ? -18.573 -4.667  -5.388  1.00 68.61 ? 202 SO4 A O1  1 
HETATM 1080 O  O2  . SO4 C 2 .   ? -20.296 -3.217  -4.496  1.00 80.00 ? 202 SO4 A O2  1 
HETATM 1081 O  O3  . SO4 C 2 .   ? -18.301 -2.289  -5.565  1.00 70.62 ? 202 SO4 A O3  1 
HETATM 1082 O  O4  . SO4 C 2 .   ? -18.231 -3.378  -3.349  1.00 63.77 ? 202 SO4 A O4  1 
HETATM 1083 C  C1  . RJM D 3 .   ? 1.619   0.731   -5.204  1.00 26.42 ? 203 RJM A C1  1 
HETATM 1084 O  O2  . RJM D 3 .   ? 0.517   1.158   -5.889  1.00 25.76 ? 203 RJM A O2  1 
HETATM 1085 O  O3  . RJM D 3 .   ? 2.704   1.085   -5.642  1.00 27.26 ? 203 RJM A O3  1 
HETATM 1086 C  C4  . RJM D 3 .   ? 3.554   -0.066  -2.502  1.00 25.51 ? 203 RJM A C4  1 
HETATM 1087 O  O5  . RJM D 3 .   ? 4.023   -0.352  -1.373  1.00 30.87 ? 203 RJM A O5  1 
HETATM 1088 N  N6  . RJM D 3 .   ? 4.271   0.593   -3.461  1.00 24.97 ? 203 RJM A N6  1 
HETATM 1089 C  C7  . RJM D 3 .   ? 5.586   1.079   -3.334  1.00 22.35 ? 203 RJM A C7  1 
HETATM 1090 C  C8  . RJM D 3 .   ? 5.972   1.882   -2.238  1.00 26.07 ? 203 RJM A C8  1 
HETATM 1091 C  C9  . RJM D 3 .   ? 7.266   2.378   -2.141  1.00 24.11 ? 203 RJM A C9  1 
HETATM 1092 C  C10 . RJM D 3 .   ? 8.206   2.111   -3.119  1.00 23.91 ? 203 RJM A C10 1 
HETATM 1093 C  C11 . RJM D 3 .   ? 7.842   1.282   -4.199  1.00 22.08 ? 203 RJM A C11 1 
HETATM 1094 C  C12 . RJM D 3 .   ? 6.562   0.763   -4.332  1.00 22.83 ? 203 RJM A C12 1 
HETATM 1095 C  C13 . RJM D 3 .   ? 6.217   -0.075  -5.504  1.00 23.65 ? 203 RJM A C13 1 
HETATM 1096 C  C14 . RJM D 3 .   ? 6.489   0.339   -6.823  1.00 27.09 ? 203 RJM A C14 1 
HETATM 1097 C  C15 . RJM D 3 .   ? 6.147   -0.445  -7.932  1.00 27.33 ? 203 RJM A C15 1 
HETATM 1098 C  C16 . RJM D 3 .   ? 5.548   -1.692  -7.769  1.00 24.97 ? 203 RJM A C16 1 
HETATM 1099 C  C17 . RJM D 3 .   ? 5.296   -2.114  -6.469  1.00 24.32 ? 203 RJM A C17 1 
HETATM 1100 C  C18 . RJM D 3 .   ? 5.611   -1.339  -5.335  1.00 24.86 ? 203 RJM A C18 1 
HETATM 1101 C  C19 . RJM D 3 .   ? 1.266   -0.103  -4.050  1.00 24.24 ? 203 RJM A C19 1 
HETATM 1102 C  C20 . RJM D 3 .   ? 2.133   -0.467  -2.849  1.00 25.18 ? 203 RJM A C20 1 
HETATM 1103 C  C21 . RJM D 3 .   ? 1.029   0.561   -2.709  1.00 24.23 ? 203 RJM A C21 1 
HETATM 1104 C  C22 . RJM D 3 .   ? 1.425   2.015   -2.621  1.00 24.95 ? 203 RJM A C22 1 
HETATM 1105 C  C23 . RJM D 3 .   ? -0.150  0.190   -1.881  1.00 27.06 ? 203 RJM A C23 1 
HETATM 1106 CL CL  . CL  E 4 .   ? 17.634  2.231   -4.148  1.00 59.20 ? 204 CL  A CL  1 
HETATM 1107 CL CL  . CL  F 4 .   ? 9.823   -11.121 -6.775  1.00 62.00 ? 205 CL  A CL  1 
HETATM 1108 O  O   . HOH G 5 .   ? 17.170  13.897  -9.250  1.00 43.49 ? 301 HOH A O   1 
HETATM 1109 O  O   . HOH G 5 .   ? 4.252   -5.483  -6.474  1.00 28.85 ? 302 HOH A O   1 
HETATM 1110 O  O   . HOH G 5 .   ? -6.411  -14.910 3.110   1.00 34.33 ? 303 HOH A O   1 
HETATM 1111 O  O   . HOH G 5 .   ? 9.325   6.844   -11.290 1.00 34.41 ? 304 HOH A O   1 
HETATM 1112 O  O   . HOH G 5 .   ? 1.440   -13.812 4.604   1.00 35.54 ? 305 HOH A O   1 
HETATM 1113 O  O   . HOH G 5 .   ? 7.060   -2.598  -15.271 1.00 26.66 ? 306 HOH A O   1 
HETATM 1114 O  O   . HOH G 5 .   ? 13.297  -4.410  -4.629  1.00 37.95 ? 307 HOH A O   1 
HETATM 1115 O  O   . HOH G 5 .   ? 5.068   -5.543  1.407   1.00 38.92 ? 308 HOH A O   1 
HETATM 1116 O  O   . HOH G 5 .   ? 5.881   11.696  -11.931 1.00 44.21 ? 309 HOH A O   1 
HETATM 1117 O  O   . HOH G 5 .   ? 9.587   5.482   -14.569 1.00 31.54 ? 310 HOH A O   1 
HETATM 1118 O  O   . HOH G 5 .   ? 3.782   8.735   8.580   1.00 35.08 ? 311 HOH A O   1 
HETATM 1119 O  O   . HOH G 5 .   ? 3.841   1.673   -17.480 1.00 34.22 ? 312 HOH A O   1 
HETATM 1120 O  O   . HOH G 5 .   ? 3.946   4.959   -11.737 1.00 30.55 ? 313 HOH A O   1 
HETATM 1121 O  O   . HOH G 5 .   ? -7.798  -8.039  12.280  1.00 30.21 ? 314 HOH A O   1 
HETATM 1122 O  O   . HOH G 5 .   ? 9.936   6.184   12.837  1.00 35.76 ? 315 HOH A O   1 
HETATM 1123 O  O   . HOH G 5 .   ? -21.639 -3.464  -6.804  1.00 35.06 ? 316 HOH A O   1 
HETATM 1124 O  O   . HOH G 5 .   ? -2.248  -3.389  19.338  1.00 36.41 ? 317 HOH A O   1 
HETATM 1125 O  O   . HOH G 5 .   ? 11.934  12.453  -8.238  1.00 39.93 ? 318 HOH A O   1 
HETATM 1126 O  O   . HOH G 5 .   ? 4.437   2.001   -10.439 1.00 28.57 ? 319 HOH A O   1 
HETATM 1127 O  O   . HOH G 5 .   ? 15.818  8.900   -2.915  1.00 39.65 ? 320 HOH A O   1 
HETATM 1128 O  O   . HOH G 5 .   ? -1.336  -4.386  11.870  1.00 23.27 ? 321 HOH A O   1 
HETATM 1129 O  O   . HOH G 5 .   ? 1.081   9.362   -14.111 1.00 42.63 ? 322 HOH A O   1 
HETATM 1130 O  O   . HOH G 5 .   ? 9.437   10.681  8.219   1.00 37.48 ? 323 HOH A O   1 
HETATM 1131 O  O   . HOH G 5 .   ? 14.034  2.952   -0.380  1.00 33.71 ? 324 HOH A O   1 
HETATM 1132 O  O   . HOH G 5 .   ? 9.628   -1.825  -14.945 1.00 29.27 ? 325 HOH A O   1 
HETATM 1133 O  O   . HOH G 5 .   ? -0.303  8.508   10.208  1.00 37.71 ? 326 HOH A O   1 
HETATM 1134 O  O   . HOH G 5 .   ? -4.489  -11.972 -0.378  1.00 24.22 ? 327 HOH A O   1 
HETATM 1135 O  O   . HOH G 5 .   ? -20.835 6.329   -4.222  1.00 33.37 ? 328 HOH A O   1 
HETATM 1136 O  O   . HOH G 5 .   ? -5.548  -13.863 5.628   1.00 26.15 ? 329 HOH A O   1 
HETATM 1137 O  O   . HOH G 5 .   ? 11.131  -4.703  10.641  1.00 40.07 ? 330 HOH A O   1 
HETATM 1138 O  O   . HOH G 5 .   ? -13.397 2.897   2.609   1.00 32.26 ? 331 HOH A O   1 
HETATM 1139 O  O   . HOH G 5 .   ? -7.594  -6.181  16.284  1.00 37.53 ? 332 HOH A O   1 
HETATM 1140 O  O   . HOH G 5 .   ? 12.177  4.131   13.124  1.00 32.68 ? 333 HOH A O   1 
HETATM 1141 O  O   . HOH G 5 .   ? -13.604 -1.476  -10.271 1.00 37.29 ? 334 HOH A O   1 
HETATM 1142 O  O   . HOH G 5 .   ? 1.922   -6.829  -0.028  1.00 27.55 ? 335 HOH A O   1 
HETATM 1143 O  O   . HOH G 5 .   ? -1.947  8.724   3.987   1.00 37.54 ? 336 HOH A O   1 
HETATM 1144 O  O   . HOH G 5 .   ? -0.331  -3.064  -4.877  1.00 26.77 ? 337 HOH A O   1 
HETATM 1145 O  O   . HOH G 5 .   ? 5.681   2.713   1.302   1.00 30.57 ? 338 HOH A O   1 
HETATM 1146 O  O   . HOH G 5 .   ? 2.393   12.504  -11.668 1.00 37.52 ? 339 HOH A O   1 
HETATM 1147 O  O   . HOH G 5 .   ? 4.073   0.820   12.795  1.00 30.82 ? 340 HOH A O   1 
HETATM 1148 O  O   . HOH G 5 .   ? 1.403   -9.874  11.352  1.00 28.22 ? 341 HOH A O   1 
HETATM 1149 O  O   . HOH G 5 .   ? -3.659  1.092   3.882   1.00 23.60 ? 342 HOH A O   1 
HETATM 1150 O  O   . HOH G 5 .   ? 14.711  5.292   3.411   1.00 36.03 ? 343 HOH A O   1 
HETATM 1151 O  O   . HOH G 5 .   ? -4.034  8.714   -9.705  1.00 37.90 ? 344 HOH A O   1 
HETATM 1152 O  O   . HOH G 5 .   ? -8.423  -15.299 12.890  1.00 34.56 ? 345 HOH A O   1 
HETATM 1153 O  O   . HOH G 5 .   ? 5.832   -2.723  -0.464  1.00 35.38 ? 346 HOH A O   1 
HETATM 1154 O  O   . HOH G 5 .   ? -3.457  16.466  -9.468  1.00 39.23 ? 347 HOH A O   1 
HETATM 1155 O  O   . HOH G 5 .   ? -2.367  2.216   11.712  1.00 28.55 ? 348 HOH A O   1 
HETATM 1156 O  O   . HOH G 5 .   ? 1.503   17.072  -0.073  1.00 35.82 ? 349 HOH A O   1 
HETATM 1157 O  O   . HOH G 5 .   ? 1.450   -4.111  18.359  1.00 30.10 ? 350 HOH A O   1 
HETATM 1158 O  O   . HOH G 5 .   ? -7.081  -18.448 3.692   1.00 31.11 ? 351 HOH A O   1 
HETATM 1159 O  O   . HOH G 5 .   ? 6.303   12.650  -9.124  1.00 34.25 ? 352 HOH A O   1 
HETATM 1160 O  O   . HOH G 5 .   ? -16.044 6.970   -0.172  1.00 43.37 ? 353 HOH A O   1 
HETATM 1161 O  O   . HOH G 5 .   ? 14.643  1.080   11.726  1.00 34.56 ? 354 HOH A O   1 
HETATM 1162 O  O   . HOH G 5 .   ? 16.054  0.323   0.389   1.00 40.03 ? 355 HOH A O   1 
HETATM 1163 O  O   . HOH G 5 .   ? -11.143 -13.290 1.479   1.00 28.80 ? 356 HOH A O   1 
HETATM 1164 O  O   . HOH G 5 .   ? -8.395  -1.028  13.680  1.00 38.40 ? 357 HOH A O   1 
HETATM 1165 O  O   . HOH G 5 .   ? 15.155  -0.130  -3.691  1.00 40.64 ? 358 HOH A O   1 
HETATM 1166 O  O   . HOH G 5 .   ? 15.591  -0.220  5.621   1.00 34.53 ? 359 HOH A O   1 
HETATM 1167 O  O   . HOH G 5 .   ? -1.565  12.865  -5.122  1.00 36.28 ? 360 HOH A O   1 
HETATM 1168 O  O   . HOH G 5 .   ? 6.740   -10.157 0.852   1.00 30.39 ? 361 HOH A O   1 
HETATM 1169 O  O   . HOH G 5 .   ? -18.372 -4.990  -8.334  1.00 42.75 ? 362 HOH A O   1 
HETATM 1170 O  O   . HOH G 5 .   ? 6.369   -7.794  2.359   1.00 36.68 ? 363 HOH A O   1 
HETATM 1171 O  O   . HOH G 5 .   ? 7.734   -8.767  4.608   1.00 29.70 ? 364 HOH A O   1 
HETATM 1172 O  O   . HOH G 5 .   ? -0.234  -8.174  12.887  1.00 24.80 ? 365 HOH A O   1 
HETATM 1173 O  O   . HOH G 5 .   ? 15.572  -0.456  9.165   1.00 37.26 ? 366 HOH A O   1 
HETATM 1174 O  O   . HOH G 5 .   ? -12.153 -8.069  -7.175  1.00 39.29 ? 367 HOH A O   1 
HETATM 1175 O  O   . HOH G 5 .   ? -12.758 -8.811  -9.622  1.00 38.81 ? 368 HOH A O   1 
HETATM 1176 O  O   . HOH G 5 .   ? -16.090 4.235   -9.982  1.00 30.77 ? 369 HOH A O   1 
HETATM 1177 O  O   . HOH G 5 .   ? -1.657  7.579   -14.530 1.00 37.65 ? 370 HOH A O   1 
HETATM 1178 O  O   . HOH G 5 .   ? 2.389   3.206   -13.159 1.00 38.06 ? 371 HOH A O   1 
HETATM 1179 O  O   . HOH G 5 .   ? 6.778   5.857   -15.206 1.00 43.33 ? 372 HOH A O   1 
HETATM 1180 O  O   . HOH G 5 .   ? -0.647  -3.395  -2.065  1.00 25.09 ? 373 HOH A O   1 
HETATM 1181 O  O   . HOH G 5 .   ? 3.080   -11.945 -4.020  1.00 31.47 ? 374 HOH A O   1 
HETATM 1182 O  O   . HOH G 5 .   ? 6.844   7.384   -12.724 1.00 44.13 ? 375 HOH A O   1 
HETATM 1183 O  O   . HOH G 5 .   ? 20.255  7.329   -6.554  1.00 34.64 ? 376 HOH A O   1 
HETATM 1184 O  O   . HOH G 5 .   ? 18.619  2.656   -7.299  1.00 36.03 ? 377 HOH A O   1 
HETATM 1185 O  O   . HOH G 5 .   ? 5.883   16.431  -4.385  1.00 39.26 ? 378 HOH A O   1 
HETATM 1186 O  O   . HOH G 5 .   ? 12.597  -2.589  11.163  1.00 42.52 ? 379 HOH A O   1 
HETATM 1187 O  O   . HOH G 5 .   ? 10.726  1.696   13.449  1.00 34.38 ? 380 HOH A O   1 
HETATM 1188 O  O   . HOH G 5 .   ? 3.962   -3.653  -2.260  1.00 31.92 ? 381 HOH A O   1 
HETATM 1189 O  O   . HOH G 5 .   ? 8.362   -13.869 -6.251  1.00 43.18 ? 382 HOH A O   1 
HETATM 1190 O  O   . HOH G 5 .   ? -7.372  7.063   0.417   1.00 40.55 ? 383 HOH A O   1 
HETATM 1191 O  O   . HOH G 5 .   ? 5.362   -12.545 -2.114  1.00 43.88 ? 384 HOH A O   1 
HETATM 1192 O  O   . HOH G 5 .   ? 1.609   -3.950  -0.608  1.00 27.15 ? 385 HOH A O   1 
HETATM 1193 O  O   . HOH G 5 .   ? -8.483  -16.716 2.369   1.00 39.28 ? 386 HOH A O   1 
HETATM 1194 O  O   . HOH G 5 .   ? -10.977 -16.146 14.244  1.00 43.42 ? 387 HOH A O   1 
HETATM 1195 O  O   . HOH G 5 .   ? -8.730  -3.441  16.713  1.00 42.95 ? 388 HOH A O   1 
HETATM 1196 O  O   . HOH G 5 .   ? -8.714  -8.332  15.095  1.00 39.99 ? 389 HOH A O   1 
# 
